data_4NBD
#
_entry.id   4NBD
#
_cell.length_a   98.338
_cell.length_b   88.203
_cell.length_c   108.106
_cell.angle_alpha   90.00
_cell.angle_beta   107.19
_cell.angle_gamma   90.00
#
_symmetry.space_group_name_H-M   'P 1 21 1'
#
loop_
_entity.id
_entity.type
_entity.pdbx_description
1 polymer 'Terminal oxygenase component of carbazole'
2 polymer 'Ferredoxin CarAc'
3 non-polymer 'FE (II) ION'
4 non-polymer 'FE2/S2 (INORGANIC) CLUSTER'
5 non-polymer 9H-CARBAZOLE
6 water water
#
loop_
_entity_poly.entity_id
_entity_poly.type
_entity_poly.pdbx_seq_one_letter_code
_entity_poly.pdbx_strand_id
1 'polypeptide(L)'
;MANVDEAILKRVKGWAPYVDAKLGFRNHWYPVMFSKEINEGEPKTLKLLGENLLVNRIDGKLYCLKDRCLHRGVQLSVKV
ECKTKSTITCWYHAWTYRWEDGVLCDILTNPTSAQIGRQKLKTYPVQEAKGCVFIYLGDGDPPPLARDTPPNFLDDDMEI
LGKNQIIKSNWRLAVENGFDPSHIYIHKDSILVKDNDLALPLGFAPGGDRKQQTRVVDDDVVGRKGVYDLIGEHGVPVFE
GTIGGEVVREGAYGEKIVANDISIWLPGVLKVNPWPNPDMMQFEWYVPIDENTHYYFQTLGKPCANDEERKKYEQEFESK
WKPMALEGFNNDDIWAREAMVDFYADDKGWVNEILFESDEAIVAWRKLASEHNQGIQTQAHVSGLEHHHHHH
;
A,B,C
2 'polypeptide(L)'
;MNQIWLKVCAASDMQPGTIRRVNRVGAAPLAVYRVGDQFYATEDTCTHGIASLSEGTLDGDVIECPFHGGAFNVCTGMPA
SSPCTVPLGVFEVEVKEGEVYVAGEKKLEHHHHHH
;
D,E
#
loop_
_chem_comp.id
_chem_comp.type
_chem_comp.name
_chem_comp.formula
9CA non-polymer 9H-CARBAZOLE 'C12 H9 N'
FE2 non-polymer 'FE (II) ION' 'Fe 2'
FES non-polymer 'FE2/S2 (INORGANIC) CLUSTER' 'Fe2 S2'
#
# COMPACT_ATOMS: atom_id res chain seq x y z
N ALA A 2 17.37 -8.82 8.13
CA ALA A 2 18.01 -8.67 6.79
C ALA A 2 17.11 -7.81 5.90
N ASN A 3 17.07 -8.12 4.61
CA ASN A 3 16.23 -7.37 3.68
C ASN A 3 15.03 -8.21 3.24
N VAL A 4 15.07 -9.49 3.55
CA VAL A 4 14.00 -10.41 3.15
C VAL A 4 13.49 -11.25 4.31
N ASP A 5 12.22 -11.62 4.24
CA ASP A 5 11.59 -12.47 5.26
C ASP A 5 12.54 -13.63 5.56
N GLU A 6 12.79 -13.87 6.83
CA GLU A 6 13.69 -14.95 7.23
C GLU A 6 13.18 -16.32 6.78
N ALA A 7 11.86 -16.45 6.64
CA ALA A 7 11.27 -17.71 6.21
C ALA A 7 11.70 -18.05 4.78
N ILE A 8 11.80 -17.02 3.95
CA ILE A 8 12.22 -17.21 2.56
C ILE A 8 13.73 -17.48 2.49
N LEU A 9 14.52 -16.67 3.18
CA LEU A 9 15.96 -16.84 3.17
C LEU A 9 16.38 -18.24 3.61
N LYS A 10 15.68 -18.78 4.60
CA LYS A 10 15.96 -20.12 5.11
C LYS A 10 15.74 -21.16 4.02
N ARG A 11 14.77 -20.90 3.15
CA ARG A 11 14.45 -21.81 2.04
C ARG A 11 15.49 -21.85 0.93
N VAL A 12 16.06 -20.70 0.58
CA VAL A 12 17.04 -20.64 -0.50
C VAL A 12 18.48 -20.82 -0.01
N LYS A 13 18.75 -21.99 0.55
CA LYS A 13 20.06 -22.32 1.09
C LYS A 13 21.19 -22.25 0.07
N GLY A 14 20.85 -22.40 -1.20
CA GLY A 14 21.88 -22.35 -2.23
C GLY A 14 22.41 -20.95 -2.50
N TRP A 15 21.61 -19.93 -2.22
CA TRP A 15 22.02 -18.56 -2.49
C TRP A 15 21.27 -17.49 -1.70
N ALA A 16 21.18 -17.68 -0.39
CA ALA A 16 20.49 -16.73 0.50
C ALA A 16 21.05 -15.30 0.45
N PRO A 17 22.38 -15.14 0.42
CA PRO A 17 22.95 -13.79 0.39
C PRO A 17 22.50 -13.01 -0.85
N TYR A 18 22.41 -13.70 -1.99
CA TYR A 18 22.00 -13.08 -3.24
C TYR A 18 20.53 -12.63 -3.18
N VAL A 19 19.68 -13.48 -2.64
CA VAL A 19 18.26 -13.17 -2.51
C VAL A 19 18.07 -12.02 -1.53
N ASP A 20 18.95 -11.95 -0.54
CA ASP A 20 18.90 -10.89 0.47
C ASP A 20 19.43 -9.56 -0.08
N ALA A 21 20.27 -9.65 -1.11
CA ALA A 21 20.89 -8.46 -1.70
C ALA A 21 19.98 -7.64 -2.61
N LYS A 22 18.78 -7.34 -2.11
CA LYS A 22 17.79 -6.55 -2.85
C LYS A 22 18.33 -5.17 -3.23
N LEU A 23 19.14 -4.59 -2.36
CA LEU A 23 19.73 -3.27 -2.59
C LEU A 23 21.10 -3.31 -3.24
N GLY A 24 21.58 -4.50 -3.58
CA GLY A 24 22.89 -4.63 -4.20
C GLY A 24 24.01 -4.98 -3.23
N PHE A 25 25.22 -5.13 -3.76
CA PHE A 25 26.38 -5.48 -2.96
C PHE A 25 27.26 -4.28 -2.61
N ARG A 26 27.46 -4.07 -1.32
CA ARG A 26 28.29 -2.97 -0.85
C ARG A 26 29.77 -3.38 -1.03
N ASN A 27 30.65 -2.38 -1.08
CA ASN A 27 32.09 -2.58 -1.22
C ASN A 27 32.57 -3.04 -2.59
N HIS A 28 31.93 -2.51 -3.63
CA HIS A 28 32.28 -2.79 -5.01
C HIS A 28 32.21 -1.45 -5.75
N TRP A 29 32.89 -1.39 -6.89
CA TRP A 29 32.88 -0.19 -7.73
C TRP A 29 31.68 -0.28 -8.66
N TYR A 30 31.07 0.87 -8.98
CA TYR A 30 29.92 0.91 -9.87
C TYR A 30 29.97 2.14 -10.78
N PRO A 31 29.70 1.96 -12.08
CA PRO A 31 29.71 3.10 -13.00
C PRO A 31 28.33 3.78 -12.88
N VAL A 32 28.29 5.10 -12.85
CA VAL A 32 27.00 5.77 -12.71
C VAL A 32 26.72 6.83 -13.78
N MET A 33 27.75 7.26 -14.49
CA MET A 33 27.57 8.26 -15.53
C MET A 33 28.83 8.31 -16.37
N PHE A 34 28.80 9.10 -17.43
CA PHE A 34 29.96 9.26 -18.30
C PHE A 34 30.67 10.54 -17.89
N SER A 35 31.99 10.51 -18.00
CA SER A 35 32.85 11.64 -17.65
C SER A 35 32.40 12.99 -18.19
N LYS A 36 32.04 13.02 -19.46
CA LYS A 36 31.61 14.27 -20.07
C LYS A 36 30.26 14.77 -19.58
N GLU A 37 29.66 14.06 -18.61
CA GLU A 37 28.37 14.47 -18.08
C GLU A 37 28.53 15.34 -16.84
N ILE A 38 29.74 15.39 -16.29
CA ILE A 38 29.98 16.23 -15.12
C ILE A 38 31.14 17.17 -15.40
N ASN A 39 30.85 18.47 -15.40
CA ASN A 39 31.87 19.48 -15.66
C ASN A 39 32.41 20.15 -14.39
N GLU A 40 33.53 20.82 -14.55
CA GLU A 40 34.19 21.52 -13.45
C GLU A 40 33.20 22.41 -12.69
N GLY A 41 33.24 22.29 -11.36
CA GLY A 41 32.37 23.09 -10.51
C GLY A 41 30.88 22.96 -10.68
N GLU A 42 30.41 21.88 -11.31
CA GLU A 42 28.97 21.68 -11.50
C GLU A 42 28.50 20.37 -10.86
N PRO A 43 28.27 20.39 -9.53
CA PRO A 43 27.82 19.20 -8.79
C PRO A 43 26.64 18.47 -9.45
N LYS A 44 26.69 17.14 -9.41
CA LYS A 44 25.64 16.31 -10.00
C LYS A 44 25.09 15.36 -8.95
N THR A 45 23.77 15.18 -8.92
CA THR A 45 23.15 14.28 -7.94
C THR A 45 22.85 12.92 -8.55
N LEU A 46 22.78 11.90 -7.70
CA LEU A 46 22.47 10.55 -8.13
C LEU A 46 22.18 9.69 -6.91
N LYS A 47 21.52 8.56 -7.13
CA LYS A 47 21.22 7.62 -6.06
C LYS A 47 21.87 6.30 -6.44
N LEU A 48 22.65 5.73 -5.53
CA LEU A 48 23.36 4.48 -5.77
C LEU A 48 23.23 3.57 -4.55
N LEU A 49 22.70 2.36 -4.75
CA LEU A 49 22.49 1.42 -3.65
C LEU A 49 21.62 2.05 -2.57
N GLY A 50 20.65 2.85 -3.02
CA GLY A 50 19.71 3.51 -2.12
C GLY A 50 20.20 4.78 -1.46
N GLU A 51 21.48 5.11 -1.63
CA GLU A 51 22.04 6.31 -1.00
C GLU A 51 22.11 7.50 -1.97
N ASN A 52 21.66 8.67 -1.52
CA ASN A 52 21.72 9.89 -2.35
C ASN A 52 23.14 10.43 -2.26
N LEU A 53 23.77 10.63 -3.41
CA LEU A 53 25.15 11.10 -3.47
C LEU A 53 25.28 12.36 -4.31
N LEU A 54 26.36 13.09 -4.09
CA LEU A 54 26.68 14.30 -4.84
C LEU A 54 28.08 14.10 -5.39
N VAL A 55 28.27 14.43 -6.67
CA VAL A 55 29.59 14.29 -7.29
C VAL A 55 30.00 15.64 -7.86
N ASN A 56 31.24 16.06 -7.62
CA ASN A 56 31.71 17.34 -8.15
C ASN A 56 33.09 17.17 -8.77
N ARG A 57 33.43 18.04 -9.72
CA ARG A 57 34.74 17.98 -10.35
C ARG A 57 35.50 19.25 -9.95
N ILE A 58 36.59 19.07 -9.22
CA ILE A 58 37.40 20.20 -8.76
C ILE A 58 38.83 20.04 -9.25
N ASP A 59 39.27 20.98 -10.07
CA ASP A 59 40.61 20.94 -10.67
C ASP A 59 40.72 19.66 -11.49
N GLY A 60 39.64 19.31 -12.18
CA GLY A 60 39.63 18.13 -13.01
C GLY A 60 39.38 16.79 -12.32
N LYS A 61 39.53 16.75 -11.00
CA LYS A 61 39.34 15.51 -10.24
C LYS A 61 37.93 15.39 -9.66
N LEU A 62 37.42 14.16 -9.59
CA LEU A 62 36.08 13.92 -9.05
C LEU A 62 36.07 13.62 -7.56
N TYR A 63 35.04 14.13 -6.88
CA TYR A 63 34.86 13.95 -5.45
C TYR A 63 33.41 13.54 -5.21
N CYS A 64 33.18 12.67 -4.23
CA CYS A 64 31.84 12.20 -3.92
C CYS A 64 31.49 12.30 -2.45
N LEU A 65 30.41 13.02 -2.15
CA LEU A 65 29.92 13.22 -0.78
C LEU A 65 28.50 12.68 -0.69
N LYS A 66 28.10 12.22 0.49
CA LYS A 66 26.73 11.75 0.66
C LYS A 66 25.84 12.99 0.65
N ASP A 67 24.78 12.94 -0.13
CA ASP A 67 23.84 14.06 -0.26
C ASP A 67 22.84 14.06 0.90
N ARG A 68 23.34 14.30 2.10
CA ARG A 68 22.50 14.34 3.30
C ARG A 68 23.23 15.06 4.41
N CYS A 69 22.76 16.27 4.73
CA CYS A 69 23.38 17.06 5.78
C CYS A 69 23.33 16.32 7.11
N LEU A 70 24.41 16.40 7.88
CA LEU A 70 24.51 15.74 9.18
C LEU A 70 23.54 16.32 10.20
N HIS A 71 23.19 17.59 10.02
CA HIS A 71 22.32 18.32 10.94
C HIS A 71 20.88 17.81 10.98
N ARG A 72 20.07 18.23 10.01
CA ARG A 72 18.66 17.81 9.98
C ARG A 72 18.34 16.84 8.85
N GLY A 73 19.37 16.27 8.25
CA GLY A 73 19.19 15.28 7.19
C GLY A 73 18.59 15.70 5.86
N VAL A 74 18.67 16.98 5.52
CA VAL A 74 18.12 17.43 4.24
C VAL A 74 19.15 17.15 3.16
N GLN A 75 18.69 17.11 1.91
CA GLN A 75 19.62 16.91 0.82
C GLN A 75 20.24 18.28 0.54
N LEU A 76 21.56 18.32 0.48
CA LEU A 76 22.27 19.57 0.22
C LEU A 76 21.91 20.05 -1.18
N SER A 77 21.65 19.11 -2.08
CA SER A 77 21.32 19.44 -3.45
C SER A 77 19.99 20.15 -3.70
N VAL A 78 19.18 20.32 -2.67
CA VAL A 78 17.89 21.01 -2.85
C VAL A 78 18.22 22.42 -3.35
N LYS A 79 19.30 22.97 -2.83
CA LYS A 79 19.81 24.29 -3.23
C LYS A 79 21.31 24.23 -2.98
N VAL A 80 22.05 23.90 -4.04
CA VAL A 80 23.51 23.79 -3.96
C VAL A 80 24.22 25.12 -3.71
N GLU A 81 25.05 25.14 -2.68
CA GLU A 81 25.79 26.35 -2.35
C GLU A 81 27.27 26.02 -2.13
N CYS A 82 28.07 26.13 -3.18
CA CYS A 82 29.50 25.91 -3.06
C CYS A 82 30.09 27.31 -3.02
N LYS A 83 30.38 27.77 -1.82
CA LYS A 83 30.90 29.13 -1.63
C LYS A 83 32.40 29.30 -1.80
N THR A 84 33.16 28.21 -1.72
CA THR A 84 34.60 28.26 -1.98
C THR A 84 34.85 27.06 -2.89
N LYS A 85 35.97 27.06 -3.58
CA LYS A 85 36.28 25.96 -4.51
C LYS A 85 36.32 24.59 -3.86
N SER A 86 36.78 24.53 -2.63
CA SER A 86 36.92 23.24 -1.94
C SER A 86 35.80 22.80 -0.99
N THR A 87 34.71 23.57 -0.91
CA THR A 87 33.63 23.24 0.02
C THR A 87 32.22 23.34 -0.53
N ILE A 88 31.27 22.87 0.26
CA ILE A 88 29.85 22.97 -0.06
C ILE A 88 29.18 23.35 1.26
N THR A 89 28.28 24.32 1.20
CA THR A 89 27.58 24.82 2.37
C THR A 89 26.09 24.45 2.31
N CYS A 90 25.59 23.80 3.38
CA CYS A 90 24.17 23.44 3.41
C CYS A 90 23.35 24.72 3.34
N TRP A 91 22.31 24.70 2.50
CA TRP A 91 21.44 25.85 2.32
C TRP A 91 20.54 26.18 3.50
N TYR A 92 20.45 25.27 4.47
CA TYR A 92 19.57 25.46 5.61
C TYR A 92 20.17 26.25 6.78
N HIS A 93 21.14 25.67 7.48
CA HIS A 93 21.77 26.37 8.61
C HIS A 93 23.25 26.63 8.36
N ALA A 94 23.66 26.46 7.11
CA ALA A 94 25.04 26.73 6.70
C ALA A 94 26.17 25.86 7.24
N TRP A 95 25.92 24.59 7.54
CA TRP A 95 27.00 23.71 7.99
C TRP A 95 27.81 23.54 6.70
N THR A 96 29.13 23.69 6.79
CA THR A 96 29.98 23.62 5.62
C THR A 96 30.98 22.47 5.66
N TYR A 97 31.04 21.73 4.56
CA TYR A 97 31.91 20.55 4.46
C TYR A 97 32.91 20.61 3.32
N ARG A 98 34.06 19.97 3.53
CA ARG A 98 35.10 19.90 2.51
C ARG A 98 34.80 18.72 1.60
N TRP A 99 34.92 18.92 0.29
CA TRP A 99 34.68 17.84 -0.67
C TRP A 99 35.74 16.75 -0.53
N GLU A 100 36.96 17.17 -0.19
CA GLU A 100 38.08 16.25 -0.06
C GLU A 100 37.94 15.12 0.95
N ASP A 101 37.41 15.43 2.13
CA ASP A 101 37.26 14.40 3.15
C ASP A 101 35.94 14.48 3.91
N GLY A 102 35.04 15.34 3.46
CA GLY A 102 33.74 15.49 4.09
C GLY A 102 33.69 16.10 5.46
N VAL A 103 34.83 16.56 5.97
CA VAL A 103 34.87 17.14 7.29
C VAL A 103 34.08 18.44 7.41
N LEU A 104 33.36 18.58 8.53
CA LEU A 104 32.59 19.79 8.81
C LEU A 104 33.66 20.82 9.20
N CYS A 105 33.93 21.77 8.30
CA CYS A 105 34.98 22.75 8.55
C CYS A 105 34.55 24.13 9.00
N ASP A 106 33.26 24.43 8.87
CA ASP A 106 32.74 25.73 9.28
C ASP A 106 31.22 25.65 9.40
N ILE A 107 30.66 26.61 10.12
CA ILE A 107 29.21 26.73 10.25
C ILE A 107 29.02 28.25 10.23
N LEU A 108 28.61 28.78 9.10
CA LEU A 108 28.43 30.22 8.93
C LEU A 108 27.56 30.89 10.00
N THR A 109 26.53 30.18 10.46
CA THR A 109 25.62 30.72 11.47
C THR A 109 26.08 30.58 12.94
N ASN A 110 27.20 29.89 13.16
CA ASN A 110 27.72 29.71 14.52
C ASN A 110 29.17 29.28 14.34
N PRO A 111 30.03 30.24 13.92
CA PRO A 111 31.45 30.04 13.66
C PRO A 111 32.28 29.35 14.73
N THR A 112 31.87 29.44 15.99
CA THR A 112 32.64 28.82 17.05
C THR A 112 32.03 27.52 17.62
N SER A 113 31.09 26.92 16.90
CA SER A 113 30.47 25.68 17.35
C SER A 113 31.52 24.62 17.62
N ALA A 114 31.29 23.82 18.66
CA ALA A 114 32.22 22.75 19.03
C ALA A 114 32.12 21.58 18.05
N GLN A 115 31.11 21.60 17.18
CA GLN A 115 30.93 20.52 16.22
C GLN A 115 31.96 20.62 15.10
N ILE A 116 32.40 21.83 14.81
CA ILE A 116 33.38 22.04 13.76
C ILE A 116 34.64 21.23 14.00
N GLY A 117 35.04 20.46 12.98
CA GLY A 117 36.23 19.64 13.09
C GLY A 117 35.99 18.34 13.84
N ARG A 118 34.77 18.13 14.31
CA ARG A 118 34.41 16.94 15.07
C ARG A 118 33.36 16.05 14.39
N GLN A 119 32.90 16.47 13.22
CA GLN A 119 31.91 15.71 12.47
C GLN A 119 32.39 15.58 11.04
N LYS A 120 31.93 14.52 10.38
CA LYS A 120 32.33 14.25 9.01
C LYS A 120 31.20 13.63 8.20
N LEU A 121 31.02 14.13 6.99
CA LEU A 121 30.01 13.64 6.08
C LEU A 121 30.63 12.43 5.37
N LYS A 122 29.84 11.40 5.09
CA LYS A 122 30.36 10.21 4.42
C LYS A 122 30.85 10.55 3.00
N THR A 123 32.03 10.05 2.66
CA THR A 123 32.60 10.27 1.33
C THR A 123 32.88 8.91 0.70
N TYR A 124 32.88 8.86 -0.62
CA TYR A 124 33.16 7.62 -1.35
C TYR A 124 34.18 7.86 -2.45
N PRO A 125 35.07 6.89 -2.68
CA PRO A 125 36.09 7.02 -3.72
C PRO A 125 35.43 7.11 -5.10
N VAL A 126 36.01 7.92 -5.98
CA VAL A 126 35.49 8.07 -7.34
C VAL A 126 36.69 7.96 -8.27
N GLN A 127 36.52 7.22 -9.35
CA GLN A 127 37.60 7.05 -10.32
C GLN A 127 37.03 7.07 -11.73
N GLU A 128 37.77 7.66 -12.65
CA GLU A 128 37.34 7.72 -14.03
C GLU A 128 38.20 6.81 -14.88
N ALA A 129 37.56 6.07 -15.78
CA ALA A 129 38.28 5.16 -16.67
C ALA A 129 37.42 4.91 -17.91
N LYS A 130 38.07 4.96 -19.07
CA LYS A 130 37.38 4.74 -20.34
C LYS A 130 36.20 5.68 -20.53
N GLY A 131 36.33 6.89 -19.98
CA GLY A 131 35.27 7.88 -20.10
C GLY A 131 34.08 7.61 -19.22
N CYS A 132 34.22 6.65 -18.31
CA CYS A 132 33.16 6.27 -17.40
C CYS A 132 33.50 6.66 -15.96
N VAL A 133 32.47 7.06 -15.20
CA VAL A 133 32.65 7.45 -13.82
C VAL A 133 32.25 6.32 -12.87
N PHE A 134 33.24 5.78 -12.14
CA PHE A 134 32.96 4.71 -11.19
C PHE A 134 33.04 5.21 -9.75
N ILE A 135 32.12 4.76 -8.92
CA ILE A 135 32.11 5.14 -7.52
C ILE A 135 32.23 3.87 -6.70
N TYR A 136 33.11 3.90 -5.70
CA TYR A 136 33.28 2.74 -4.83
C TYR A 136 32.28 2.91 -3.70
N LEU A 137 31.14 2.23 -3.79
CA LEU A 137 30.13 2.37 -2.74
C LEU A 137 30.52 1.38 -1.65
N GLY A 138 31.47 1.79 -0.82
CA GLY A 138 31.94 0.91 0.24
C GLY A 138 32.76 1.67 1.25
N ASP A 139 33.25 0.93 2.24
CA ASP A 139 34.03 1.51 3.32
C ASP A 139 35.49 1.09 3.30
N GLY A 140 36.35 1.94 3.85
CA GLY A 140 37.77 1.63 3.88
C GLY A 140 38.43 1.82 2.52
N ASP A 141 39.71 1.50 2.43
CA ASP A 141 40.45 1.64 1.18
C ASP A 141 39.91 0.73 0.10
N PRO A 142 39.66 1.29 -1.09
CA PRO A 142 39.13 0.53 -2.23
C PRO A 142 40.14 -0.34 -2.95
N PRO A 143 39.67 -1.44 -3.55
CA PRO A 143 40.55 -2.35 -4.28
C PRO A 143 40.73 -1.75 -5.67
N PRO A 144 41.63 -2.33 -6.49
CA PRO A 144 41.82 -1.78 -7.83
C PRO A 144 40.50 -1.90 -8.57
N LEU A 145 40.22 -0.97 -9.47
CA LEU A 145 38.98 -0.97 -10.23
C LEU A 145 38.88 -2.23 -11.09
N ALA A 146 40.01 -2.72 -11.56
CA ALA A 146 40.04 -3.91 -12.41
C ALA A 146 39.32 -5.11 -11.79
N ARG A 147 39.33 -5.22 -10.47
CA ARG A 147 38.67 -6.35 -9.81
C ARG A 147 37.17 -6.38 -10.14
N ASP A 148 36.56 -5.20 -10.22
CA ASP A 148 35.13 -5.12 -10.51
C ASP A 148 34.76 -4.79 -11.95
N THR A 149 35.62 -5.15 -12.90
CA THR A 149 35.33 -4.93 -14.31
C THR A 149 35.62 -6.21 -15.08
N PRO A 150 34.94 -6.42 -16.22
CA PRO A 150 35.14 -7.61 -17.04
C PRO A 150 36.51 -7.56 -17.72
N PRO A 151 37.05 -8.73 -18.07
CA PRO A 151 38.35 -8.77 -18.74
C PRO A 151 38.35 -7.92 -20.01
N ASN A 152 39.47 -7.26 -20.26
CA ASN A 152 39.68 -6.44 -21.44
C ASN A 152 39.04 -5.05 -21.44
N PHE A 153 38.04 -4.81 -20.59
CA PHE A 153 37.39 -3.49 -20.54
C PHE A 153 38.41 -2.37 -20.39
N LEU A 154 39.41 -2.61 -19.55
CA LEU A 154 40.45 -1.63 -19.29
C LEU A 154 41.69 -1.72 -20.19
N ASP A 155 41.62 -2.49 -21.27
CA ASP A 155 42.78 -2.59 -22.16
C ASP A 155 43.13 -1.23 -22.75
N ASP A 156 44.42 -0.95 -22.87
CA ASP A 156 44.90 0.33 -23.41
C ASP A 156 44.26 0.76 -24.71
N ASP A 157 44.18 -0.15 -25.68
CA ASP A 157 43.61 0.18 -26.98
C ASP A 157 42.09 0.04 -27.10
N MET A 158 41.45 -0.41 -26.03
CA MET A 158 40.00 -0.59 -26.04
C MET A 158 39.26 0.76 -25.99
N GLU A 159 38.61 1.11 -27.09
CA GLU A 159 37.86 2.37 -27.16
C GLU A 159 36.44 2.09 -26.67
N ILE A 160 36.02 2.82 -25.64
CA ILE A 160 34.70 2.63 -25.03
C ILE A 160 33.70 3.76 -25.25
N LEU A 161 32.53 3.40 -25.76
CA LEU A 161 31.45 4.35 -26.01
C LEU A 161 30.19 3.68 -25.49
N GLY A 162 29.28 4.45 -24.92
CA GLY A 162 28.06 3.84 -24.40
C GLY A 162 26.87 4.75 -24.18
N LYS A 163 25.92 4.23 -23.43
CA LYS A 163 24.68 4.93 -23.12
C LYS A 163 24.22 4.46 -21.74
N ASN A 164 23.52 5.34 -21.02
CA ASN A 164 23.04 4.99 -19.68
C ASN A 164 21.62 5.51 -19.49
N GLN A 165 20.83 4.76 -18.72
CA GLN A 165 19.46 5.15 -18.44
C GLN A 165 18.94 4.40 -17.22
N ILE A 166 17.86 4.91 -16.66
CA ILE A 166 17.24 4.31 -15.50
C ILE A 166 16.13 3.37 -15.94
N ILE A 167 16.21 2.12 -15.52
CA ILE A 167 15.21 1.11 -15.87
C ILE A 167 14.46 0.68 -14.63
N LYS A 168 13.14 0.52 -14.77
CA LYS A 168 12.32 0.15 -13.62
C LYS A 168 12.21 -1.34 -13.28
N SER A 169 13.30 -1.89 -12.74
CA SER A 169 13.30 -3.27 -12.27
C SER A 169 14.48 -3.42 -11.34
N ASN A 170 14.38 -4.38 -10.41
CA ASN A 170 15.47 -4.64 -9.50
C ASN A 170 16.65 -5.08 -10.36
N TRP A 171 17.85 -4.70 -9.95
CA TRP A 171 19.06 -5.02 -10.72
C TRP A 171 19.25 -6.50 -11.01
N ARG A 172 18.86 -7.37 -10.08
CA ARG A 172 19.04 -8.79 -10.27
C ARG A 172 18.26 -9.35 -11.44
N LEU A 173 17.06 -8.83 -11.68
CA LEU A 173 16.25 -9.31 -12.80
C LEU A 173 16.95 -8.95 -14.10
N ALA A 174 17.64 -7.81 -14.11
CA ALA A 174 18.37 -7.39 -15.31
C ALA A 174 19.58 -8.29 -15.54
N VAL A 175 20.30 -8.60 -14.46
CA VAL A 175 21.46 -9.48 -14.56
C VAL A 175 21.06 -10.84 -15.12
N GLU A 176 20.07 -11.46 -14.49
CA GLU A 176 19.64 -12.78 -14.91
C GLU A 176 19.13 -12.82 -16.34
N ASN A 177 18.39 -11.81 -16.77
CA ASN A 177 17.91 -11.81 -18.14
C ASN A 177 19.12 -11.76 -19.07
N GLY A 178 20.07 -10.89 -18.76
CA GLY A 178 21.25 -10.76 -19.61
C GLY A 178 22.09 -12.01 -19.77
N PHE A 179 22.21 -12.79 -18.69
CA PHE A 179 23.03 -14.01 -18.70
C PHE A 179 22.22 -15.27 -19.02
N ASP A 180 20.93 -15.09 -19.26
CA ASP A 180 20.00 -16.18 -19.57
C ASP A 180 20.24 -16.73 -20.98
N PRO A 181 20.75 -17.97 -21.10
CA PRO A 181 21.01 -18.56 -22.42
C PRO A 181 19.77 -18.69 -23.32
N SER A 182 18.63 -19.02 -22.73
CA SER A 182 17.42 -19.19 -23.51
C SER A 182 16.61 -17.92 -23.76
N HIS A 183 17.02 -16.80 -23.18
CA HIS A 183 16.26 -15.57 -23.39
C HIS A 183 16.42 -15.02 -24.80
N ILE A 184 17.41 -15.52 -25.54
CA ILE A 184 17.63 -15.05 -26.92
C ILE A 184 16.37 -15.23 -27.76
N TYR A 185 15.40 -15.99 -27.24
CA TYR A 185 14.15 -16.23 -27.95
C TYR A 185 13.39 -14.91 -28.17
N ILE A 186 13.53 -13.98 -27.24
CA ILE A 186 12.86 -12.69 -27.35
C ILE A 186 13.46 -11.81 -28.44
N HIS A 187 14.65 -12.17 -28.91
CA HIS A 187 15.34 -11.40 -29.96
C HIS A 187 15.19 -12.02 -31.34
N LYS A 188 14.34 -13.04 -31.47
CA LYS A 188 14.17 -13.73 -32.74
C LYS A 188 13.69 -12.84 -33.90
N ASP A 189 13.09 -11.69 -33.60
CA ASP A 189 12.63 -10.79 -34.65
C ASP A 189 13.48 -9.53 -34.71
N SER A 190 14.66 -9.57 -34.11
CA SER A 190 15.56 -8.43 -34.10
C SER A 190 15.92 -7.94 -35.49
N ILE A 191 15.87 -6.63 -35.69
CA ILE A 191 16.21 -6.03 -36.98
C ILE A 191 17.72 -6.17 -37.17
N LEU A 192 18.44 -6.00 -36.07
CA LEU A 192 19.90 -6.10 -36.08
C LEU A 192 20.32 -7.45 -36.63
N VAL A 193 19.70 -8.51 -36.13
CA VAL A 193 20.02 -9.86 -36.56
C VAL A 193 19.82 -10.03 -38.05
N LYS A 194 18.71 -9.52 -38.57
CA LYS A 194 18.41 -9.63 -39.98
C LYS A 194 19.35 -8.81 -40.85
N ASP A 195 19.47 -7.52 -40.53
CA ASP A 195 20.32 -6.62 -41.29
C ASP A 195 21.82 -6.92 -41.23
N ASN A 196 22.32 -7.32 -40.06
CA ASN A 196 23.73 -7.60 -39.91
C ASN A 196 24.04 -9.05 -40.26
N ASP A 197 23.01 -9.77 -40.71
CA ASP A 197 23.15 -11.17 -41.08
C ASP A 197 23.86 -11.99 -40.01
N LEU A 198 23.26 -12.05 -38.82
CA LEU A 198 23.84 -12.80 -37.71
C LEU A 198 23.15 -14.14 -37.52
N ALA A 199 23.90 -15.12 -37.03
CA ALA A 199 23.35 -16.44 -36.76
C ALA A 199 22.80 -16.36 -35.34
N LEU A 200 21.51 -16.63 -35.19
CA LEU A 200 20.89 -16.57 -33.87
C LEU A 200 19.87 -17.70 -33.71
N PRO A 201 20.22 -18.73 -32.93
CA PRO A 201 19.27 -19.83 -32.74
C PRO A 201 18.16 -19.41 -31.77
N LEU A 202 17.14 -20.24 -31.64
CA LEU A 202 16.05 -19.94 -30.72
C LEU A 202 16.46 -20.36 -29.31
N GLY A 203 17.40 -21.28 -29.24
CA GLY A 203 17.86 -21.77 -27.95
C GLY A 203 18.88 -22.87 -28.11
N PHE A 204 19.08 -23.65 -27.04
CA PHE A 204 20.05 -24.74 -27.07
C PHE A 204 19.54 -25.98 -26.33
N ALA A 205 19.81 -27.14 -26.90
CA ALA A 205 19.46 -28.40 -26.25
C ALA A 205 20.79 -28.74 -25.58
N PRO A 206 20.86 -28.63 -24.24
CA PRO A 206 22.08 -28.92 -23.49
C PRO A 206 22.69 -30.30 -23.71
N GLY A 207 24.02 -30.34 -23.62
CA GLY A 207 24.75 -31.59 -23.77
C GLY A 207 25.81 -31.66 -22.69
N GLY A 208 26.22 -32.88 -22.33
CA GLY A 208 27.24 -33.02 -21.29
C GLY A 208 26.64 -32.95 -19.89
N ASP A 209 27.50 -32.83 -18.89
CA ASP A 209 27.03 -32.75 -17.50
C ASP A 209 26.84 -31.30 -17.02
N ARG A 210 26.24 -31.17 -15.84
CA ARG A 210 25.99 -29.86 -15.23
C ARG A 210 27.25 -28.99 -15.18
N LYS A 211 28.33 -29.58 -14.73
CA LYS A 211 29.60 -28.88 -14.58
C LYS A 211 30.14 -28.28 -15.89
N GLN A 212 29.85 -28.92 -17.01
CA GLN A 212 30.33 -28.42 -18.30
C GLN A 212 29.48 -27.28 -18.87
N GLN A 213 28.36 -26.98 -18.22
CA GLN A 213 27.47 -25.92 -18.69
C GLN A 213 28.01 -24.52 -18.44
N THR A 214 28.89 -24.40 -17.45
CA THR A 214 29.47 -23.12 -17.10
C THR A 214 30.93 -23.25 -16.69
N ARG A 215 31.62 -22.12 -16.68
CA ARG A 215 33.02 -22.04 -16.29
C ARG A 215 33.08 -20.92 -15.25
N VAL A 216 33.25 -21.29 -13.98
CA VAL A 216 33.32 -20.33 -12.90
C VAL A 216 34.74 -19.84 -12.67
N VAL A 217 34.90 -18.53 -12.61
CA VAL A 217 36.19 -17.91 -12.37
C VAL A 217 36.16 -17.33 -10.96
N ASP A 218 36.96 -17.90 -10.08
CA ASP A 218 37.00 -17.46 -8.69
C ASP A 218 38.11 -16.43 -8.46
N ASP A 219 38.99 -16.28 -9.43
CA ASP A 219 40.06 -15.31 -9.26
C ASP A 219 41.06 -15.12 -10.38
N ASP A 220 41.00 -13.98 -11.04
CA ASP A 220 41.97 -13.62 -12.05
C ASP A 220 43.02 -13.04 -11.11
N VAL A 221 44.23 -12.77 -11.59
CA VAL A 221 45.23 -12.21 -10.69
C VAL A 221 44.69 -10.92 -10.06
N VAL A 222 43.70 -10.32 -10.70
CA VAL A 222 43.11 -9.08 -10.21
C VAL A 222 41.96 -9.30 -9.21
N GLY A 223 41.59 -10.55 -8.99
CA GLY A 223 40.54 -10.85 -8.03
C GLY A 223 39.11 -10.80 -8.56
N ARG A 224 38.92 -10.72 -9.86
CA ARG A 224 37.55 -10.70 -10.38
C ARG A 224 36.87 -12.06 -10.22
N LYS A 225 35.56 -12.02 -10.11
CA LYS A 225 34.73 -13.21 -9.93
C LYS A 225 33.63 -13.19 -10.97
N GLY A 226 33.46 -14.30 -11.69
CA GLY A 226 32.42 -14.35 -12.70
C GLY A 226 32.13 -15.76 -13.17
N VAL A 227 31.24 -15.86 -14.16
CA VAL A 227 30.85 -17.15 -14.72
C VAL A 227 30.70 -17.01 -16.22
N TYR A 228 31.22 -18.00 -16.96
CA TYR A 228 31.07 -18.02 -18.41
C TYR A 228 29.97 -19.01 -18.74
N ASP A 229 29.14 -18.68 -19.73
CA ASP A 229 28.06 -19.57 -20.17
C ASP A 229 28.62 -20.46 -21.29
N LEU A 230 28.73 -21.75 -21.02
CA LEU A 230 29.28 -22.68 -22.00
C LEU A 230 28.25 -23.66 -22.56
N ILE A 231 26.97 -23.28 -22.53
CA ILE A 231 25.93 -24.15 -23.01
C ILE A 231 26.17 -24.58 -24.48
N GLY A 232 26.89 -23.76 -25.23
CA GLY A 232 27.14 -24.08 -26.62
C GLY A 232 28.32 -25.01 -26.90
N GLU A 233 29.07 -25.38 -25.87
CA GLU A 233 30.22 -26.26 -26.03
C GLU A 233 29.84 -27.70 -26.34
N HIS A 234 28.77 -28.18 -25.73
CA HIS A 234 28.30 -29.55 -25.95
C HIS A 234 26.81 -29.56 -26.28
N GLY A 235 26.21 -28.37 -26.29
CA GLY A 235 24.79 -28.28 -26.59
C GLY A 235 24.51 -28.21 -28.07
N VAL A 236 23.27 -28.47 -28.43
CA VAL A 236 22.86 -28.44 -29.82
C VAL A 236 21.98 -27.22 -30.04
N PRO A 237 22.43 -26.27 -30.88
CA PRO A 237 21.63 -25.07 -31.13
C PRO A 237 20.32 -25.42 -31.81
N VAL A 238 19.24 -24.80 -31.35
CA VAL A 238 17.91 -25.02 -31.90
C VAL A 238 17.56 -23.93 -32.88
N PHE A 239 17.36 -24.31 -34.14
CA PHE A 239 17.02 -23.36 -35.19
C PHE A 239 15.58 -23.48 -35.66
N GLU A 240 14.95 -24.62 -35.38
CA GLU A 240 13.56 -24.83 -35.76
C GLU A 240 12.70 -25.11 -34.53
N GLY A 241 11.78 -24.20 -34.24
CA GLY A 241 10.90 -24.37 -33.10
C GLY A 241 9.67 -25.17 -33.52
N THR A 242 9.35 -26.22 -32.77
CA THR A 242 8.21 -27.05 -33.11
C THR A 242 7.20 -27.23 -31.99
N ILE A 243 5.95 -27.42 -32.38
CA ILE A 243 4.86 -27.66 -31.45
C ILE A 243 4.08 -28.86 -31.96
N GLY A 244 4.03 -29.90 -31.14
CA GLY A 244 3.32 -31.10 -31.55
C GLY A 244 4.02 -31.75 -32.73
N GLY A 245 5.31 -31.48 -32.86
CA GLY A 245 6.09 -32.06 -33.95
C GLY A 245 6.06 -31.27 -35.25
N GLU A 246 5.32 -30.17 -35.29
CA GLU A 246 5.25 -29.37 -36.50
C GLU A 246 5.95 -28.02 -36.33
N VAL A 247 6.71 -27.63 -37.34
CA VAL A 247 7.44 -26.37 -37.32
C VAL A 247 6.50 -25.17 -37.25
N VAL A 248 6.78 -24.25 -36.33
CA VAL A 248 5.97 -23.05 -36.17
C VAL A 248 6.85 -21.82 -36.14
N ARG A 249 8.16 -22.02 -36.05
CA ARG A 249 9.11 -20.92 -36.01
C ARG A 249 10.53 -21.40 -36.31
N GLU A 250 11.35 -20.48 -36.80
CA GLU A 250 12.74 -20.77 -37.12
C GLU A 250 13.66 -19.69 -36.57
N GLY A 251 14.92 -20.04 -36.37
CA GLY A 251 15.89 -19.08 -35.87
C GLY A 251 16.49 -18.32 -37.04
N ALA A 252 17.52 -17.53 -36.78
CA ALA A 252 18.17 -16.75 -37.82
C ALA A 252 19.37 -17.52 -38.37
N TYR A 253 19.40 -17.70 -39.69
CA TYR A 253 20.47 -18.44 -40.35
C TYR A 253 21.58 -17.54 -40.91
N GLY A 254 21.87 -16.44 -40.21
CA GLY A 254 22.91 -15.54 -40.67
C GLY A 254 24.23 -16.25 -40.81
N GLU A 255 25.17 -15.62 -41.52
CA GLU A 255 26.48 -16.22 -41.73
C GLU A 255 27.48 -15.77 -40.66
N LYS A 256 27.22 -14.62 -40.05
CA LYS A 256 28.09 -14.09 -39.01
C LYS A 256 27.83 -14.75 -37.66
N ILE A 257 28.87 -15.35 -37.08
CA ILE A 257 28.73 -15.97 -35.78
C ILE A 257 29.31 -15.02 -34.73
N VAL A 258 28.50 -14.68 -33.74
CA VAL A 258 28.91 -13.77 -32.69
C VAL A 258 28.41 -14.26 -31.34
N ALA A 259 28.75 -13.51 -30.29
CA ALA A 259 28.32 -13.84 -28.94
C ALA A 259 28.63 -15.28 -28.54
N ASN A 260 29.82 -15.75 -28.89
CA ASN A 260 30.20 -17.10 -28.53
C ASN A 260 30.95 -17.08 -27.20
N ASP A 261 31.08 -15.88 -26.64
CA ASP A 261 31.75 -15.68 -25.35
C ASP A 261 30.89 -14.76 -24.49
N ILE A 262 30.16 -15.35 -23.54
CA ILE A 262 29.29 -14.58 -22.65
C ILE A 262 29.61 -14.88 -21.19
N SER A 263 29.91 -13.83 -20.43
CA SER A 263 30.25 -13.96 -19.02
C SER A 263 29.67 -12.85 -18.15
N ILE A 264 29.31 -13.20 -16.92
CA ILE A 264 28.74 -12.25 -15.97
C ILE A 264 29.74 -12.13 -14.81
N TRP A 265 30.00 -10.90 -14.37
CA TRP A 265 30.95 -10.67 -13.28
C TRP A 265 30.38 -9.83 -12.15
N LEU A 266 30.86 -10.09 -10.94
CA LEU A 266 30.45 -9.29 -9.79
C LEU A 266 31.04 -7.91 -10.08
N PRO A 267 30.38 -6.83 -9.64
CA PRO A 267 29.13 -6.76 -8.88
C PRO A 267 27.87 -6.94 -9.73
N GLY A 268 28.05 -7.09 -11.04
CA GLY A 268 26.89 -7.26 -11.91
C GLY A 268 27.10 -6.62 -13.27
N VAL A 269 28.06 -7.13 -14.01
CA VAL A 269 28.36 -6.61 -15.34
C VAL A 269 28.54 -7.78 -16.29
N LEU A 270 27.86 -7.69 -17.43
CA LEU A 270 27.88 -8.73 -18.44
C LEU A 270 28.82 -8.38 -19.58
N LYS A 271 29.53 -9.38 -20.08
CA LYS A 271 30.43 -9.20 -21.21
C LYS A 271 30.02 -10.15 -22.32
N VAL A 272 29.74 -9.62 -23.50
CA VAL A 272 29.33 -10.42 -24.65
C VAL A 272 30.36 -10.19 -25.76
N ASN A 273 31.03 -11.25 -26.17
CA ASN A 273 32.07 -11.12 -27.19
C ASN A 273 32.12 -12.26 -28.19
N PRO A 274 32.16 -11.92 -29.50
CA PRO A 274 32.12 -10.55 -29.99
C PRO A 274 30.67 -10.10 -30.18
N TRP A 275 30.43 -8.79 -30.18
CA TRP A 275 29.08 -8.27 -30.35
C TRP A 275 29.10 -6.75 -30.40
N PRO A 276 28.25 -6.14 -31.25
CA PRO A 276 27.29 -6.79 -32.15
C PRO A 276 27.94 -7.16 -33.48
N ASN A 277 29.24 -6.90 -33.59
CA ASN A 277 29.99 -7.19 -34.81
C ASN A 277 31.24 -7.97 -34.39
N PRO A 278 31.80 -8.77 -35.31
CA PRO A 278 33.00 -9.57 -35.03
C PRO A 278 34.19 -8.84 -34.39
N ASP A 279 34.32 -7.55 -34.65
CA ASP A 279 35.43 -6.80 -34.11
C ASP A 279 35.09 -5.94 -32.87
N MET A 280 33.91 -6.18 -32.30
CA MET A 280 33.48 -5.41 -31.14
C MET A 280 33.09 -6.29 -29.95
N MET A 281 32.93 -5.63 -28.80
CA MET A 281 32.56 -6.27 -27.54
C MET A 281 31.55 -5.39 -26.81
N GLN A 282 30.63 -6.00 -26.09
CA GLN A 282 29.66 -5.23 -25.33
C GLN A 282 29.80 -5.57 -23.85
N PHE A 283 29.91 -4.54 -23.02
CA PHE A 283 30.00 -4.70 -21.58
C PHE A 283 28.83 -3.89 -21.03
N GLU A 284 27.97 -4.50 -20.22
CA GLU A 284 26.85 -3.74 -19.66
C GLU A 284 26.63 -4.03 -18.18
N TRP A 285 26.48 -2.95 -17.42
CA TRP A 285 26.24 -3.02 -15.99
C TRP A 285 24.77 -2.81 -15.66
N TYR A 286 24.31 -3.43 -14.57
CA TYR A 286 22.94 -3.28 -14.09
C TYR A 286 23.17 -2.81 -12.66
N VAL A 287 23.32 -1.50 -12.52
CA VAL A 287 23.63 -0.85 -11.25
C VAL A 287 22.44 -0.58 -10.35
N PRO A 288 22.47 -1.10 -9.11
CA PRO A 288 21.33 -0.88 -8.21
C PRO A 288 21.19 0.59 -7.80
N ILE A 289 19.99 1.14 -7.97
CA ILE A 289 19.71 2.53 -7.58
C ILE A 289 18.95 2.43 -6.25
N ASP A 290 17.91 1.60 -6.24
CA ASP A 290 17.13 1.30 -5.04
C ASP A 290 16.54 -0.09 -5.29
N GLU A 291 15.64 -0.58 -4.45
CA GLU A 291 15.16 -1.92 -4.68
C GLU A 291 14.31 -2.17 -5.93
N ASN A 292 13.79 -1.11 -6.55
CA ASN A 292 12.95 -1.26 -7.74
C ASN A 292 13.56 -0.70 -9.02
N THR A 293 14.77 -0.16 -8.93
CA THR A 293 15.38 0.48 -10.09
C THR A 293 16.88 0.24 -10.26
N HIS A 294 17.34 0.35 -11.50
CA HIS A 294 18.77 0.19 -11.80
C HIS A 294 19.19 1.04 -12.98
N TYR A 295 20.48 1.34 -13.06
CA TYR A 295 21.03 2.06 -14.19
C TYR A 295 21.40 0.96 -15.17
N TYR A 296 20.98 1.08 -16.42
CA TYR A 296 21.34 0.11 -17.45
C TYR A 296 22.47 0.83 -18.19
N PHE A 297 23.69 0.62 -17.68
CA PHE A 297 24.90 1.23 -18.20
C PHE A 297 25.52 0.36 -19.29
N GLN A 298 25.25 0.71 -20.55
CA GLN A 298 25.73 -0.03 -21.71
C GLN A 298 26.98 0.57 -22.32
N THR A 299 27.92 -0.29 -22.73
CA THR A 299 29.13 0.18 -23.39
C THR A 299 29.53 -0.81 -24.48
N LEU A 300 30.13 -0.28 -25.54
CA LEU A 300 30.61 -1.08 -26.65
C LEU A 300 32.10 -0.78 -26.76
N GLY A 301 32.91 -1.81 -26.87
CA GLY A 301 34.32 -1.60 -26.98
C GLY A 301 34.88 -2.09 -28.29
N LYS A 302 35.89 -1.41 -28.79
CA LYS A 302 36.57 -1.80 -30.02
C LYS A 302 38.00 -1.30 -29.96
N PRO A 303 38.97 -2.21 -30.15
CA PRO A 303 40.38 -1.82 -30.11
C PRO A 303 40.70 -0.83 -31.22
N CYS A 304 41.32 0.29 -30.86
CA CYS A 304 41.70 1.31 -31.82
C CYS A 304 43.17 1.67 -31.62
N ALA A 305 43.93 1.64 -32.72
CA ALA A 305 45.35 1.93 -32.66
C ALA A 305 45.73 3.39 -32.85
N ASN A 306 44.78 4.23 -33.23
CA ASN A 306 45.07 5.64 -33.45
C ASN A 306 43.83 6.55 -33.51
N ASP A 307 44.07 7.85 -33.42
CA ASP A 307 43.00 8.85 -33.44
C ASP A 307 42.07 8.71 -34.64
N GLU A 308 42.57 8.17 -35.74
CA GLU A 308 41.76 8.00 -36.93
C GLU A 308 40.73 6.90 -36.73
N GLU A 309 41.18 5.77 -36.20
CA GLU A 309 40.30 4.63 -35.97
C GLU A 309 39.23 4.95 -34.92
N ARG A 310 39.64 5.68 -33.89
CA ARG A 310 38.71 6.06 -32.84
C ARG A 310 37.63 6.99 -33.40
N LYS A 311 38.03 7.82 -34.37
CA LYS A 311 37.10 8.75 -35.01
C LYS A 311 36.08 7.97 -35.83
N LYS A 312 36.57 7.01 -36.62
CA LYS A 312 35.70 6.19 -37.45
C LYS A 312 34.75 5.38 -36.57
N TYR A 313 35.28 4.79 -35.51
CA TYR A 313 34.47 4.01 -34.60
C TYR A 313 33.36 4.87 -34.04
N GLU A 314 33.74 6.05 -33.54
CA GLU A 314 32.79 6.99 -32.98
C GLU A 314 31.65 7.27 -33.96
N GLN A 315 31.97 7.33 -35.25
CA GLN A 315 30.97 7.60 -36.27
C GLN A 315 29.96 6.46 -36.42
N GLU A 316 30.47 5.26 -36.62
CA GLU A 316 29.61 4.08 -36.78
C GLU A 316 28.78 3.85 -35.51
N PHE A 317 29.34 4.22 -34.37
CA PHE A 317 28.63 4.05 -33.09
C PHE A 317 27.36 4.89 -33.08
N GLU A 318 27.52 6.19 -33.34
CA GLU A 318 26.37 7.11 -33.35
C GLU A 318 25.37 6.83 -34.44
N SER A 319 25.85 6.46 -35.62
CA SER A 319 24.96 6.22 -36.75
C SER A 319 24.41 4.82 -36.88
N LYS A 320 25.11 3.82 -36.34
CA LYS A 320 24.66 2.44 -36.48
C LYS A 320 24.50 1.62 -35.20
N TRP A 321 25.62 1.29 -34.57
CA TRP A 321 25.63 0.47 -33.37
C TRP A 321 24.72 0.93 -32.23
N LYS A 322 24.82 2.19 -31.84
CA LYS A 322 23.99 2.71 -30.77
C LYS A 322 22.50 2.53 -31.06
N PRO A 323 22.02 3.01 -32.22
CA PRO A 323 20.60 2.87 -32.53
C PRO A 323 20.13 1.44 -32.87
N MET A 324 20.94 0.71 -33.63
CA MET A 324 20.55 -0.64 -34.03
C MET A 324 20.79 -1.71 -32.96
N ALA A 325 21.90 -1.60 -32.25
CA ALA A 325 22.24 -2.59 -31.23
C ALA A 325 21.83 -2.24 -29.81
N LEU A 326 22.45 -1.20 -29.25
CA LEU A 326 22.16 -0.80 -27.88
C LEU A 326 20.69 -0.47 -27.65
N GLU A 327 20.05 0.15 -28.64
CA GLU A 327 18.65 0.50 -28.48
C GLU A 327 17.76 -0.53 -29.16
N GLY A 328 17.93 -0.70 -30.47
CA GLY A 328 17.12 -1.66 -31.21
C GLY A 328 17.09 -3.07 -30.65
N PHE A 329 18.25 -3.69 -30.50
CA PHE A 329 18.34 -5.05 -29.99
C PHE A 329 18.02 -5.14 -28.49
N ASN A 330 18.69 -4.34 -27.68
CA ASN A 330 18.47 -4.40 -26.24
C ASN A 330 17.15 -3.85 -25.70
N ASN A 331 16.37 -3.12 -26.51
CA ASN A 331 15.10 -2.62 -25.98
C ASN A 331 14.18 -3.75 -25.57
N ASP A 332 14.28 -4.88 -26.26
CA ASP A 332 13.44 -6.03 -25.90
C ASP A 332 13.83 -6.55 -24.51
N ASP A 333 15.10 -6.44 -24.16
CA ASP A 333 15.57 -6.90 -22.85
C ASP A 333 14.95 -6.07 -21.75
N ILE A 334 14.72 -4.78 -22.04
CA ILE A 334 14.15 -3.87 -21.07
C ILE A 334 12.73 -4.25 -20.67
N TRP A 335 11.85 -4.49 -21.63
CA TRP A 335 10.50 -4.84 -21.21
C TRP A 335 10.45 -6.25 -20.65
N ALA A 336 11.42 -7.08 -21.04
CA ALA A 336 11.46 -8.43 -20.52
C ALA A 336 11.74 -8.35 -19.02
N ARG A 337 12.70 -7.51 -18.63
CA ARG A 337 13.04 -7.33 -17.21
C ARG A 337 11.83 -6.87 -16.41
N GLU A 338 11.15 -5.86 -16.93
CA GLU A 338 9.99 -5.29 -16.28
C GLU A 338 8.88 -6.32 -16.08
N ALA A 339 8.78 -7.26 -17.02
CA ALA A 339 7.75 -8.30 -16.95
C ALA A 339 7.93 -9.27 -15.77
N MET A 340 9.15 -9.38 -15.25
CA MET A 340 9.38 -10.27 -14.10
C MET A 340 9.19 -9.57 -12.76
N VAL A 341 9.02 -8.26 -12.76
CA VAL A 341 8.87 -7.52 -11.51
C VAL A 341 7.83 -8.06 -10.52
N ASP A 342 6.58 -8.21 -10.97
CA ASP A 342 5.52 -8.68 -10.08
C ASP A 342 5.79 -10.01 -9.38
N PHE A 343 6.27 -10.99 -10.13
CA PHE A 343 6.54 -12.31 -9.58
C PHE A 343 7.57 -12.28 -8.45
N TYR A 344 8.58 -11.42 -8.58
CA TYR A 344 9.64 -11.32 -7.57
C TYR A 344 9.48 -10.18 -6.55
N ALA A 345 8.53 -9.29 -6.76
CA ALA A 345 8.31 -8.15 -5.88
C ALA A 345 8.06 -8.49 -4.40
N ASP A 346 7.36 -9.58 -4.14
CA ASP A 346 7.08 -9.97 -2.77
C ASP A 346 8.11 -10.98 -2.28
N ASP A 347 9.17 -11.16 -3.07
CA ASP A 347 10.25 -12.09 -2.77
C ASP A 347 9.84 -13.55 -2.93
N LYS A 348 8.56 -13.79 -3.20
CA LYS A 348 8.05 -15.15 -3.36
C LYS A 348 8.56 -15.87 -4.61
N GLY A 349 8.80 -15.11 -5.68
CA GLY A 349 9.29 -15.70 -6.91
C GLY A 349 10.60 -16.46 -6.74
N TRP A 350 11.42 -16.04 -5.77
CA TRP A 350 12.70 -16.71 -5.53
C TRP A 350 12.46 -18.13 -5.00
N VAL A 351 11.21 -18.43 -4.65
CA VAL A 351 10.88 -19.76 -4.16
C VAL A 351 9.98 -20.50 -5.14
N ASN A 352 9.04 -19.80 -5.75
CA ASN A 352 8.09 -20.43 -6.66
C ASN A 352 8.49 -20.62 -8.12
N GLU A 353 9.59 -19.99 -8.54
CA GLU A 353 10.08 -20.12 -9.92
C GLU A 353 10.29 -21.59 -10.25
N ILE A 354 10.02 -21.98 -11.50
CA ILE A 354 10.26 -23.36 -11.93
C ILE A 354 11.30 -23.29 -13.04
N LEU A 355 12.55 -23.54 -12.66
CA LEU A 355 13.67 -23.46 -13.58
C LEU A 355 13.82 -24.69 -14.48
N PHE A 356 14.45 -24.49 -15.64
CA PHE A 356 14.72 -25.63 -16.51
C PHE A 356 16.23 -25.68 -16.84
N GLU A 357 16.63 -26.63 -17.67
CA GLU A 357 18.06 -26.83 -17.96
C GLU A 357 18.98 -25.64 -18.22
N SER A 358 18.61 -24.74 -19.13
CA SER A 358 19.47 -23.59 -19.41
C SER A 358 19.69 -22.66 -18.23
N ASP A 359 18.83 -22.77 -17.21
CA ASP A 359 18.98 -21.93 -16.03
C ASP A 359 20.18 -22.31 -15.16
N GLU A 360 20.91 -23.36 -15.57
CA GLU A 360 22.10 -23.77 -14.82
C GLU A 360 23.05 -22.57 -14.75
N ALA A 361 23.08 -21.80 -15.83
CA ALA A 361 23.94 -20.62 -15.91
C ALA A 361 23.58 -19.62 -14.82
N ILE A 362 22.29 -19.36 -14.65
CA ILE A 362 21.82 -18.42 -13.64
C ILE A 362 22.10 -18.95 -12.23
N VAL A 363 21.94 -20.26 -12.03
CA VAL A 363 22.21 -20.87 -10.73
C VAL A 363 23.69 -20.68 -10.37
N ALA A 364 24.57 -20.85 -11.34
CA ALA A 364 26.00 -20.69 -11.10
C ALA A 364 26.29 -19.25 -10.69
N TRP A 365 25.64 -18.30 -11.34
CA TRP A 365 25.82 -16.89 -11.01
C TRP A 365 25.31 -16.58 -9.61
N ARG A 366 24.15 -17.11 -9.26
CA ARG A 366 23.59 -16.84 -7.95
C ARG A 366 24.53 -17.36 -6.86
N LYS A 367 25.12 -18.53 -7.08
CA LYS A 367 26.04 -19.11 -6.10
C LYS A 367 27.35 -18.31 -6.05
N LEU A 368 27.90 -17.94 -7.20
CA LEU A 368 29.13 -17.14 -7.24
C LEU A 368 28.90 -15.82 -6.49
N ALA A 369 27.81 -15.13 -6.83
CA ALA A 369 27.50 -13.86 -6.19
C ALA A 369 27.33 -14.01 -4.67
N SER A 370 26.63 -15.05 -4.24
CA SER A 370 26.41 -15.28 -2.81
C SER A 370 27.72 -15.56 -2.06
N GLU A 371 28.63 -16.27 -2.72
CA GLU A 371 29.90 -16.64 -2.11
C GLU A 371 31.01 -15.61 -2.16
N HIS A 372 31.02 -14.78 -3.19
CA HIS A 372 32.11 -13.82 -3.32
C HIS A 372 31.78 -12.32 -3.31
N ASN A 373 30.55 -11.96 -2.96
CA ASN A 373 30.20 -10.54 -2.91
C ASN A 373 30.96 -9.94 -1.72
N GLN A 374 31.20 -8.63 -1.75
CA GLN A 374 31.95 -7.98 -0.68
C GLN A 374 31.10 -7.37 0.43
N GLY A 375 29.82 -7.70 0.46
CA GLY A 375 28.96 -7.16 1.50
C GLY A 375 27.54 -6.94 1.03
N ILE A 376 26.59 -7.13 1.93
CA ILE A 376 25.18 -6.94 1.60
C ILE A 376 24.72 -5.55 2.01
N GLN A 377 24.30 -4.73 1.04
CA GLN A 377 23.80 -3.39 1.37
C GLN A 377 22.46 -3.58 2.09
N THR A 378 22.28 -2.90 3.22
CA THR A 378 21.04 -3.00 3.97
C THR A 378 20.39 -1.64 4.19
N GLN A 379 19.14 -1.66 4.63
CA GLN A 379 18.43 -0.41 4.88
C GLN A 379 19.13 0.36 5.98
N ALA A 380 19.79 -0.38 6.86
CA ALA A 380 20.52 0.23 7.95
C ALA A 380 21.63 1.11 7.38
N HIS A 381 22.25 0.66 6.29
CA HIS A 381 23.32 1.44 5.67
C HIS A 381 22.73 2.73 5.10
N VAL A 382 21.55 2.61 4.50
CA VAL A 382 20.87 3.75 3.89
C VAL A 382 20.38 4.76 4.92
N SER A 383 19.65 4.28 5.91
CA SER A 383 19.12 5.13 6.96
C SER A 383 19.82 4.63 8.21
N GLY A 384 19.15 3.71 8.90
CA GLY A 384 19.71 3.12 10.11
C GLY A 384 19.80 4.16 11.21
N LEU A 385 19.44 3.76 12.43
CA LEU A 385 19.48 4.66 13.57
C LEU A 385 20.58 4.20 14.53
N ALA B 2 -7.08 -16.12 6.24
CA ALA B 2 -6.65 -15.11 7.24
C ALA B 2 -6.23 -13.82 6.55
N ASN B 3 -7.22 -13.03 6.15
CA ASN B 3 -6.97 -11.76 5.48
C ASN B 3 -7.20 -10.60 6.43
N VAL B 4 -7.64 -10.90 7.66
CA VAL B 4 -7.94 -9.86 8.64
C VAL B 4 -7.34 -10.11 10.02
N ASP B 5 -7.04 -9.01 10.71
CA ASP B 5 -6.49 -9.10 12.06
C ASP B 5 -7.36 -10.06 12.86
N GLU B 6 -6.73 -11.02 13.52
CA GLU B 6 -7.47 -12.01 14.30
C GLU B 6 -8.30 -11.36 15.40
N ALA B 7 -7.76 -10.31 16.01
CA ALA B 7 -8.45 -9.61 17.08
C ALA B 7 -9.79 -9.07 16.59
N ILE B 8 -9.90 -8.86 15.28
CA ILE B 8 -11.14 -8.37 14.70
C ILE B 8 -12.09 -9.51 14.40
N LEU B 9 -11.56 -10.60 13.85
CA LEU B 9 -12.38 -11.76 13.54
C LEU B 9 -13.01 -12.35 14.81
N LYS B 10 -12.29 -12.29 15.91
CA LYS B 10 -12.79 -12.82 17.17
C LYS B 10 -13.97 -11.99 17.70
N ARG B 11 -14.00 -10.71 17.36
CA ARG B 11 -15.07 -9.83 17.81
C ARG B 11 -16.37 -10.04 17.05
N VAL B 12 -16.26 -10.45 15.78
CA VAL B 12 -17.44 -10.68 14.95
C VAL B 12 -17.79 -12.16 14.86
N LYS B 13 -18.14 -12.75 16.00
CA LYS B 13 -18.50 -14.17 16.07
C LYS B 13 -19.70 -14.52 15.19
N GLY B 14 -20.49 -13.52 14.83
CA GLY B 14 -21.66 -13.77 14.00
C GLY B 14 -21.40 -13.96 12.51
N TRP B 15 -20.27 -13.48 12.02
CA TRP B 15 -19.95 -13.62 10.60
C TRP B 15 -18.48 -13.37 10.29
N ALA B 16 -17.60 -14.01 11.05
CA ALA B 16 -16.16 -13.86 10.88
C ALA B 16 -15.68 -14.23 9.48
N PRO B 17 -16.18 -15.36 8.93
CA PRO B 17 -15.73 -15.74 7.59
C PRO B 17 -16.04 -14.64 6.57
N TYR B 18 -17.20 -14.02 6.71
CA TYR B 18 -17.63 -12.96 5.81
C TYR B 18 -16.68 -11.75 5.89
N VAL B 19 -16.27 -11.40 7.09
CA VAL B 19 -15.36 -10.28 7.30
C VAL B 19 -13.99 -10.62 6.74
N ASP B 20 -13.62 -11.88 6.85
CA ASP B 20 -12.33 -12.36 6.37
C ASP B 20 -12.26 -12.46 4.84
N ALA B 21 -13.41 -12.64 4.19
CA ALA B 21 -13.46 -12.79 2.73
C ALA B 21 -13.27 -11.50 1.95
N LYS B 22 -12.17 -10.81 2.26
CA LYS B 22 -11.83 -9.56 1.60
C LYS B 22 -11.62 -9.76 0.10
N LEU B 23 -11.09 -10.93 -0.27
CA LEU B 23 -10.83 -11.23 -1.68
C LEU B 23 -11.94 -12.04 -2.35
N GLY B 24 -13.05 -12.22 -1.65
CA GLY B 24 -14.16 -12.96 -2.21
C GLY B 24 -14.16 -14.43 -1.82
N PHE B 25 -15.18 -15.15 -2.28
CA PHE B 25 -15.30 -16.57 -1.98
C PHE B 25 -14.78 -17.39 -3.16
N ARG B 26 -14.00 -18.42 -2.85
CA ARG B 26 -13.44 -19.29 -3.87
C ARG B 26 -14.44 -20.41 -4.12
N ASN B 27 -14.30 -21.10 -5.25
CA ASN B 27 -15.18 -22.20 -5.60
C ASN B 27 -16.63 -21.74 -5.84
N HIS B 28 -16.79 -20.77 -6.72
CA HIS B 28 -18.08 -20.21 -7.09
C HIS B 28 -17.95 -19.70 -8.52
N TRP B 29 -19.05 -19.62 -9.25
CA TRP B 29 -19.04 -19.13 -10.61
C TRP B 29 -19.16 -17.61 -10.57
N TYR B 30 -18.49 -16.93 -11.49
CA TYR B 30 -18.57 -15.47 -11.56
C TYR B 30 -18.61 -14.97 -12.98
N PRO B 31 -19.48 -13.99 -13.26
CA PRO B 31 -19.59 -13.41 -14.60
C PRO B 31 -18.46 -12.39 -14.70
N VAL B 32 -17.70 -12.43 -15.79
CA VAL B 32 -16.58 -11.50 -15.95
C VAL B 32 -16.68 -10.61 -17.19
N MET B 33 -17.46 -11.06 -18.18
CA MET B 33 -17.64 -10.29 -19.41
C MET B 33 -18.78 -10.86 -20.23
N PHE B 34 -19.12 -10.19 -21.33
CA PHE B 34 -20.19 -10.64 -22.21
C PHE B 34 -19.60 -11.40 -23.39
N SER B 35 -20.23 -12.52 -23.73
CA SER B 35 -19.80 -13.38 -24.83
C SER B 35 -19.39 -12.60 -26.07
N LYS B 36 -20.14 -11.53 -26.35
CA LYS B 36 -19.89 -10.68 -27.51
C LYS B 36 -18.53 -9.97 -27.46
N GLU B 37 -17.94 -9.90 -26.27
CA GLU B 37 -16.66 -9.23 -26.09
C GLU B 37 -15.42 -10.03 -26.47
N ILE B 38 -15.56 -11.35 -26.62
CA ILE B 38 -14.41 -12.17 -26.98
C ILE B 38 -14.65 -13.00 -28.24
N ASN B 39 -13.93 -12.65 -29.30
CA ASN B 39 -14.05 -13.33 -30.58
C ASN B 39 -13.14 -14.56 -30.69
N GLU B 40 -13.26 -15.27 -31.79
CA GLU B 40 -12.47 -16.47 -32.05
C GLU B 40 -10.98 -16.15 -32.14
N GLY B 41 -10.18 -16.94 -31.43
CA GLY B 41 -8.73 -16.74 -31.45
C GLY B 41 -8.19 -15.39 -31.03
N GLU B 42 -8.90 -14.68 -30.17
CA GLU B 42 -8.43 -13.37 -29.70
C GLU B 42 -8.49 -13.36 -28.17
N PRO B 43 -7.49 -13.97 -27.52
CA PRO B 43 -7.38 -14.05 -26.06
C PRO B 43 -7.56 -12.72 -25.37
N LYS B 44 -8.14 -12.76 -24.17
CA LYS B 44 -8.33 -11.54 -23.38
C LYS B 44 -7.93 -11.75 -21.93
N THR B 45 -7.45 -10.68 -21.33
CA THR B 45 -7.00 -10.70 -19.94
C THR B 45 -8.04 -10.15 -18.98
N LEU B 46 -7.92 -10.52 -17.72
CA LEU B 46 -8.82 -10.06 -16.67
C LEU B 46 -8.30 -10.56 -15.34
N LYS B 47 -8.61 -9.84 -14.26
CA LYS B 47 -8.20 -10.26 -12.93
C LYS B 47 -9.46 -10.63 -12.15
N LEU B 48 -9.45 -11.81 -11.55
CA LEU B 48 -10.60 -12.29 -10.79
C LEU B 48 -10.16 -12.88 -9.46
N LEU B 49 -10.73 -12.39 -8.38
CA LEU B 49 -10.37 -12.86 -7.04
C LEU B 49 -8.87 -12.71 -6.80
N GLY B 50 -8.28 -11.70 -7.44
CA GLY B 50 -6.87 -11.44 -7.28
C GLY B 50 -5.96 -12.17 -8.26
N GLU B 51 -6.52 -13.08 -9.05
CA GLU B 51 -5.72 -13.87 -10.00
C GLU B 51 -5.80 -13.35 -11.44
N ASN B 52 -4.64 -13.18 -12.07
CA ASN B 52 -4.59 -12.71 -13.46
C ASN B 52 -4.93 -13.91 -14.33
N LEU B 53 -5.95 -13.76 -15.18
CA LEU B 53 -6.36 -14.88 -16.03
C LEU B 53 -6.38 -14.54 -17.51
N LEU B 54 -6.38 -15.60 -18.32
CA LEU B 54 -6.42 -15.48 -19.77
C LEU B 54 -7.57 -16.32 -20.30
N VAL B 55 -8.39 -15.71 -21.15
CA VAL B 55 -9.53 -16.41 -21.73
C VAL B 55 -9.43 -16.34 -23.26
N ASN B 56 -9.69 -17.47 -23.91
CA ASN B 56 -9.61 -17.55 -25.36
C ASN B 56 -10.78 -18.36 -25.89
N ARG B 57 -11.19 -18.08 -27.13
CA ARG B 57 -12.30 -18.80 -27.76
C ARG B 57 -11.70 -19.63 -28.90
N ILE B 58 -11.77 -20.94 -28.77
CA ILE B 58 -11.24 -21.86 -29.78
C ILE B 58 -12.37 -22.73 -30.31
N ASP B 59 -12.68 -22.57 -31.59
CA ASP B 59 -13.78 -23.29 -32.22
C ASP B 59 -15.07 -22.99 -31.48
N GLY B 60 -15.25 -21.70 -31.16
CA GLY B 60 -16.43 -21.26 -30.44
C GLY B 60 -16.46 -21.53 -28.95
N LYS B 61 -15.59 -22.40 -28.46
CA LYS B 61 -15.58 -22.71 -27.03
C LYS B 61 -14.58 -21.85 -26.25
N LEU B 62 -14.96 -21.47 -25.04
CA LEU B 62 -14.09 -20.66 -24.19
C LEU B 62 -13.21 -21.51 -23.27
N TYR B 63 -11.98 -21.06 -23.08
CA TYR B 63 -11.00 -21.74 -22.25
C TYR B 63 -10.32 -20.71 -21.36
N CYS B 64 -9.98 -21.09 -20.13
CA CYS B 64 -9.32 -20.16 -19.22
C CYS B 64 -8.03 -20.71 -18.62
N LEU B 65 -6.96 -19.94 -18.79
CA LEU B 65 -5.64 -20.28 -18.28
C LEU B 65 -5.14 -19.19 -17.35
N LYS B 66 -4.38 -19.56 -16.32
CA LYS B 66 -3.83 -18.55 -15.44
C LYS B 66 -2.79 -17.79 -16.27
N ASP B 67 -2.83 -16.46 -16.17
CA ASP B 67 -1.92 -15.60 -16.90
C ASP B 67 -0.60 -15.41 -16.14
N ARG B 68 0.12 -16.50 -15.90
CA ARG B 68 1.40 -16.45 -15.19
C ARG B 68 2.24 -17.66 -15.56
N CYS B 69 3.26 -17.45 -16.38
CA CYS B 69 4.12 -18.53 -16.80
C CYS B 69 4.74 -19.23 -15.59
N LEU B 70 4.85 -20.56 -15.68
CA LEU B 70 5.40 -21.37 -14.61
C LEU B 70 6.91 -21.15 -14.38
N HIS B 71 7.58 -20.70 -15.43
CA HIS B 71 9.03 -20.50 -15.42
C HIS B 71 9.51 -19.34 -14.57
N ARG B 72 9.39 -18.12 -15.10
CA ARG B 72 9.81 -16.93 -14.36
C ARG B 72 8.63 -16.07 -13.93
N GLY B 73 7.43 -16.63 -14.00
CA GLY B 73 6.23 -15.94 -13.56
C GLY B 73 5.79 -14.67 -14.28
N VAL B 74 6.10 -14.54 -15.56
CA VAL B 74 5.70 -13.37 -16.31
C VAL B 74 4.28 -13.61 -16.84
N GLN B 75 3.58 -12.53 -17.17
CA GLN B 75 2.25 -12.67 -17.74
C GLN B 75 2.43 -12.98 -19.22
N LEU B 76 1.83 -14.07 -19.66
CA LEU B 76 1.92 -14.48 -21.06
C LEU B 76 1.34 -13.39 -21.94
N SER B 77 0.36 -12.67 -21.39
CA SER B 77 -0.32 -11.61 -22.13
C SER B 77 0.52 -10.40 -22.50
N VAL B 78 1.72 -10.30 -21.94
CA VAL B 78 2.58 -9.16 -22.27
C VAL B 78 2.83 -9.18 -23.78
N LYS B 79 2.92 -10.38 -24.34
CA LYS B 79 3.12 -10.55 -25.78
C LYS B 79 2.57 -11.91 -26.14
N VAL B 80 1.31 -11.92 -26.57
CA VAL B 80 0.63 -13.16 -26.92
C VAL B 80 1.20 -13.84 -28.15
N GLU B 81 1.50 -15.13 -28.00
CA GLU B 81 2.04 -15.92 -29.09
C GLU B 81 1.32 -17.26 -29.16
N CYS B 82 0.21 -17.31 -29.89
CA CYS B 82 -0.54 -18.55 -30.07
C CYS B 82 -0.11 -19.07 -31.44
N LYS B 83 0.84 -20.00 -31.44
CA LYS B 83 1.39 -20.55 -32.67
C LYS B 83 0.59 -21.68 -33.32
N THR B 84 -0.28 -22.31 -32.55
CA THR B 84 -1.16 -23.35 -33.06
C THR B 84 -2.50 -23.00 -32.40
N LYS B 85 -3.61 -23.44 -32.98
CA LYS B 85 -4.91 -23.10 -32.43
C LYS B 85 -5.18 -23.70 -31.05
N SER B 86 -4.46 -24.75 -30.70
CA SER B 86 -4.70 -25.38 -29.40
C SER B 86 -3.72 -24.98 -28.29
N THR B 87 -2.76 -24.11 -28.60
CA THR B 87 -1.76 -23.72 -27.61
C THR B 87 -1.41 -22.24 -27.55
N ILE B 88 -0.65 -21.88 -26.51
CA ILE B 88 -0.16 -20.53 -26.31
C ILE B 88 1.29 -20.68 -25.89
N THR B 89 2.18 -19.90 -26.50
CA THR B 89 3.61 -19.99 -26.20
C THR B 89 4.11 -18.74 -25.47
N CYS B 90 4.68 -18.92 -24.29
CA CYS B 90 5.21 -17.79 -23.53
C CYS B 90 6.24 -17.09 -24.40
N TRP B 91 6.17 -15.76 -24.43
CA TRP B 91 7.06 -14.95 -25.23
C TRP B 91 8.52 -14.90 -24.73
N TYR B 92 8.73 -15.31 -23.49
CA TYR B 92 10.07 -15.25 -22.90
C TYR B 92 11.01 -16.39 -23.32
N HIS B 93 10.75 -17.60 -22.85
CA HIS B 93 11.58 -18.74 -23.21
C HIS B 93 10.79 -19.83 -23.94
N ALA B 94 9.65 -19.44 -24.49
CA ALA B 94 8.80 -20.34 -25.28
C ALA B 94 8.22 -21.59 -24.64
N TRP B 95 7.93 -21.54 -23.34
CA TRP B 95 7.29 -22.69 -22.72
C TRP B 95 5.90 -22.65 -23.36
N THR B 96 5.43 -23.78 -23.87
CA THR B 96 4.13 -23.84 -24.54
C THR B 96 3.11 -24.69 -23.79
N TYR B 97 1.92 -24.13 -23.60
CA TYR B 97 0.85 -24.81 -22.88
C TYR B 97 -0.41 -25.04 -23.71
N ARG B 98 -1.14 -26.11 -23.42
CA ARG B 98 -2.38 -26.43 -24.10
C ARG B 98 -3.53 -25.73 -23.39
N TRP B 99 -4.39 -25.06 -24.15
CA TRP B 99 -5.52 -24.35 -23.57
C TRP B 99 -6.51 -25.26 -22.84
N GLU B 100 -6.67 -26.50 -23.31
CA GLU B 100 -7.65 -27.38 -22.69
C GLU B 100 -7.30 -27.98 -21.34
N ASP B 101 -6.02 -28.19 -21.07
CA ASP B 101 -5.63 -28.76 -19.78
C ASP B 101 -4.45 -28.04 -19.12
N GLY B 102 -3.93 -27.01 -19.79
CA GLY B 102 -2.82 -26.24 -19.25
C GLY B 102 -1.48 -26.96 -19.20
N VAL B 103 -1.43 -28.17 -19.75
CA VAL B 103 -0.20 -28.95 -19.75
C VAL B 103 0.94 -28.35 -20.58
N LEU B 104 2.14 -28.37 -20.02
CA LEU B 104 3.33 -27.86 -20.70
C LEU B 104 3.70 -28.94 -21.72
N CYS B 105 3.32 -28.73 -22.97
CA CYS B 105 3.56 -29.71 -24.03
C CYS B 105 4.81 -29.54 -24.89
N ASP B 106 5.35 -28.33 -24.92
CA ASP B 106 6.54 -28.06 -25.71
C ASP B 106 7.30 -26.85 -25.16
N ILE B 107 8.59 -26.77 -25.51
CA ILE B 107 9.43 -25.65 -25.13
C ILE B 107 10.37 -25.44 -26.33
N LEU B 108 10.07 -24.43 -27.13
CA LEU B 108 10.85 -24.14 -28.33
C LEU B 108 12.33 -23.91 -28.10
N THR B 109 12.69 -23.36 -26.94
CA THR B 109 14.09 -23.08 -26.64
C THR B 109 14.88 -24.32 -26.20
N ASN B 110 14.18 -25.40 -25.92
CA ASN B 110 14.83 -26.65 -25.53
C ASN B 110 13.85 -27.81 -25.59
N PRO B 111 13.68 -28.40 -26.78
CA PRO B 111 12.79 -29.51 -27.06
C PRO B 111 13.12 -30.78 -26.28
N THR B 112 14.26 -30.81 -25.61
CA THR B 112 14.63 -32.00 -24.84
C THR B 112 14.49 -31.82 -23.32
N SER B 113 13.91 -30.70 -22.90
CA SER B 113 13.76 -30.44 -21.47
C SER B 113 12.97 -31.51 -20.72
N ALA B 114 13.42 -31.80 -19.50
CA ALA B 114 12.76 -32.79 -18.66
C ALA B 114 11.43 -32.25 -18.10
N GLN B 115 11.22 -30.93 -18.23
CA GLN B 115 10.01 -30.31 -17.72
C GLN B 115 8.81 -30.57 -18.63
N ILE B 116 9.06 -30.78 -19.92
CA ILE B 116 8.00 -31.02 -20.88
C ILE B 116 7.10 -32.19 -20.49
N GLY B 117 5.79 -31.93 -20.48
CA GLY B 117 4.83 -32.95 -20.13
C GLY B 117 4.77 -33.28 -18.65
N ARG B 118 5.56 -32.57 -17.83
CA ARG B 118 5.57 -32.83 -16.39
C ARG B 118 4.99 -31.70 -15.55
N GLN B 119 4.89 -30.51 -16.13
CA GLN B 119 4.34 -29.36 -15.43
C GLN B 119 2.97 -29.01 -16.02
N LYS B 120 2.18 -28.27 -15.28
CA LYS B 120 0.86 -27.88 -15.74
C LYS B 120 0.41 -26.55 -15.18
N LEU B 121 -0.02 -25.67 -16.08
CA LEU B 121 -0.49 -24.34 -15.73
C LEU B 121 -1.95 -24.44 -15.29
N LYS B 122 -2.29 -23.74 -14.21
CA LYS B 122 -3.64 -23.75 -13.66
C LYS B 122 -4.71 -23.34 -14.69
N THR B 123 -5.83 -24.06 -14.70
CA THR B 123 -6.94 -23.73 -15.61
C THR B 123 -8.23 -23.59 -14.81
N TYR B 124 -9.19 -22.86 -15.37
CA TYR B 124 -10.49 -22.67 -14.70
C TYR B 124 -11.66 -22.92 -15.65
N PRO B 125 -12.71 -23.63 -15.17
CA PRO B 125 -13.87 -23.92 -16.00
C PRO B 125 -14.57 -22.64 -16.47
N VAL B 126 -14.95 -22.60 -17.74
CA VAL B 126 -15.63 -21.44 -18.31
C VAL B 126 -16.92 -21.87 -18.99
N GLN B 127 -17.99 -21.12 -18.77
CA GLN B 127 -19.27 -21.47 -19.36
C GLN B 127 -20.06 -20.21 -19.74
N GLU B 128 -20.63 -20.21 -20.94
CA GLU B 128 -21.41 -19.07 -21.40
C GLU B 128 -22.89 -19.34 -21.17
N ALA B 129 -23.65 -18.29 -20.92
CA ALA B 129 -25.08 -18.42 -20.68
C ALA B 129 -25.74 -17.04 -20.66
N LYS B 130 -26.88 -16.94 -21.33
CA LYS B 130 -27.61 -15.68 -21.40
C LYS B 130 -26.72 -14.58 -21.97
N GLY B 131 -25.70 -15.00 -22.72
CA GLY B 131 -24.78 -14.05 -23.31
C GLY B 131 -23.74 -13.58 -22.31
N CYS B 132 -23.55 -14.34 -21.23
CA CYS B 132 -22.59 -13.99 -20.20
C CYS B 132 -21.51 -15.04 -20.02
N VAL B 133 -20.29 -14.57 -19.74
CA VAL B 133 -19.16 -15.47 -19.53
C VAL B 133 -18.96 -15.70 -18.05
N PHE B 134 -19.15 -16.94 -17.61
CA PHE B 134 -18.98 -17.29 -16.22
C PHE B 134 -17.75 -18.14 -16.01
N ILE B 135 -16.90 -17.75 -15.08
CA ILE B 135 -15.70 -18.50 -14.79
C ILE B 135 -15.84 -19.10 -13.39
N TYR B 136 -15.48 -20.36 -13.26
CA TYR B 136 -15.55 -21.01 -11.97
C TYR B 136 -14.19 -20.89 -11.28
N LEU B 137 -13.98 -19.78 -10.57
CA LEU B 137 -12.72 -19.56 -9.88
C LEU B 137 -12.69 -20.51 -8.69
N GLY B 138 -12.35 -21.76 -8.96
CA GLY B 138 -12.30 -22.75 -7.90
C GLY B 138 -11.56 -24.00 -8.31
N ASP B 139 -11.49 -24.97 -7.40
CA ASP B 139 -10.80 -26.21 -7.67
C ASP B 139 -11.78 -27.39 -7.71
N GLY B 140 -11.43 -28.43 -8.45
CA GLY B 140 -12.28 -29.61 -8.54
C GLY B 140 -13.43 -29.45 -9.52
N ASP B 141 -14.30 -30.47 -9.58
CA ASP B 141 -15.44 -30.43 -10.49
C ASP B 141 -16.39 -29.30 -10.16
N PRO B 142 -16.69 -28.44 -11.16
CA PRO B 142 -17.58 -27.30 -10.97
C PRO B 142 -19.06 -27.69 -10.90
N PRO B 143 -19.82 -27.04 -10.00
CA PRO B 143 -21.25 -27.35 -9.87
C PRO B 143 -21.98 -26.66 -11.02
N PRO B 144 -23.29 -26.96 -11.18
CA PRO B 144 -24.01 -26.31 -12.28
C PRO B 144 -24.15 -24.81 -12.06
N LEU B 145 -23.97 -24.05 -13.14
CA LEU B 145 -24.06 -22.60 -13.10
C LEU B 145 -25.29 -22.09 -12.36
N ALA B 146 -26.34 -22.91 -12.31
CA ALA B 146 -27.58 -22.53 -11.65
C ALA B 146 -27.41 -22.30 -10.15
N ARG B 147 -26.50 -23.04 -9.52
CA ARG B 147 -26.29 -22.90 -8.08
C ARG B 147 -25.84 -21.51 -7.66
N ASP B 148 -25.12 -20.80 -8.53
CA ASP B 148 -24.64 -19.47 -8.22
C ASP B 148 -25.30 -18.38 -9.04
N THR B 149 -26.57 -18.62 -9.40
CA THR B 149 -27.34 -17.66 -10.17
C THR B 149 -28.63 -17.36 -9.40
N PRO B 150 -29.20 -16.17 -9.61
CA PRO B 150 -30.43 -15.80 -8.91
C PRO B 150 -31.64 -16.40 -9.65
N PRO B 151 -32.69 -16.80 -8.91
CA PRO B 151 -33.90 -17.38 -9.49
C PRO B 151 -34.39 -16.64 -10.73
N ASN B 152 -34.83 -17.42 -11.72
CA ASN B 152 -35.37 -16.88 -12.96
C ASN B 152 -34.35 -16.24 -13.91
N PHE B 153 -33.07 -16.30 -13.56
CA PHE B 153 -32.06 -15.71 -14.43
C PHE B 153 -31.84 -16.57 -15.66
N LEU B 154 -31.83 -17.89 -15.47
CA LEU B 154 -31.60 -18.82 -16.56
C LEU B 154 -32.88 -19.35 -17.22
N ASP B 155 -33.97 -18.59 -17.12
CA ASP B 155 -35.22 -19.02 -17.76
C ASP B 155 -35.04 -19.08 -19.26
N ASP B 156 -35.52 -20.15 -19.88
CA ASP B 156 -35.41 -20.32 -21.32
C ASP B 156 -35.88 -19.08 -22.09
N ASP B 157 -36.94 -18.46 -21.60
CA ASP B 157 -37.52 -17.28 -22.25
C ASP B 157 -36.91 -15.95 -21.81
N MET B 158 -36.23 -15.96 -20.66
CA MET B 158 -35.62 -14.74 -20.12
C MET B 158 -34.53 -14.14 -20.99
N GLU B 159 -34.79 -12.97 -21.55
CA GLU B 159 -33.82 -12.26 -22.37
C GLU B 159 -32.96 -11.41 -21.45
N ILE B 160 -31.74 -11.88 -21.18
CA ILE B 160 -30.82 -11.16 -20.32
C ILE B 160 -29.88 -10.23 -21.09
N LEU B 161 -29.92 -8.95 -20.74
CA LEU B 161 -29.08 -7.94 -21.35
C LEU B 161 -28.57 -7.02 -20.26
N GLY B 162 -27.34 -6.53 -20.39
CA GLY B 162 -26.79 -5.65 -19.38
C GLY B 162 -25.50 -4.96 -19.81
N LYS B 163 -24.72 -4.54 -18.83
CA LYS B 163 -23.44 -3.89 -19.10
C LYS B 163 -22.49 -4.16 -17.92
N ASN B 164 -21.22 -3.83 -18.10
CA ASN B 164 -20.24 -4.10 -17.06
C ASN B 164 -19.15 -3.04 -16.95
N GLN B 165 -18.62 -2.85 -15.75
CA GLN B 165 -17.56 -1.87 -15.52
C GLN B 165 -16.83 -2.14 -14.21
N ILE B 166 -15.69 -1.47 -14.04
CA ILE B 166 -14.87 -1.64 -12.84
C ILE B 166 -15.10 -0.51 -11.84
N ILE B 167 -15.47 -0.87 -10.62
CA ILE B 167 -15.71 0.12 -9.57
C ILE B 167 -14.73 0.01 -8.41
N LYS B 168 -14.22 1.16 -7.97
CA LYS B 168 -13.24 1.23 -6.90
C LYS B 168 -13.79 1.09 -5.48
N SER B 169 -14.12 -0.13 -5.09
CA SER B 169 -14.60 -0.40 -3.75
C SER B 169 -14.59 -1.91 -3.59
N ASN B 170 -14.44 -2.37 -2.35
CA ASN B 170 -14.44 -3.80 -2.10
C ASN B 170 -15.83 -4.30 -2.50
N TRP B 171 -15.90 -5.53 -3.00
CA TRP B 171 -17.17 -6.10 -3.44
C TRP B 171 -18.29 -6.12 -2.40
N ARG B 172 -17.94 -6.37 -1.14
CA ARG B 172 -18.93 -6.43 -0.06
C ARG B 172 -19.65 -5.10 0.16
N LEU B 173 -18.95 -4.00 0.00
CA LEU B 173 -19.58 -2.70 0.19
C LEU B 173 -20.66 -2.54 -0.90
N ALA B 174 -20.40 -3.09 -2.08
CA ALA B 174 -21.34 -3.01 -3.19
C ALA B 174 -22.55 -3.87 -2.86
N VAL B 175 -22.31 -5.05 -2.30
CA VAL B 175 -23.37 -5.97 -1.92
C VAL B 175 -24.30 -5.32 -0.90
N GLU B 176 -23.69 -4.73 0.13
CA GLU B 176 -24.47 -4.10 1.19
C GLU B 176 -25.03 -2.73 0.88
N ASN B 177 -24.78 -2.24 -0.33
CA ASN B 177 -25.34 -0.97 -0.75
C ASN B 177 -26.59 -1.29 -1.56
N GLY B 178 -26.52 -2.35 -2.35
CA GLY B 178 -27.64 -2.77 -3.16
C GLY B 178 -28.74 -3.48 -2.40
N PHE B 179 -28.35 -4.29 -1.42
CA PHE B 179 -29.31 -5.04 -0.61
C PHE B 179 -29.61 -4.26 0.66
N ASP B 180 -29.81 -2.96 0.52
CA ASP B 180 -30.10 -2.10 1.66
C ASP B 180 -31.46 -1.45 1.43
N PRO B 181 -32.47 -1.84 2.22
CA PRO B 181 -33.83 -1.30 2.10
C PRO B 181 -33.97 0.21 2.24
N SER B 182 -33.08 0.82 3.02
CA SER B 182 -33.14 2.27 3.27
C SER B 182 -32.25 3.13 2.41
N HIS B 183 -31.28 2.55 1.72
CA HIS B 183 -30.37 3.37 0.91
C HIS B 183 -31.07 4.08 -0.24
N ILE B 184 -32.26 3.61 -0.60
CA ILE B 184 -32.99 4.23 -1.71
C ILE B 184 -33.21 5.73 -1.49
N TYR B 185 -32.95 6.19 -0.27
CA TYR B 185 -33.08 7.61 0.03
C TYR B 185 -32.17 8.40 -0.92
N ILE B 186 -31.06 7.78 -1.32
CA ILE B 186 -30.10 8.43 -2.22
C ILE B 186 -30.64 8.60 -3.63
N HIS B 187 -31.72 7.90 -3.95
CA HIS B 187 -32.33 7.95 -5.28
C HIS B 187 -33.56 8.85 -5.33
N LYS B 188 -33.93 9.43 -4.19
CA LYS B 188 -35.11 10.29 -4.10
C LYS B 188 -35.25 11.33 -5.21
N ASP B 189 -34.15 11.72 -5.82
CA ASP B 189 -34.21 12.70 -6.90
C ASP B 189 -33.87 12.09 -8.25
N SER B 190 -33.95 10.76 -8.31
CA SER B 190 -33.64 10.03 -9.54
C SER B 190 -34.54 10.43 -10.70
N ILE B 191 -34.08 10.11 -11.91
CA ILE B 191 -34.83 10.40 -13.13
C ILE B 191 -35.73 9.22 -13.46
N LEU B 192 -35.20 8.01 -13.26
CA LEU B 192 -35.96 6.80 -13.53
C LEU B 192 -37.27 6.83 -12.75
N VAL B 193 -37.25 7.52 -11.61
CA VAL B 193 -38.43 7.61 -10.76
C VAL B 193 -39.56 8.43 -11.39
N LYS B 194 -39.25 9.65 -11.83
CA LYS B 194 -40.23 10.52 -12.46
C LYS B 194 -40.53 10.11 -13.90
N ASP B 195 -39.48 10.05 -14.72
CA ASP B 195 -39.61 9.70 -16.13
C ASP B 195 -40.07 8.27 -16.37
N ASN B 196 -40.63 7.65 -15.34
CA ASN B 196 -41.14 6.28 -15.45
C ASN B 196 -42.25 6.12 -14.43
N ASP B 197 -42.82 7.25 -14.03
CA ASP B 197 -43.92 7.31 -13.08
C ASP B 197 -43.84 6.19 -12.03
N LEU B 198 -42.68 6.06 -11.40
CA LEU B 198 -42.48 5.03 -10.40
C LEU B 198 -42.90 5.46 -9.00
N ALA B 199 -43.30 4.48 -8.20
CA ALA B 199 -43.69 4.72 -6.81
C ALA B 199 -42.51 4.24 -5.99
N LEU B 200 -41.85 5.16 -5.30
CA LEU B 200 -40.69 4.81 -4.49
C LEU B 200 -40.63 5.61 -3.21
N PRO B 201 -40.78 4.95 -2.06
CA PRO B 201 -40.73 5.64 -0.77
C PRO B 201 -39.29 6.02 -0.43
N LEU B 202 -39.14 6.96 0.50
CA LEU B 202 -37.82 7.38 0.93
C LEU B 202 -37.08 6.19 1.52
N GLY B 203 -37.84 5.17 1.91
CA GLY B 203 -37.26 3.98 2.47
C GLY B 203 -38.27 2.95 2.96
N PHE B 204 -37.83 1.71 3.07
CA PHE B 204 -38.68 0.62 3.54
C PHE B 204 -38.30 0.23 4.97
N ALA B 205 -39.20 0.52 5.91
CA ALA B 205 -38.95 0.20 7.31
C ALA B 205 -39.61 -1.13 7.70
N PRO B 206 -39.21 -1.70 8.84
CA PRO B 206 -39.78 -2.98 9.30
C PRO B 206 -41.23 -2.84 9.73
N GLY B 207 -41.97 -3.93 9.68
CA GLY B 207 -43.38 -3.91 10.08
C GLY B 207 -43.79 -5.08 10.96
N GLY B 208 -43.54 -6.30 10.48
CA GLY B 208 -43.90 -7.48 11.24
C GLY B 208 -42.90 -7.77 12.34
N ASP B 209 -41.86 -8.51 12.01
CA ASP B 209 -40.81 -8.86 12.98
C ASP B 209 -39.54 -9.29 12.25
N ARG B 210 -38.46 -9.49 13.02
CA ARG B 210 -37.17 -9.89 12.47
C ARG B 210 -37.32 -10.93 11.36
N LYS B 211 -37.69 -12.15 11.75
CA LYS B 211 -37.89 -13.26 10.81
C LYS B 211 -38.85 -12.87 9.67
N GLN B 212 -40.06 -12.51 10.08
CA GLN B 212 -41.14 -12.11 9.18
C GLN B 212 -40.72 -11.56 7.81
N GLN B 213 -40.03 -10.42 7.80
CA GLN B 213 -39.62 -9.78 6.56
C GLN B 213 -38.43 -10.43 5.85
N THR B 214 -37.49 -10.97 6.60
CA THR B 214 -36.33 -11.62 6.02
C THR B 214 -36.50 -13.13 5.88
N ARG B 215 -36.37 -13.63 4.66
CA ARG B 215 -36.52 -15.06 4.40
C ARG B 215 -35.21 -15.70 3.91
N VAL B 216 -34.57 -16.44 4.80
CA VAL B 216 -33.31 -17.12 4.50
C VAL B 216 -33.59 -18.35 3.64
N VAL B 217 -32.78 -18.55 2.60
CA VAL B 217 -32.95 -19.69 1.70
C VAL B 217 -31.74 -20.64 1.73
N ASP B 218 -31.97 -21.84 2.26
CA ASP B 218 -30.92 -22.85 2.34
C ASP B 218 -31.56 -24.23 2.24
N ASP B 219 -32.68 -24.29 1.53
CA ASP B 219 -33.42 -25.54 1.33
C ASP B 219 -33.70 -25.75 -0.15
N ASP B 220 -33.37 -24.75 -0.96
CA ASP B 220 -33.58 -24.84 -2.40
C ASP B 220 -32.85 -26.07 -2.93
N VAL B 221 -33.48 -26.79 -3.85
CA VAL B 221 -32.88 -27.99 -4.42
C VAL B 221 -31.87 -27.65 -5.53
N VAL B 222 -32.00 -26.46 -6.10
CA VAL B 222 -31.11 -26.01 -7.16
C VAL B 222 -29.72 -25.68 -6.58
N GLY B 223 -29.62 -25.72 -5.26
CA GLY B 223 -28.35 -25.44 -4.61
C GLY B 223 -28.23 -24.00 -4.11
N ARG B 224 -29.02 -23.11 -4.69
CA ARG B 224 -29.00 -21.70 -4.32
C ARG B 224 -28.92 -21.44 -2.82
N LYS B 225 -28.28 -20.32 -2.47
CA LYS B 225 -28.13 -19.89 -1.09
C LYS B 225 -28.26 -18.37 -1.11
N GLY B 226 -29.30 -17.86 -0.46
CA GLY B 226 -29.51 -16.43 -0.42
C GLY B 226 -30.49 -15.98 0.63
N VAL B 227 -30.89 -14.72 0.56
CA VAL B 227 -31.84 -14.16 1.52
C VAL B 227 -32.77 -13.17 0.84
N TYR B 228 -34.04 -13.23 1.24
CA TYR B 228 -35.06 -12.35 0.70
C TYR B 228 -35.40 -11.30 1.75
N ASP B 229 -35.73 -10.11 1.31
CA ASP B 229 -36.15 -9.06 2.23
C ASP B 229 -37.49 -8.60 1.66
N LEU B 230 -38.56 -9.21 2.19
CA LEU B 230 -39.90 -8.92 1.74
C LEU B 230 -40.37 -7.52 2.14
N ILE B 231 -39.87 -6.53 1.41
CA ILE B 231 -40.23 -5.14 1.68
C ILE B 231 -41.67 -4.82 1.28
N GLY B 232 -42.09 -5.33 0.13
CA GLY B 232 -43.43 -5.09 -0.34
C GLY B 232 -44.51 -5.94 0.29
N GLU B 233 -44.13 -7.10 0.85
CA GLU B 233 -45.09 -8.00 1.46
C GLU B 233 -45.15 -7.88 2.98
N HIS B 234 -44.12 -7.30 3.59
CA HIS B 234 -44.11 -7.14 5.04
C HIS B 234 -43.51 -5.80 5.48
N GLY B 235 -42.82 -5.13 4.56
CA GLY B 235 -42.21 -3.86 4.87
C GLY B 235 -43.19 -2.70 4.90
N VAL B 236 -42.75 -1.59 5.48
CA VAL B 236 -43.59 -0.39 5.56
C VAL B 236 -42.89 0.78 4.85
N PRO B 237 -43.53 1.30 3.79
CA PRO B 237 -42.95 2.41 3.04
C PRO B 237 -43.04 3.73 3.81
N VAL B 238 -42.03 4.57 3.65
CA VAL B 238 -41.99 5.87 4.30
C VAL B 238 -41.91 6.93 3.21
N PHE B 239 -43.03 7.61 2.95
CA PHE B 239 -43.07 8.63 1.91
C PHE B 239 -42.92 10.04 2.47
N GLU B 240 -43.12 10.20 3.76
CA GLU B 240 -43.00 11.52 4.37
C GLU B 240 -41.89 11.55 5.42
N GLY B 241 -40.79 12.22 5.08
CA GLY B 241 -39.68 12.34 6.01
C GLY B 241 -39.84 13.56 6.86
N THR B 242 -39.76 13.39 8.17
CA THR B 242 -39.93 14.50 9.10
C THR B 242 -38.78 14.71 10.06
N ILE B 243 -38.58 15.96 10.45
CA ILE B 243 -37.56 16.34 11.42
C ILE B 243 -38.29 17.13 12.49
N GLY B 244 -38.31 16.60 13.71
CA GLY B 244 -39.00 17.28 14.79
C GLY B 244 -40.50 17.31 14.55
N GLY B 245 -41.00 16.38 13.75
CA GLY B 245 -42.41 16.33 13.45
C GLY B 245 -42.82 17.13 12.22
N GLU B 246 -41.92 17.99 11.76
CA GLU B 246 -42.18 18.82 10.59
C GLU B 246 -41.74 18.05 9.34
N VAL B 247 -42.61 18.00 8.33
CA VAL B 247 -42.28 17.30 7.08
C VAL B 247 -41.31 18.15 6.26
N VAL B 248 -40.17 17.57 5.91
CA VAL B 248 -39.16 18.30 5.13
C VAL B 248 -38.85 17.66 3.79
N ARG B 249 -39.32 16.43 3.58
CA ARG B 249 -39.08 15.73 2.33
C ARG B 249 -40.11 14.64 2.08
N GLU B 250 -40.52 14.49 0.83
CA GLU B 250 -41.50 13.47 0.45
C GLU B 250 -40.97 12.47 -0.56
N GLY B 251 -41.52 11.26 -0.52
CA GLY B 251 -41.11 10.22 -1.44
C GLY B 251 -41.68 10.47 -2.82
N ALA B 252 -41.67 9.45 -3.67
CA ALA B 252 -42.16 9.59 -5.03
C ALA B 252 -43.49 8.87 -5.24
N TYR B 253 -44.51 9.63 -5.65
CA TYR B 253 -45.82 9.06 -5.89
C TYR B 253 -46.00 8.75 -7.37
N GLY B 254 -46.08 7.47 -7.69
CA GLY B 254 -46.26 7.05 -9.06
C GLY B 254 -47.19 5.87 -9.05
N GLU B 255 -47.78 5.57 -10.21
CA GLU B 255 -48.70 4.45 -10.29
C GLU B 255 -47.93 3.14 -10.46
N LYS B 256 -46.86 3.18 -11.25
CA LYS B 256 -46.05 2.00 -11.49
C LYS B 256 -45.49 1.43 -10.19
N ILE B 257 -45.87 0.19 -9.89
CA ILE B 257 -45.42 -0.49 -8.69
C ILE B 257 -44.22 -1.36 -9.01
N VAL B 258 -43.04 -0.92 -8.58
CA VAL B 258 -41.81 -1.65 -8.83
C VAL B 258 -41.08 -1.95 -7.53
N ALA B 259 -40.23 -2.96 -7.56
CA ALA B 259 -39.43 -3.36 -6.41
C ALA B 259 -40.23 -3.66 -5.14
N ASN B 260 -40.68 -4.90 -5.02
CA ASN B 260 -41.42 -5.33 -3.83
C ASN B 260 -40.78 -6.63 -3.39
N ASP B 261 -39.80 -7.06 -4.16
CA ASP B 261 -39.07 -8.29 -3.90
C ASP B 261 -37.59 -8.08 -4.17
N ILE B 262 -36.76 -8.30 -3.16
CA ILE B 262 -35.32 -8.13 -3.30
C ILE B 262 -34.58 -9.23 -2.54
N SER B 263 -33.60 -9.82 -3.21
CA SER B 263 -32.82 -10.90 -2.60
C SER B 263 -31.37 -10.85 -3.06
N ILE B 264 -30.48 -11.27 -2.16
CA ILE B 264 -29.06 -11.29 -2.45
C ILE B 264 -28.65 -12.76 -2.45
N TRP B 265 -27.88 -13.17 -3.45
CA TRP B 265 -27.46 -14.56 -3.54
C TRP B 265 -25.95 -14.72 -3.68
N LEU B 266 -25.43 -15.78 -3.08
CA LEU B 266 -24.00 -16.08 -3.17
C LEU B 266 -23.74 -16.42 -4.64
N PRO B 267 -22.52 -16.17 -5.12
CA PRO B 267 -21.39 -15.60 -4.37
C PRO B 267 -21.52 -14.10 -4.13
N GLY B 268 -22.51 -13.47 -4.77
CA GLY B 268 -22.69 -12.04 -4.59
C GLY B 268 -23.49 -11.39 -5.71
N VAL B 269 -24.75 -11.82 -5.87
CA VAL B 269 -25.60 -11.27 -6.91
C VAL B 269 -26.96 -10.86 -6.32
N LEU B 270 -27.39 -9.66 -6.67
CA LEU B 270 -28.66 -9.14 -6.17
C LEU B 270 -29.77 -9.26 -7.20
N LYS B 271 -30.98 -9.55 -6.72
CA LYS B 271 -32.14 -9.67 -7.61
C LYS B 271 -33.22 -8.69 -7.15
N VAL B 272 -33.50 -7.70 -8.00
CA VAL B 272 -34.51 -6.70 -7.72
C VAL B 272 -35.72 -7.02 -8.59
N ASN B 273 -36.79 -7.52 -7.97
CA ASN B 273 -37.99 -7.90 -8.70
C ASN B 273 -39.28 -7.29 -8.16
N PRO B 274 -40.03 -6.57 -9.00
CA PRO B 274 -39.71 -6.31 -10.41
C PRO B 274 -38.96 -5.00 -10.55
N TRP B 275 -38.11 -4.90 -11.58
CA TRP B 275 -37.34 -3.69 -11.81
C TRP B 275 -36.66 -3.80 -13.17
N PRO B 276 -36.53 -2.66 -13.89
CA PRO B 276 -36.96 -1.31 -13.51
C PRO B 276 -38.45 -1.08 -13.82
N ASN B 277 -39.07 -2.08 -14.44
CA ASN B 277 -40.48 -2.01 -14.81
C ASN B 277 -41.19 -3.20 -14.20
N PRO B 278 -42.51 -3.09 -13.95
CA PRO B 278 -43.28 -4.18 -13.36
C PRO B 278 -43.14 -5.51 -14.11
N ASP B 279 -42.78 -5.45 -15.38
CA ASP B 279 -42.63 -6.64 -16.21
C ASP B 279 -41.17 -7.07 -16.38
N MET B 280 -40.27 -6.36 -15.72
CA MET B 280 -38.84 -6.67 -15.82
C MET B 280 -38.21 -7.17 -14.54
N MET B 281 -36.91 -7.47 -14.63
CA MET B 281 -36.13 -7.95 -13.50
C MET B 281 -34.68 -7.54 -13.70
N GLN B 282 -34.03 -7.10 -12.63
CA GLN B 282 -32.63 -6.71 -12.72
C GLN B 282 -31.76 -7.62 -11.86
N PHE B 283 -30.70 -8.14 -12.47
CA PHE B 283 -29.77 -8.99 -11.76
C PHE B 283 -28.40 -8.33 -11.91
N GLU B 284 -27.71 -8.11 -10.80
CA GLU B 284 -26.39 -7.49 -10.86
C GLU B 284 -25.41 -8.12 -9.90
N TRP B 285 -24.22 -8.43 -10.42
CA TRP B 285 -23.15 -9.04 -9.66
C TRP B 285 -22.15 -8.00 -9.19
N TYR B 286 -21.47 -8.31 -8.09
CA TYR B 286 -20.44 -7.46 -7.51
C TYR B 286 -19.25 -8.43 -7.46
N VAL B 287 -18.57 -8.55 -8.60
CA VAL B 287 -17.45 -9.46 -8.75
C VAL B 287 -16.11 -8.92 -8.23
N PRO B 288 -15.51 -9.62 -7.27
CA PRO B 288 -14.22 -9.19 -6.70
C PRO B 288 -13.08 -9.31 -7.70
N ILE B 289 -12.36 -8.21 -7.89
CA ILE B 289 -11.20 -8.19 -8.80
C ILE B 289 -9.97 -8.31 -7.88
N ASP B 290 -9.95 -7.48 -6.83
CA ASP B 290 -8.92 -7.53 -5.80
C ASP B 290 -9.58 -6.95 -4.55
N GLU B 291 -8.84 -6.75 -3.48
CA GLU B 291 -9.47 -6.24 -2.26
C GLU B 291 -10.05 -4.83 -2.36
N ASN B 292 -9.65 -4.06 -3.37
CA ASN B 292 -10.13 -2.69 -3.51
C ASN B 292 -11.11 -2.42 -4.65
N THR B 293 -11.31 -3.39 -5.54
CA THR B 293 -12.20 -3.18 -6.66
C THR B 293 -13.06 -4.39 -7.00
N HIS B 294 -14.11 -4.13 -7.77
CA HIS B 294 -15.02 -5.18 -8.18
C HIS B 294 -15.64 -4.85 -9.52
N TYR B 295 -16.16 -5.87 -10.20
CA TYR B 295 -16.83 -5.67 -11.46
C TYR B 295 -18.28 -5.42 -11.07
N TYR B 296 -18.88 -4.37 -11.63
CA TYR B 296 -20.28 -4.09 -11.36
C TYR B 296 -20.98 -4.67 -12.60
N PHE B 297 -21.34 -5.94 -12.53
CA PHE B 297 -21.97 -6.64 -13.64
C PHE B 297 -23.48 -6.60 -13.53
N GLN B 298 -24.09 -5.58 -14.12
CA GLN B 298 -25.53 -5.43 -14.07
C GLN B 298 -26.25 -5.88 -15.33
N THR B 299 -27.36 -6.58 -15.15
CA THR B 299 -28.16 -7.06 -16.27
C THR B 299 -29.65 -6.81 -16.05
N LEU B 300 -30.34 -6.47 -17.13
CA LEU B 300 -31.78 -6.22 -17.10
C LEU B 300 -32.42 -7.29 -17.99
N GLY B 301 -33.41 -7.99 -17.46
CA GLY B 301 -34.05 -9.02 -18.26
C GLY B 301 -35.56 -9.00 -18.34
N LYS B 302 -36.08 -9.09 -19.56
CA LYS B 302 -37.52 -9.11 -19.81
C LYS B 302 -37.87 -10.41 -20.51
N PRO B 303 -38.86 -11.14 -19.99
CA PRO B 303 -39.28 -12.42 -20.60
C PRO B 303 -39.68 -12.25 -22.07
N CYS B 304 -39.38 -13.27 -22.88
CA CYS B 304 -39.71 -13.27 -24.30
C CYS B 304 -39.86 -14.70 -24.77
N ALA B 305 -40.74 -14.92 -25.76
CA ALA B 305 -40.96 -16.26 -26.28
C ALA B 305 -40.99 -16.34 -27.81
N ASN B 306 -40.12 -15.56 -28.46
CA ASN B 306 -40.05 -15.55 -29.92
C ASN B 306 -38.99 -14.57 -30.41
N ASP B 307 -38.42 -14.84 -31.57
CA ASP B 307 -37.38 -13.97 -32.14
C ASP B 307 -37.81 -12.50 -32.18
N GLU B 308 -39.11 -12.26 -32.12
CA GLU B 308 -39.61 -10.90 -32.13
C GLU B 308 -39.43 -10.37 -30.71
N GLU B 309 -40.07 -9.25 -30.38
CA GLU B 309 -39.97 -8.65 -29.05
C GLU B 309 -38.55 -8.68 -28.48
N ARG B 310 -37.56 -8.74 -29.36
CA ARG B 310 -36.16 -8.74 -28.95
C ARG B 310 -35.58 -7.45 -29.48
N LYS B 311 -35.64 -7.27 -30.79
CA LYS B 311 -35.12 -6.06 -31.41
C LYS B 311 -35.84 -4.87 -30.81
N LYS B 312 -37.00 -5.15 -30.21
CA LYS B 312 -37.80 -4.12 -29.55
C LYS B 312 -37.22 -3.92 -28.15
N TYR B 313 -37.14 -5.02 -27.41
CA TYR B 313 -36.60 -4.99 -26.05
C TYR B 313 -35.15 -4.53 -26.06
N GLU B 314 -34.46 -4.76 -27.16
CA GLU B 314 -33.06 -4.35 -27.30
C GLU B 314 -33.02 -2.88 -27.68
N GLN B 315 -33.97 -2.46 -28.52
CA GLN B 315 -34.03 -1.07 -28.94
C GLN B 315 -34.48 -0.26 -27.73
N GLU B 316 -35.21 -0.91 -26.83
CA GLU B 316 -35.71 -0.28 -25.61
C GLU B 316 -34.59 -0.30 -24.59
N PHE B 317 -34.08 -1.49 -24.30
CA PHE B 317 -32.99 -1.68 -23.35
C PHE B 317 -31.86 -0.71 -23.66
N GLU B 318 -31.60 -0.52 -24.95
CA GLU B 318 -30.53 0.37 -25.40
C GLU B 318 -30.94 1.83 -25.49
N SER B 319 -32.24 2.09 -25.60
CA SER B 319 -32.72 3.47 -25.74
C SER B 319 -33.12 4.16 -24.44
N LYS B 320 -33.59 3.40 -23.47
CA LYS B 320 -34.02 4.03 -22.22
C LYS B 320 -33.59 3.28 -20.96
N TRP B 321 -33.68 1.96 -20.99
CA TRP B 321 -33.34 1.15 -19.84
C TRP B 321 -31.89 1.27 -19.36
N LYS B 322 -30.93 1.07 -20.26
CA LYS B 322 -29.52 1.16 -19.87
C LYS B 322 -29.13 2.58 -19.44
N PRO B 323 -29.50 3.59 -20.23
CA PRO B 323 -29.16 4.98 -19.89
C PRO B 323 -29.97 5.63 -18.75
N MET B 324 -31.04 4.97 -18.31
CA MET B 324 -31.88 5.53 -17.25
C MET B 324 -32.01 4.63 -16.03
N ALA B 325 -32.03 3.32 -16.24
CA ALA B 325 -32.15 2.37 -15.13
C ALA B 325 -30.81 1.88 -14.62
N LEU B 326 -29.87 1.64 -15.55
CA LEU B 326 -28.54 1.15 -15.18
C LEU B 326 -27.55 2.28 -14.94
N GLU B 327 -27.59 3.31 -15.78
CA GLU B 327 -26.67 4.43 -15.61
C GLU B 327 -27.31 5.57 -14.84
N GLY B 328 -28.41 6.09 -15.35
CA GLY B 328 -29.10 7.19 -14.71
C GLY B 328 -29.51 6.98 -13.26
N PHE B 329 -29.89 5.75 -12.92
CA PHE B 329 -30.33 5.43 -11.57
C PHE B 329 -29.21 4.89 -10.67
N ASN B 330 -28.57 3.83 -11.13
CA ASN B 330 -27.51 3.17 -10.38
C ASN B 330 -26.21 3.95 -10.16
N ASN B 331 -25.96 4.98 -10.95
CA ASN B 331 -24.73 5.75 -10.79
C ASN B 331 -24.61 6.35 -9.39
N ASP B 332 -25.74 6.63 -8.74
CA ASP B 332 -25.70 7.16 -7.39
C ASP B 332 -25.11 6.09 -6.47
N ASP B 333 -25.40 4.83 -6.77
CA ASP B 333 -24.89 3.72 -5.96
C ASP B 333 -23.37 3.65 -6.00
N ILE B 334 -22.80 4.00 -7.15
CA ILE B 334 -21.36 3.95 -7.32
C ILE B 334 -20.60 4.84 -6.34
N TRP B 335 -20.97 6.12 -6.25
CA TRP B 335 -20.26 7.00 -5.33
C TRP B 335 -20.65 6.76 -3.88
N ALA B 336 -21.76 6.06 -3.65
CA ALA B 336 -22.17 5.75 -2.29
C ALA B 336 -21.25 4.64 -1.79
N ARG B 337 -20.94 3.70 -2.66
CA ARG B 337 -20.06 2.58 -2.31
C ARG B 337 -18.67 3.10 -1.97
N GLU B 338 -18.18 4.00 -2.81
CA GLU B 338 -16.85 4.58 -2.61
C GLU B 338 -16.79 5.37 -1.31
N ALA B 339 -17.92 5.96 -0.91
CA ALA B 339 -17.97 6.76 0.31
C ALA B 339 -17.79 5.92 1.57
N MET B 340 -17.98 4.61 1.46
CA MET B 340 -17.82 3.72 2.60
C MET B 340 -16.43 3.10 2.68
N VAL B 341 -15.62 3.27 1.64
CA VAL B 341 -14.29 2.67 1.63
C VAL B 341 -13.43 2.99 2.85
N ASP B 342 -13.30 4.28 3.18
CA ASP B 342 -12.47 4.69 4.30
C ASP B 342 -12.80 4.03 5.64
N PHE B 343 -14.08 4.00 5.99
CA PHE B 343 -14.50 3.43 7.26
C PHE B 343 -14.17 1.94 7.41
N TYR B 344 -14.25 1.20 6.31
CA TYR B 344 -13.96 -0.23 6.34
C TYR B 344 -12.56 -0.61 5.86
N ALA B 345 -11.84 0.36 5.31
CA ALA B 345 -10.49 0.12 4.79
C ALA B 345 -9.52 -0.56 5.76
N ASP B 346 -9.63 -0.24 7.04
CA ASP B 346 -8.74 -0.84 8.04
C ASP B 346 -9.44 -2.00 8.76
N ASP B 347 -10.58 -2.41 8.21
CA ASP B 347 -11.39 -3.50 8.75
C ASP B 347 -12.07 -3.16 10.07
N LYS B 348 -11.86 -1.94 10.56
CA LYS B 348 -12.47 -1.56 11.83
C LYS B 348 -13.92 -1.14 11.71
N GLY B 349 -14.36 -0.83 10.49
CA GLY B 349 -15.74 -0.46 10.29
C GLY B 349 -16.65 -1.64 10.59
N TRP B 350 -16.12 -2.86 10.47
CA TRP B 350 -16.91 -4.06 10.73
C TRP B 350 -17.24 -4.18 12.20
N VAL B 351 -16.51 -3.43 13.03
CA VAL B 351 -16.74 -3.44 14.47
C VAL B 351 -17.42 -2.17 14.96
N ASN B 352 -17.06 -1.03 14.38
CA ASN B 352 -17.61 0.25 14.83
C ASN B 352 -18.92 0.74 14.23
N GLU B 353 -19.37 0.12 13.15
CA GLU B 353 -20.62 0.48 12.50
C GLU B 353 -21.79 0.43 13.50
N ILE B 354 -22.69 1.38 13.40
CA ILE B 354 -23.87 1.40 14.27
C ILE B 354 -25.08 1.15 13.38
N LEU B 355 -25.54 -0.10 13.37
CA LEU B 355 -26.67 -0.52 12.54
C LEU B 355 -28.03 -0.18 13.17
N PHE B 356 -29.06 -0.12 12.34
CA PHE B 356 -30.42 0.13 12.82
C PHE B 356 -31.37 -0.88 12.17
N GLU B 357 -32.62 -0.93 12.66
CA GLU B 357 -33.64 -1.85 12.18
C GLU B 357 -33.54 -2.35 10.73
N SER B 358 -33.61 -1.43 9.79
CA SER B 358 -33.57 -1.75 8.37
C SER B 358 -32.41 -2.66 7.95
N ASP B 359 -31.32 -2.68 8.73
CA ASP B 359 -30.17 -3.51 8.39
C ASP B 359 -30.35 -4.97 8.77
N GLU B 360 -31.56 -5.32 9.18
CA GLU B 360 -31.85 -6.69 9.58
C GLU B 360 -31.55 -7.68 8.46
N ALA B 361 -31.92 -7.31 7.23
CA ALA B 361 -31.68 -8.18 6.08
C ALA B 361 -30.18 -8.42 5.87
N ILE B 362 -29.42 -7.32 5.78
CA ILE B 362 -27.97 -7.42 5.57
C ILE B 362 -27.33 -8.38 6.56
N VAL B 363 -27.70 -8.28 7.83
CA VAL B 363 -27.14 -9.16 8.86
C VAL B 363 -27.43 -10.62 8.55
N ALA B 364 -28.61 -10.88 7.96
CA ALA B 364 -28.98 -12.25 7.61
C ALA B 364 -28.02 -12.74 6.54
N TRP B 365 -27.76 -11.88 5.56
CA TRP B 365 -26.86 -12.20 4.46
C TRP B 365 -25.45 -12.50 4.94
N ARG B 366 -24.94 -11.72 5.88
CA ARG B 366 -23.60 -11.94 6.41
C ARG B 366 -23.51 -13.32 7.04
N LYS B 367 -24.51 -13.69 7.83
CA LYS B 367 -24.53 -14.98 8.49
C LYS B 367 -24.63 -16.13 7.50
N LEU B 368 -25.51 -16.00 6.50
CA LEU B 368 -25.68 -17.03 5.50
C LEU B 368 -24.43 -17.17 4.64
N ALA B 369 -23.94 -16.04 4.15
CA ALA B 369 -22.74 -16.01 3.33
C ALA B 369 -21.57 -16.63 4.08
N SER B 370 -21.56 -16.49 5.40
CA SER B 370 -20.49 -17.04 6.22
C SER B 370 -20.59 -18.55 6.42
N GLU B 371 -21.80 -19.07 6.36
CA GLU B 371 -22.00 -20.51 6.55
C GLU B 371 -22.19 -21.30 5.26
N HIS B 372 -22.39 -20.62 4.15
CA HIS B 372 -22.62 -21.32 2.89
C HIS B 372 -21.66 -21.00 1.73
N ASN B 373 -20.64 -20.18 2.00
CA ASN B 373 -19.69 -19.85 0.96
C ASN B 373 -18.86 -21.12 0.73
N GLN B 374 -18.37 -21.30 -0.49
CA GLN B 374 -17.60 -22.50 -0.80
C GLN B 374 -16.10 -22.42 -0.53
N GLY B 375 -15.67 -21.35 0.11
CA GLY B 375 -14.25 -21.19 0.41
C GLY B 375 -13.79 -19.75 0.44
N ILE B 376 -12.79 -19.46 1.28
CA ILE B 376 -12.26 -18.11 1.40
C ILE B 376 -10.99 -17.94 0.58
N GLN B 377 -11.01 -17.01 -0.38
CA GLN B 377 -9.85 -16.73 -1.21
C GLN B 377 -8.82 -15.97 -0.39
N THR B 378 -7.56 -16.38 -0.47
CA THR B 378 -6.50 -15.71 0.27
C THR B 378 -5.31 -15.37 -0.62
N GLN B 379 -4.34 -14.66 -0.05
CA GLN B 379 -3.15 -14.29 -0.81
C GLN B 379 -2.38 -15.57 -1.15
N ALA B 380 -2.65 -16.64 -0.40
CA ALA B 380 -2.00 -17.92 -0.63
C ALA B 380 -2.45 -18.48 -1.98
N HIS B 381 -3.72 -18.24 -2.33
CA HIS B 381 -4.24 -18.72 -3.62
C HIS B 381 -3.67 -17.85 -4.74
N VAL B 382 -3.51 -16.56 -4.44
CA VAL B 382 -2.99 -15.61 -5.41
C VAL B 382 -1.53 -15.79 -5.79
N SER B 383 -0.66 -16.06 -4.81
CA SER B 383 0.76 -16.24 -5.09
C SER B 383 1.27 -17.63 -4.73
N GLY B 384 1.34 -17.91 -3.43
CA GLY B 384 1.82 -19.19 -2.95
C GLY B 384 1.95 -19.17 -1.44
N LEU B 385 2.26 -20.32 -0.84
CA LEU B 385 2.40 -20.47 0.60
C LEU B 385 1.13 -21.07 1.21
N ALA C 2 3.37 5.08 21.86
CA ALA C 2 1.99 4.82 21.35
C ALA C 2 1.94 4.82 19.82
N ASN C 3 2.49 5.86 19.20
CA ASN C 3 2.50 5.99 17.75
C ASN C 3 3.85 5.66 17.12
N VAL C 4 4.88 5.56 17.95
CA VAL C 4 6.22 5.28 17.45
C VAL C 4 6.80 4.03 18.09
N ASP C 5 7.59 3.27 17.32
CA ASP C 5 8.22 2.07 17.84
C ASP C 5 8.95 2.34 19.15
N GLU C 6 8.73 1.49 20.14
CA GLU C 6 9.36 1.66 21.44
C GLU C 6 10.87 1.68 21.34
N ALA C 7 11.42 0.99 20.35
CA ALA C 7 12.86 0.96 20.15
C ALA C 7 13.39 2.36 19.86
N ILE C 8 12.59 3.16 19.16
CA ILE C 8 13.00 4.51 18.85
C ILE C 8 12.77 5.39 20.07
N LEU C 9 11.62 5.23 20.71
CA LEU C 9 11.30 6.03 21.88
C LEU C 9 12.33 5.83 23.00
N LYS C 10 12.88 4.63 23.10
CA LYS C 10 13.87 4.36 24.13
C LYS C 10 15.15 5.14 23.90
N ARG C 11 15.39 5.54 22.65
CA ARG C 11 16.60 6.29 22.32
C ARG C 11 16.43 7.82 22.42
N VAL C 12 15.23 8.29 22.71
CA VAL C 12 14.97 9.72 22.87
C VAL C 12 14.31 9.95 24.24
N LYS C 13 14.78 9.24 25.25
CA LYS C 13 14.23 9.31 26.60
C LYS C 13 14.02 10.69 27.22
N GLY C 14 14.78 11.69 26.78
CA GLY C 14 14.64 13.03 27.33
C GLY C 14 13.37 13.78 26.88
N TRP C 15 12.82 13.40 25.75
CA TRP C 15 11.60 14.02 25.22
C TRP C 15 10.81 13.02 24.37
N ALA C 16 10.63 11.82 24.93
CA ALA C 16 9.90 10.76 24.22
C ALA C 16 8.48 11.10 23.79
N PRO C 17 7.65 11.68 24.68
CA PRO C 17 6.28 12.02 24.29
C PRO C 17 6.19 12.91 23.06
N TYR C 18 7.11 13.86 22.95
CA TYR C 18 7.14 14.78 21.82
C TYR C 18 7.37 14.00 20.53
N VAL C 19 8.33 13.08 20.56
CA VAL C 19 8.60 12.26 19.40
C VAL C 19 7.43 11.34 19.09
N ASP C 20 6.69 10.96 20.14
CA ASP C 20 5.54 10.08 19.96
C ASP C 20 4.32 10.84 19.40
N ALA C 21 4.28 12.15 19.64
CA ALA C 21 3.14 12.97 19.19
C ALA C 21 3.09 13.28 17.69
N LYS C 22 3.20 12.24 16.88
CA LYS C 22 3.17 12.37 15.43
C LYS C 22 1.88 13.02 14.89
N LEU C 23 0.77 12.78 15.58
CA LEU C 23 -0.51 13.33 15.14
C LEU C 23 -0.90 14.60 15.90
N GLY C 24 -0.02 15.08 16.77
CA GLY C 24 -0.33 16.28 17.53
C GLY C 24 -0.84 16.01 18.94
N PHE C 25 -1.11 17.10 19.66
CA PHE C 25 -1.58 17.01 21.03
C PHE C 25 -3.08 17.24 21.15
N ARG C 26 -3.76 16.26 21.74
CA ARG C 26 -5.20 16.36 21.94
C ARG C 26 -5.46 17.24 23.16
N ASN C 27 -6.67 17.78 23.26
CA ASN C 27 -7.07 18.63 24.38
C ASN C 27 -6.43 20.02 24.42
N HIS C 28 -6.36 20.63 23.24
CA HIS C 28 -5.82 21.99 23.06
C HIS C 28 -6.66 22.66 21.97
N TRP C 29 -6.67 24.00 21.98
CA TRP C 29 -7.38 24.78 20.97
C TRP C 29 -6.46 24.96 19.76
N TYR C 30 -7.04 24.89 18.56
CA TYR C 30 -6.29 25.06 17.30
C TYR C 30 -7.06 25.92 16.30
N PRO C 31 -6.38 26.90 15.66
CA PRO C 31 -7.09 27.73 14.68
C PRO C 31 -7.11 26.94 13.36
N VAL C 32 -8.22 26.94 12.65
CA VAL C 32 -8.31 26.19 11.40
C VAL C 32 -8.72 27.00 10.18
N MET C 33 -9.25 28.19 10.40
CA MET C 33 -9.66 29.05 9.29
C MET C 33 -10.01 30.42 9.83
N PHE C 34 -10.31 31.34 8.93
CA PHE C 34 -10.67 32.69 9.34
C PHE C 34 -12.18 32.84 9.38
N SER C 35 -12.67 33.64 10.31
CA SER C 35 -14.12 33.86 10.47
C SER C 35 -14.83 34.18 9.16
N LYS C 36 -14.21 35.02 8.34
CA LYS C 36 -14.80 35.42 7.07
C LYS C 36 -14.91 34.28 6.07
N GLU C 37 -14.30 33.14 6.37
CA GLU C 37 -14.35 31.99 5.46
C GLU C 37 -15.55 31.08 5.67
N ILE C 38 -16.29 31.31 6.75
CA ILE C 38 -17.46 30.49 7.04
C ILE C 38 -18.69 31.38 7.24
N ASN C 39 -19.61 31.34 6.29
CA ASN C 39 -20.83 32.15 6.35
C ASN C 39 -22.03 31.37 6.86
N GLU C 40 -23.02 32.12 7.32
CA GLU C 40 -24.27 31.56 7.85
C GLU C 40 -24.82 30.46 6.94
N GLY C 41 -25.11 29.31 7.53
CA GLY C 41 -25.67 28.20 6.76
C GLY C 41 -24.84 27.62 5.63
N GLU C 42 -23.52 27.81 5.67
CA GLU C 42 -22.64 27.27 4.64
C GLU C 42 -21.54 26.41 5.28
N PRO C 43 -21.88 25.15 5.62
CA PRO C 43 -20.96 24.19 6.24
C PRO C 43 -19.64 24.01 5.50
N LYS C 44 -18.54 24.03 6.26
CA LYS C 44 -17.20 23.85 5.70
C LYS C 44 -16.54 22.63 6.33
N THR C 45 -15.77 21.90 5.52
CA THR C 45 -15.08 20.71 6.00
C THR C 45 -13.61 21.00 6.25
N LEU C 46 -12.99 20.17 7.08
CA LEU C 46 -11.57 20.29 7.40
C LEU C 46 -11.15 19.05 8.18
N LYS C 47 -9.84 18.79 8.22
CA LYS C 47 -9.32 17.64 8.96
C LYS C 47 -8.37 18.21 9.99
N LEU C 48 -8.56 17.83 11.25
CA LEU C 48 -7.72 18.31 12.34
C LEU C 48 -7.31 17.12 13.21
N LEU C 49 -6.02 16.99 13.45
CA LEU C 49 -5.49 15.90 14.26
C LEU C 49 -5.95 14.55 13.69
N GLY C 50 -6.11 14.52 12.37
CA GLY C 50 -6.52 13.32 11.66
C GLY C 50 -8.03 13.07 11.59
N GLU C 51 -8.81 13.88 12.29
CA GLU C 51 -10.26 13.71 12.31
C GLU C 51 -10.96 14.65 11.32
N ASN C 52 -11.89 14.09 10.54
CA ASN C 52 -12.65 14.90 9.59
C ASN C 52 -13.76 15.58 10.38
N LEU C 53 -13.86 16.90 10.25
CA LEU C 53 -14.86 17.66 10.97
C LEU C 53 -15.68 18.53 10.03
N LEU C 54 -16.79 19.04 10.55
CA LEU C 54 -17.67 19.94 9.81
C LEU C 54 -17.97 21.12 10.72
N VAL C 55 -17.94 22.32 10.16
CA VAL C 55 -18.24 23.52 10.92
C VAL C 55 -19.34 24.28 10.22
N ASN C 56 -20.29 24.81 10.98
CA ASN C 56 -21.38 25.59 10.41
C ASN C 56 -21.68 26.80 11.28
N ARG C 57 -22.18 27.86 10.67
CA ARG C 57 -22.53 29.07 11.40
C ARG C 57 -24.06 29.15 11.42
N ILE C 58 -24.64 29.09 12.61
CA ILE C 58 -26.10 29.14 12.76
C ILE C 58 -26.46 30.30 13.69
N ASP C 59 -27.25 31.23 13.18
CA ASP C 59 -27.62 32.41 13.95
C ASP C 59 -26.35 33.12 14.42
N GLY C 60 -25.33 33.07 13.57
CA GLY C 60 -24.06 33.73 13.88
C GLY C 60 -23.06 32.93 14.70
N LYS C 61 -23.50 31.88 15.37
CA LYS C 61 -22.62 31.07 16.20
C LYS C 61 -22.12 29.84 15.45
N LEU C 62 -20.87 29.46 15.73
CA LEU C 62 -20.27 28.31 15.06
C LEU C 62 -20.48 27.02 15.84
N TYR C 63 -20.67 25.93 15.10
CA TYR C 63 -20.84 24.61 15.68
C TYR C 63 -19.95 23.63 14.93
N CYS C 64 -19.37 22.68 15.65
CA CYS C 64 -18.49 21.70 15.04
C CYS C 64 -18.94 20.27 15.34
N LEU C 65 -19.11 19.49 14.27
CA LEU C 65 -19.54 18.09 14.36
C LEU C 65 -18.52 17.22 13.62
N LYS C 66 -18.35 15.99 14.07
CA LYS C 66 -17.43 15.11 13.37
C LYS C 66 -18.10 14.78 12.05
N ASP C 67 -17.33 14.83 10.96
CA ASP C 67 -17.83 14.54 9.64
C ASP C 67 -17.73 13.05 9.32
N ARG C 68 -18.50 12.25 10.06
CA ARG C 68 -18.55 10.80 9.87
C ARG C 68 -19.85 10.30 10.48
N CYS C 69 -20.74 9.82 9.62
CA CYS C 69 -22.02 9.32 10.09
C CYS C 69 -21.81 8.11 11.00
N LEU C 70 -22.59 8.03 12.06
CA LEU C 70 -22.50 6.92 13.01
C LEU C 70 -22.90 5.59 12.41
N HIS C 71 -23.71 5.65 11.37
CA HIS C 71 -24.24 4.46 10.71
C HIS C 71 -23.21 3.62 9.94
N ARG C 72 -22.88 4.06 8.72
CA ARG C 72 -21.91 3.32 7.90
C ARG C 72 -20.57 4.05 7.73
N GLY C 73 -20.36 5.09 8.53
CA GLY C 73 -19.09 5.81 8.50
C GLY C 73 -18.72 6.70 7.33
N VAL C 74 -19.71 7.07 6.51
CA VAL C 74 -19.42 7.94 5.37
C VAL C 74 -19.31 9.37 5.87
N GLN C 75 -18.66 10.22 5.07
CA GLN C 75 -18.56 11.63 5.43
C GLN C 75 -19.87 12.28 5.03
N LEU C 76 -20.50 12.99 5.96
CA LEU C 76 -21.75 13.67 5.69
C LEU C 76 -21.55 14.69 4.59
N SER C 77 -20.35 15.28 4.54
CA SER C 77 -20.00 16.30 3.55
C SER C 77 -19.96 15.81 2.10
N VAL C 78 -20.07 14.50 1.86
CA VAL C 78 -20.05 14.03 0.48
C VAL C 78 -21.22 14.67 -0.26
N LYS C 79 -22.29 14.94 0.47
CA LYS C 79 -23.49 15.58 -0.07
C LYS C 79 -24.24 16.18 1.10
N VAL C 80 -23.90 17.41 1.44
CA VAL C 80 -24.51 18.10 2.57
C VAL C 80 -26.00 18.35 2.40
N GLU C 81 -26.77 18.01 3.43
CA GLU C 81 -28.21 18.20 3.44
C GLU C 81 -28.66 18.75 4.79
N CYS C 82 -28.80 20.07 4.88
CA CYS C 82 -29.26 20.69 6.11
C CYS C 82 -30.72 21.09 5.85
N LYS C 83 -31.63 20.17 6.17
CA LYS C 83 -33.06 20.37 5.93
C LYS C 83 -33.74 21.34 6.88
N THR C 84 -33.22 21.48 8.09
CA THR C 84 -33.78 22.45 9.03
C THR C 84 -32.59 23.25 9.52
N LYS C 85 -32.85 24.48 9.93
CA LYS C 85 -31.81 25.39 10.40
C LYS C 85 -30.87 24.78 11.44
N SER C 86 -31.40 23.93 12.31
CA SER C 86 -30.60 23.34 13.40
C SER C 86 -30.11 21.90 13.20
N THR C 87 -30.28 21.34 12.02
CA THR C 87 -29.86 19.96 11.81
C THR C 87 -29.14 19.67 10.49
N ILE C 88 -28.62 18.45 10.39
CA ILE C 88 -27.95 17.97 9.20
C ILE C 88 -28.36 16.53 9.04
N THR C 89 -28.77 16.18 7.82
CA THR C 89 -29.22 14.83 7.50
C THR C 89 -28.22 14.11 6.61
N CYS C 90 -27.81 12.90 7.00
CA CYS C 90 -26.88 12.12 6.21
C CYS C 90 -27.55 11.82 4.87
N TRP C 91 -26.81 12.05 3.80
CA TRP C 91 -27.33 11.83 2.45
C TRP C 91 -27.58 10.38 2.09
N TYR C 92 -27.04 9.46 2.89
CA TYR C 92 -27.17 8.03 2.61
C TYR C 92 -28.47 7.38 3.08
N HIS C 93 -28.64 7.29 4.39
CA HIS C 93 -29.85 6.69 4.93
C HIS C 93 -30.69 7.67 5.74
N ALA C 94 -30.35 8.95 5.63
CA ALA C 94 -31.08 10.03 6.29
C ALA C 94 -31.02 10.16 7.80
N TRP C 95 -30.00 9.62 8.44
CA TRP C 95 -29.89 9.79 9.89
C TRP C 95 -29.70 11.29 10.08
N THR C 96 -30.46 11.89 10.99
CA THR C 96 -30.40 13.33 11.20
C THR C 96 -29.87 13.74 12.57
N TYR C 97 -28.90 14.67 12.56
CA TYR C 97 -28.27 15.14 13.78
C TYR C 97 -28.43 16.63 14.05
N ARG C 98 -28.44 16.99 15.33
CA ARG C 98 -28.54 18.38 15.77
C ARG C 98 -27.11 18.94 15.85
N TRP C 99 -26.90 20.14 15.34
CA TRP C 99 -25.57 20.74 15.39
C TRP C 99 -25.18 21.09 16.81
N GLU C 100 -26.17 21.45 17.62
CA GLU C 100 -25.93 21.86 19.00
C GLU C 100 -25.29 20.83 19.91
N ASP C 101 -25.73 19.58 19.83
CA ASP C 101 -25.17 18.54 20.70
C ASP C 101 -24.88 17.23 19.98
N GLY C 102 -25.08 17.21 18.66
CA GLY C 102 -24.80 16.02 17.87
C GLY C 102 -25.78 14.87 18.04
N VAL C 103 -26.81 15.07 18.86
CA VAL C 103 -27.78 14.01 19.08
C VAL C 103 -28.52 13.60 17.80
N LEU C 104 -28.64 12.31 17.60
CA LEU C 104 -29.38 11.77 16.45
C LEU C 104 -30.82 12.02 16.86
N CYS C 105 -31.46 13.03 16.25
CA CYS C 105 -32.84 13.39 16.61
C CYS C 105 -33.93 12.85 15.69
N ASP C 106 -33.55 12.36 14.51
CA ASP C 106 -34.50 11.83 13.55
C ASP C 106 -33.82 10.93 12.52
N ILE C 107 -34.64 10.12 11.84
CA ILE C 107 -34.18 9.22 10.79
C ILE C 107 -35.31 9.19 9.78
N LEU C 108 -35.17 9.98 8.72
CA LEU C 108 -36.18 10.08 7.68
C LEU C 108 -36.63 8.76 7.04
N THR C 109 -35.73 7.78 6.97
CA THR C 109 -36.07 6.50 6.35
C THR C 109 -36.74 5.49 7.29
N ASN C 110 -36.75 5.80 8.59
CA ASN C 110 -37.36 4.91 9.59
C ASN C 110 -37.67 5.73 10.85
N PRO C 111 -38.76 6.52 10.82
CA PRO C 111 -39.17 7.37 11.95
C PRO C 111 -39.45 6.68 13.27
N THR C 112 -39.57 5.36 13.27
CA THR C 112 -39.85 4.63 14.51
C THR C 112 -38.63 3.90 15.06
N SER C 113 -37.47 4.12 14.44
CA SER C 113 -36.25 3.47 14.89
C SER C 113 -35.94 3.71 16.35
N ALA C 114 -35.48 2.67 17.04
CA ALA C 114 -35.14 2.77 18.44
C ALA C 114 -33.81 3.48 18.67
N GLN C 115 -33.11 3.81 17.60
CA GLN C 115 -31.82 4.49 17.72
C GLN C 115 -32.01 5.99 17.93
N ILE C 116 -33.11 6.52 17.43
CA ILE C 116 -33.40 7.94 17.57
C ILE C 116 -33.37 8.40 19.03
N GLY C 117 -32.59 9.45 19.29
CA GLY C 117 -32.47 9.97 20.64
C GLY C 117 -31.51 9.19 21.50
N ARG C 118 -31.03 8.05 21.01
CA ARG C 118 -30.10 7.22 21.79
C ARG C 118 -28.69 7.12 21.23
N GLN C 119 -28.35 8.02 20.31
CA GLN C 119 -27.00 8.04 19.73
C GLN C 119 -26.62 9.50 19.55
N LYS C 120 -25.31 9.77 19.51
CA LYS C 120 -24.88 11.14 19.33
C LYS C 120 -23.55 11.23 18.63
N LEU C 121 -23.47 12.18 17.70
CA LEU C 121 -22.27 12.42 16.92
C LEU C 121 -21.33 13.27 17.76
N LYS C 122 -20.05 12.95 17.70
CA LYS C 122 -19.05 13.70 18.46
C LYS C 122 -19.07 15.17 18.06
N THR C 123 -18.99 16.05 19.05
CA THR C 123 -18.96 17.49 18.79
C THR C 123 -17.73 18.06 19.47
N TYR C 124 -17.26 19.21 18.99
CA TYR C 124 -16.12 19.86 19.58
C TYR C 124 -16.41 21.34 19.77
N PRO C 125 -15.90 21.94 20.85
CA PRO C 125 -16.11 23.36 21.12
C PRO C 125 -15.43 24.19 20.04
N VAL C 126 -16.05 25.29 19.67
CA VAL C 126 -15.51 26.19 18.65
C VAL C 126 -15.76 27.60 19.13
N GLN C 127 -14.81 28.50 18.89
CA GLN C 127 -14.98 29.88 19.28
C GLN C 127 -14.13 30.77 18.40
N GLU C 128 -14.61 31.99 18.19
CA GLU C 128 -13.92 32.94 17.34
C GLU C 128 -13.26 34.03 18.15
N ALA C 129 -12.05 34.39 17.76
CA ALA C 129 -11.29 35.43 18.43
C ALA C 129 -10.35 36.03 17.42
N LYS C 130 -10.29 37.36 17.40
CA LYS C 130 -9.41 38.07 16.49
C LYS C 130 -9.61 37.66 15.03
N GLY C 131 -10.86 37.35 14.68
CA GLY C 131 -11.17 36.96 13.31
C GLY C 131 -10.72 35.55 12.94
N CYS C 132 -10.28 34.78 13.93
CA CYS C 132 -9.82 33.42 13.69
C CYS C 132 -10.77 32.40 14.34
N VAL C 133 -10.95 31.26 13.68
CA VAL C 133 -11.81 30.20 14.16
C VAL C 133 -10.96 29.14 14.86
N PHE C 134 -11.16 28.97 16.17
CA PHE C 134 -10.42 27.97 16.95
C PHE C 134 -11.34 26.81 17.34
N ILE C 135 -10.81 25.59 17.25
CA ILE C 135 -11.57 24.41 17.62
C ILE C 135 -10.81 23.70 18.73
N TYR C 136 -11.53 23.33 19.79
CA TYR C 136 -10.90 22.62 20.89
C TYR C 136 -10.98 21.15 20.51
N LEU C 137 -9.88 20.60 20.01
CA LEU C 137 -9.88 19.18 19.62
C LEU C 137 -9.57 18.41 20.89
N GLY C 138 -10.58 18.25 21.74
CA GLY C 138 -10.40 17.54 22.99
C GLY C 138 -11.72 17.09 23.59
N ASP C 139 -11.65 16.53 24.79
CA ASP C 139 -12.83 16.02 25.47
C ASP C 139 -13.09 16.76 26.77
N GLY C 140 -14.35 16.89 27.15
CA GLY C 140 -14.69 17.59 28.38
C GLY C 140 -14.73 19.09 28.19
N ASP C 141 -14.98 19.81 29.28
CA ASP C 141 -15.05 21.27 29.22
C ASP C 141 -13.68 21.87 28.91
N PRO C 142 -13.62 22.69 27.87
CA PRO C 142 -12.35 23.32 27.46
C PRO C 142 -11.81 24.39 28.40
N PRO C 143 -10.48 24.60 28.36
CA PRO C 143 -9.85 25.61 29.22
C PRO C 143 -10.03 26.93 28.49
N PRO C 144 -9.57 28.04 29.09
CA PRO C 144 -9.75 29.32 28.38
C PRO C 144 -8.84 29.33 27.15
N LEU C 145 -9.31 29.94 26.06
CA LEU C 145 -8.51 30.00 24.84
C LEU C 145 -7.12 30.59 25.12
N ALA C 146 -7.06 31.58 26.00
CA ALA C 146 -5.80 32.24 26.33
C ALA C 146 -4.65 31.28 26.69
N ARG C 147 -4.98 30.13 27.28
CA ARG C 147 -3.95 29.18 27.65
C ARG C 147 -3.15 28.72 26.43
N ASP C 148 -3.84 28.54 25.32
CA ASP C 148 -3.21 28.06 24.10
C ASP C 148 -2.92 29.13 23.04
N THR C 149 -2.66 30.35 23.49
CA THR C 149 -2.33 31.45 22.58
C THR C 149 -1.08 32.12 23.13
N PRO C 150 -0.24 32.68 22.24
CA PRO C 150 0.98 33.35 22.70
C PRO C 150 0.63 34.69 23.35
N PRO C 151 1.55 35.24 24.15
CA PRO C 151 1.29 36.54 24.80
C PRO C 151 0.95 37.65 23.81
N ASN C 152 -0.01 38.49 24.18
CA ASN C 152 -0.44 39.66 23.39
C ASN C 152 -1.36 39.41 22.20
N PHE C 153 -1.43 38.17 21.73
CA PHE C 153 -2.28 37.87 20.58
C PHE C 153 -3.73 38.31 20.81
N LEU C 154 -4.20 38.14 22.04
CA LEU C 154 -5.57 38.51 22.37
C LEU C 154 -5.78 39.94 22.90
N ASP C 155 -4.71 40.74 22.98
CA ASP C 155 -4.82 42.11 23.48
C ASP C 155 -5.94 42.88 22.75
N ASP C 156 -6.65 43.74 23.46
CA ASP C 156 -7.76 44.49 22.87
C ASP C 156 -7.42 45.34 21.63
N ASP C 157 -6.29 46.04 21.65
CA ASP C 157 -5.90 46.90 20.54
C ASP C 157 -5.08 46.18 19.46
N MET C 158 -4.81 44.90 19.66
CA MET C 158 -4.04 44.12 18.70
C MET C 158 -4.90 43.72 17.50
N GLU C 159 -4.64 44.31 16.35
CA GLU C 159 -5.40 43.99 15.15
C GLU C 159 -4.70 42.80 14.49
N ILE C 160 -5.47 41.73 14.24
CA ILE C 160 -4.92 40.51 13.65
C ILE C 160 -5.42 40.26 12.23
N LEU C 161 -4.48 40.01 11.32
CA LEU C 161 -4.78 39.71 9.93
C LEU C 161 -3.84 38.58 9.56
N GLY C 162 -4.29 37.68 8.70
CA GLY C 162 -3.42 36.58 8.34
C GLY C 162 -3.75 35.83 7.07
N LYS C 163 -3.11 34.67 6.94
CA LYS C 163 -3.28 33.82 5.77
C LYS C 163 -3.13 32.38 6.26
N ASN C 164 -3.78 31.45 5.57
CA ASN C 164 -3.67 30.04 5.98
C ASN C 164 -3.54 29.16 4.75
N GLN C 165 -2.80 28.06 4.88
CA GLN C 165 -2.64 27.13 3.77
C GLN C 165 -2.20 25.77 4.26
N ILE C 166 -2.32 24.77 3.40
CA ILE C 166 -1.94 23.40 3.76
C ILE C 166 -0.53 23.12 3.26
N ILE C 167 0.34 22.70 4.17
CA ILE C 167 1.72 22.38 3.81
C ILE C 167 2.01 20.89 4.04
N LYS C 168 2.73 20.28 3.11
CA LYS C 168 3.05 18.87 3.19
C LYS C 168 4.27 18.48 4.02
N SER C 169 4.11 18.54 5.34
CA SER C 169 5.13 18.11 6.28
C SER C 169 4.46 17.94 7.63
N ASN C 170 5.06 17.09 8.45
CA ASN C 170 4.53 16.88 9.78
C ASN C 170 4.62 18.23 10.50
N TRP C 171 3.68 18.47 11.42
CA TRP C 171 3.64 19.72 12.16
C TRP C 171 4.91 20.07 12.95
N ARG C 172 5.59 19.06 13.49
CA ARG C 172 6.79 19.31 14.29
C ARG C 172 7.97 19.82 13.46
N LEU C 173 8.07 19.39 12.21
CA LEU C 173 9.16 19.83 11.35
C LEU C 173 8.95 21.34 11.12
N ALA C 174 7.69 21.75 11.04
CA ALA C 174 7.35 23.16 10.85
C ALA C 174 7.70 23.95 12.12
N VAL C 175 7.34 23.39 13.28
CA VAL C 175 7.64 24.04 14.55
C VAL C 175 9.14 24.31 14.68
N GLU C 176 9.94 23.28 14.41
CA GLU C 176 11.37 23.41 14.55
C GLU C 176 12.06 24.19 13.43
N ASN C 177 11.30 24.50 12.38
CA ASN C 177 11.82 25.31 11.29
C ASN C 177 11.62 26.76 11.73
N GLY C 178 10.47 27.02 12.36
CA GLY C 178 10.16 28.37 12.83
C GLY C 178 10.94 28.80 14.07
N PHE C 179 10.96 27.96 15.10
CA PHE C 179 11.66 28.25 16.34
C PHE C 179 13.09 27.76 16.19
N ASP C 180 13.85 28.45 15.36
CA ASP C 180 15.23 28.07 15.05
C ASP C 180 15.96 29.36 14.68
N PRO C 181 16.89 29.81 15.52
CA PRO C 181 17.66 31.04 15.31
C PRO C 181 18.72 31.04 14.22
N SER C 182 19.11 29.87 13.73
CA SER C 182 20.13 29.81 12.69
C SER C 182 19.56 29.56 11.31
N HIS C 183 18.31 29.13 11.23
CA HIS C 183 17.71 28.83 9.94
C HIS C 183 17.46 30.05 9.05
N ILE C 184 17.48 31.25 9.63
CA ILE C 184 17.24 32.44 8.82
C ILE C 184 18.29 32.65 7.73
N TYR C 185 19.29 31.78 7.70
CA TYR C 185 20.32 31.85 6.67
C TYR C 185 19.60 31.61 5.34
N ILE C 186 18.53 30.82 5.38
CA ILE C 186 17.78 30.50 4.18
C ILE C 186 17.02 31.71 3.64
N HIS C 187 16.84 32.72 4.49
CA HIS C 187 16.11 33.93 4.12
C HIS C 187 17.01 35.11 3.75
N LYS C 188 18.32 34.88 3.66
CA LYS C 188 19.27 35.96 3.37
C LYS C 188 18.98 36.75 2.09
N ASP C 189 18.30 36.14 1.13
CA ASP C 189 17.98 36.82 -0.12
C ASP C 189 16.50 37.21 -0.25
N SER C 190 15.77 37.13 0.86
CA SER C 190 14.36 37.48 0.83
C SER C 190 14.15 38.95 0.46
N ILE C 191 13.15 39.22 -0.38
CA ILE C 191 12.85 40.58 -0.78
C ILE C 191 12.50 41.43 0.44
N LEU C 192 11.93 40.82 1.47
CA LEU C 192 11.56 41.55 2.68
C LEU C 192 12.76 42.23 3.32
N VAL C 193 13.89 41.54 3.33
CA VAL C 193 15.12 42.06 3.92
C VAL C 193 15.54 43.39 3.31
N LYS C 194 15.68 43.43 2.00
CA LYS C 194 16.08 44.64 1.29
C LYS C 194 14.95 45.67 1.28
N ASP C 195 13.81 45.25 0.74
CA ASP C 195 12.63 46.12 0.61
C ASP C 195 12.09 46.74 1.89
N ASN C 196 12.31 46.13 3.04
CA ASN C 196 11.83 46.73 4.27
C ASN C 196 12.98 47.21 5.15
N ASP C 197 14.16 47.34 4.53
CA ASP C 197 15.36 47.83 5.21
C ASP C 197 15.60 47.23 6.59
N LEU C 198 15.65 45.90 6.66
CA LEU C 198 15.88 45.22 7.92
C LEU C 198 17.34 44.97 8.24
N ALA C 199 17.61 44.90 9.53
CA ALA C 199 18.93 44.57 10.03
C ALA C 199 18.67 43.09 10.33
N LEU C 200 19.31 42.20 9.59
CA LEU C 200 19.11 40.78 9.81
C LEU C 200 20.40 40.02 9.58
N PRO C 201 20.93 39.36 10.63
CA PRO C 201 22.17 38.62 10.45
C PRO C 201 21.91 37.30 9.71
N LEU C 202 22.98 36.58 9.42
CA LEU C 202 22.83 35.30 8.75
C LEU C 202 22.23 34.30 9.74
N GLY C 203 22.40 34.61 11.03
CA GLY C 203 21.88 33.77 12.08
C GLY C 203 22.23 34.35 13.44
N PHE C 204 21.57 33.86 14.49
CA PHE C 204 21.86 34.31 15.84
C PHE C 204 22.52 33.14 16.57
N ALA C 205 23.77 33.34 16.98
CA ALA C 205 24.52 32.30 17.68
C ALA C 205 24.33 32.45 19.19
N PRO C 206 24.58 31.38 19.95
CA PRO C 206 24.42 31.41 21.41
C PRO C 206 25.39 32.40 22.06
N GLY C 207 24.90 33.10 23.08
CA GLY C 207 25.72 34.06 23.78
C GLY C 207 26.55 33.40 24.87
N GLY C 208 27.08 34.18 25.79
CA GLY C 208 27.90 33.62 26.86
C GLY C 208 27.21 32.68 27.83
N ASP C 209 25.94 32.92 28.12
CA ASP C 209 25.21 32.08 29.07
C ASP C 209 23.84 31.64 28.57
N ARG C 210 23.72 30.34 28.29
CA ARG C 210 22.46 29.78 27.80
C ARG C 210 21.33 29.86 28.82
N LYS C 211 21.68 29.85 30.10
CA LYS C 211 20.66 29.91 31.14
C LYS C 211 19.87 31.21 31.03
N GLN C 212 20.50 32.23 30.46
CA GLN C 212 19.83 33.52 30.30
C GLN C 212 19.19 33.64 28.92
N GLN C 213 19.77 32.99 27.92
CA GLN C 213 19.21 33.09 26.58
C GLN C 213 17.92 32.29 26.45
N THR C 214 17.86 31.12 27.09
CA THR C 214 16.65 30.30 27.04
C THR C 214 15.83 30.56 28.28
N ARG C 215 14.55 30.84 28.09
CA ARG C 215 13.67 31.08 29.22
C ARG C 215 12.43 30.20 29.10
N VAL C 216 12.36 29.18 29.95
CA VAL C 216 11.22 28.28 29.93
C VAL C 216 10.11 28.92 30.76
N VAL C 217 8.92 29.03 30.19
CA VAL C 217 7.80 29.62 30.89
C VAL C 217 6.73 28.58 31.24
N ASP C 218 6.63 28.26 32.53
CA ASP C 218 5.62 27.30 32.98
C ASP C 218 4.93 27.79 34.24
N ASP C 219 5.03 29.09 34.49
CA ASP C 219 4.42 29.73 35.65
C ASP C 219 3.59 30.93 35.22
N ASP C 220 3.03 30.87 34.01
CA ASP C 220 2.21 31.95 33.48
C ASP C 220 0.83 31.88 34.12
N VAL C 221 0.28 33.03 34.49
CA VAL C 221 -1.02 33.10 35.13
C VAL C 221 -2.17 32.48 34.32
N VAL C 222 -2.17 32.68 33.01
CA VAL C 222 -3.24 32.13 32.17
C VAL C 222 -2.95 30.66 31.84
N GLY C 223 -1.83 30.15 32.37
CA GLY C 223 -1.48 28.77 32.14
C GLY C 223 -0.77 28.44 30.84
N ARG C 224 -0.38 29.44 30.05
CA ARG C 224 0.32 29.14 28.81
C ARG C 224 1.70 28.57 29.13
N LYS C 225 2.17 27.66 28.29
CA LYS C 225 3.47 27.02 28.50
C LYS C 225 4.30 27.17 27.23
N GLY C 226 5.50 27.75 27.36
CA GLY C 226 6.32 27.94 26.19
C GLY C 226 7.77 28.18 26.51
N VAL C 227 8.55 28.46 25.48
CA VAL C 227 9.97 28.72 25.62
C VAL C 227 10.42 29.91 24.79
N TYR C 228 11.16 30.81 25.42
CA TYR C 228 11.71 31.99 24.74
C TYR C 228 13.17 31.75 24.40
N ASP C 229 13.58 32.20 23.22
CA ASP C 229 14.98 32.14 22.83
C ASP C 229 15.27 33.65 22.70
N LEU C 230 15.87 34.25 23.72
CA LEU C 230 16.14 35.69 23.72
C LEU C 230 17.38 36.00 22.89
N ILE C 231 17.23 35.84 21.58
CA ILE C 231 18.33 36.05 20.66
C ILE C 231 18.86 37.47 20.61
N GLY C 232 17.97 38.45 20.68
CA GLY C 232 18.39 39.84 20.62
C GLY C 232 19.17 40.35 21.82
N GLU C 233 18.70 40.04 23.02
CA GLU C 233 19.40 40.53 24.21
C GLU C 233 20.48 39.60 24.75
N HIS C 234 20.47 38.33 24.36
CA HIS C 234 21.48 37.41 24.85
C HIS C 234 22.23 36.63 23.76
N GLY C 235 21.74 36.69 22.53
CA GLY C 235 22.40 35.98 21.45
C GLY C 235 23.44 36.83 20.73
N VAL C 236 24.12 36.24 19.76
CA VAL C 236 25.13 36.94 19.00
C VAL C 236 24.76 36.97 17.52
N PRO C 237 24.47 38.18 16.98
CA PRO C 237 24.11 38.28 15.56
C PRO C 237 25.33 38.04 14.69
N VAL C 238 25.26 37.04 13.81
CA VAL C 238 26.38 36.77 12.93
C VAL C 238 26.12 37.43 11.59
N PHE C 239 26.83 38.52 11.31
CA PHE C 239 26.66 39.27 10.07
C PHE C 239 27.67 38.91 8.99
N GLU C 240 28.81 38.36 9.39
CA GLU C 240 29.85 37.99 8.44
C GLU C 240 30.03 36.48 8.41
N GLY C 241 29.63 35.85 7.31
CA GLY C 241 29.77 34.41 7.17
C GLY C 241 31.12 34.07 6.58
N THR C 242 31.91 33.31 7.32
CA THR C 242 33.25 32.93 6.88
C THR C 242 33.49 31.44 6.66
N ILE C 243 34.39 31.15 5.73
CA ILE C 243 34.81 29.79 5.43
C ILE C 243 36.32 29.88 5.39
N GLY C 244 36.99 29.15 6.28
CA GLY C 244 38.43 29.22 6.32
C GLY C 244 38.87 30.62 6.71
N GLY C 245 38.00 31.31 7.44
CA GLY C 245 38.33 32.66 7.88
C GLY C 245 38.06 33.77 6.88
N GLU C 246 37.72 33.41 5.65
CA GLU C 246 37.44 34.41 4.63
C GLU C 246 35.94 34.66 4.54
N VAL C 247 35.55 35.93 4.42
CA VAL C 247 34.14 36.30 4.34
C VAL C 247 33.56 35.96 2.97
N VAL C 248 32.60 35.04 2.95
CA VAL C 248 31.97 34.64 1.70
C VAL C 248 30.57 35.18 1.59
N ARG C 249 30.00 35.61 2.71
CA ARG C 249 28.66 36.15 2.72
C ARG C 249 28.40 37.01 3.94
N GLU C 250 27.64 38.10 3.77
CA GLU C 250 27.30 38.97 4.88
C GLU C 250 25.81 39.11 5.04
N GLY C 251 25.37 39.45 6.24
CA GLY C 251 23.95 39.63 6.51
C GLY C 251 23.46 40.98 5.99
N ALA C 252 22.32 41.44 6.48
CA ALA C 252 21.76 42.72 6.05
C ALA C 252 21.94 43.80 7.11
N TYR C 253 22.48 44.93 6.71
CA TYR C 253 22.73 46.03 7.62
C TYR C 253 21.71 47.15 7.53
N GLY C 254 20.43 46.79 7.47
CA GLY C 254 19.37 47.78 7.39
C GLY C 254 19.21 48.48 8.73
N GLU C 255 18.33 49.47 8.80
CA GLU C 255 18.13 50.22 10.03
C GLU C 255 17.02 49.72 10.95
N LYS C 256 16.04 48.99 10.41
CA LYS C 256 14.95 48.50 11.24
C LYS C 256 15.33 47.30 12.10
N ILE C 257 15.16 47.46 13.41
CA ILE C 257 15.50 46.41 14.37
C ILE C 257 14.30 45.51 14.63
N VAL C 258 14.46 44.23 14.29
CA VAL C 258 13.40 43.24 14.46
C VAL C 258 13.98 41.94 15.05
N ALA C 259 13.10 40.99 15.34
CA ALA C 259 13.51 39.70 15.88
C ALA C 259 14.33 39.83 17.17
N ASN C 260 13.79 40.55 18.15
CA ASN C 260 14.49 40.69 19.43
C ASN C 260 14.34 39.37 20.18
N ASP C 261 13.21 38.70 19.99
CA ASP C 261 12.98 37.43 20.67
C ASP C 261 11.96 36.56 19.94
N ILE C 262 12.14 35.25 20.03
CA ILE C 262 11.20 34.32 19.44
C ILE C 262 10.77 33.38 20.56
N SER C 263 9.54 32.90 20.48
CA SER C 263 9.05 31.99 21.51
C SER C 263 8.06 31.01 20.90
N ILE C 264 8.09 29.78 21.40
CA ILE C 264 7.22 28.73 20.92
C ILE C 264 6.33 28.32 22.09
N TRP C 265 5.03 28.15 21.84
CA TRP C 265 4.08 27.82 22.88
C TRP C 265 3.20 26.63 22.52
N LEU C 266 2.81 25.85 23.53
CA LEU C 266 1.90 24.74 23.26
C LEU C 266 0.61 25.39 22.81
N PRO C 267 -0.13 24.73 21.91
CA PRO C 267 0.14 23.42 21.33
C PRO C 267 1.11 23.44 20.14
N GLY C 268 1.54 24.63 19.74
CA GLY C 268 2.45 24.73 18.61
C GLY C 268 2.25 26.04 17.86
N VAL C 269 2.58 27.14 18.54
CA VAL C 269 2.45 28.46 17.94
C VAL C 269 3.69 29.30 18.28
N LEU C 270 4.26 29.89 17.23
CA LEU C 270 5.46 30.70 17.37
C LEU C 270 5.12 32.19 17.39
N LYS C 271 5.86 32.95 18.19
CA LYS C 271 5.68 34.40 18.25
C LYS C 271 7.02 35.03 17.95
N VAL C 272 7.07 35.90 16.93
CA VAL C 272 8.31 36.58 16.56
C VAL C 272 8.10 38.05 16.89
N ASN C 273 8.98 38.61 17.71
CA ASN C 273 8.85 39.99 18.18
C ASN C 273 10.12 40.84 18.17
N PRO C 274 10.10 41.99 17.46
CA PRO C 274 9.00 42.47 16.63
C PRO C 274 9.22 41.93 15.22
N TRP C 275 8.16 41.85 14.41
CA TRP C 275 8.26 41.30 13.07
C TRP C 275 6.94 41.50 12.33
N PRO C 276 6.99 41.83 11.03
CA PRO C 276 8.16 42.03 10.17
C PRO C 276 8.63 43.50 10.20
N ASN C 277 8.00 44.29 11.06
CA ASN C 277 8.35 45.71 11.22
C ASN C 277 8.45 45.93 12.73
N PRO C 278 9.20 46.96 13.16
CA PRO C 278 9.37 47.25 14.59
C PRO C 278 8.10 47.43 15.41
N ASP C 279 7.00 47.77 14.75
CA ASP C 279 5.74 48.00 15.46
C ASP C 279 4.73 46.86 15.29
N MET C 280 5.22 45.71 14.83
CA MET C 280 4.33 44.56 14.62
C MET C 280 4.90 43.29 15.25
N MET C 281 4.08 42.24 15.23
CA MET C 281 4.45 40.93 15.78
C MET C 281 3.90 39.89 14.83
N GLN C 282 4.56 38.74 14.72
CA GLN C 282 4.05 37.67 13.88
C GLN C 282 3.74 36.48 14.78
N PHE C 283 2.54 35.92 14.64
CA PHE C 283 2.12 34.75 15.41
C PHE C 283 1.74 33.71 14.36
N GLU C 284 2.35 32.53 14.40
CA GLU C 284 2.01 31.49 13.43
C GLU C 284 1.90 30.12 14.06
N TRP C 285 0.83 29.43 13.69
CA TRP C 285 0.53 28.09 14.18
C TRP C 285 0.90 27.05 13.11
N TYR C 286 1.28 25.87 13.58
CA TYR C 286 1.63 24.76 12.70
C TYR C 286 0.63 23.71 13.20
N VAL C 287 -0.56 23.73 12.61
CA VAL C 287 -1.66 22.86 13.02
C VAL C 287 -1.66 21.47 12.39
N PRO C 288 -1.63 20.41 13.23
CA PRO C 288 -1.63 19.04 12.70
C PRO C 288 -2.91 18.70 11.95
N ILE C 289 -2.79 18.29 10.70
CA ILE C 289 -3.94 17.87 9.91
C ILE C 289 -3.94 16.33 9.97
N ASP C 290 -2.78 15.74 9.68
CA ASP C 290 -2.55 14.30 9.77
C ASP C 290 -1.05 14.14 9.98
N GLU C 291 -0.52 12.93 10.00
CA GLU C 291 0.92 12.78 10.26
C GLU C 291 1.84 13.39 9.22
N ASN C 292 1.32 13.67 8.02
CA ASN C 292 2.14 14.20 6.93
C ASN C 292 1.83 15.64 6.52
N THR C 293 0.83 16.23 7.15
CA THR C 293 0.36 17.55 6.75
C THR C 293 0.01 18.50 7.89
N HIS C 294 0.08 19.80 7.64
CA HIS C 294 -0.28 20.78 8.65
C HIS C 294 -0.81 22.06 8.02
N TYR C 295 -1.55 22.83 8.80
CA TYR C 295 -2.03 24.12 8.32
C TYR C 295 -0.93 25.06 8.76
N TYR C 296 -0.49 25.94 7.87
CA TYR C 296 0.51 26.92 8.23
C TYR C 296 -0.38 28.16 8.39
N PHE C 297 -0.86 28.37 9.61
CA PHE C 297 -1.76 29.47 9.94
C PHE C 297 -0.97 30.70 10.41
N GLN C 298 -0.75 31.63 9.48
CA GLN C 298 0.03 32.85 9.76
C GLN C 298 -0.82 34.06 10.12
N THR C 299 -0.38 34.83 11.13
CA THR C 299 -1.08 36.05 11.50
C THR C 299 -0.06 37.10 11.84
N LEU C 300 -0.40 38.35 11.55
CA LEU C 300 0.45 39.49 11.84
C LEU C 300 -0.36 40.40 12.75
N GLY C 301 0.24 40.81 13.86
CA GLY C 301 -0.45 41.68 14.77
C GLY C 301 0.13 43.06 14.83
N LYS C 302 -0.73 44.06 14.86
CA LYS C 302 -0.30 45.45 14.94
C LYS C 302 -1.27 46.23 15.83
N PRO C 303 -0.75 46.82 16.91
CA PRO C 303 -1.62 47.60 17.80
C PRO C 303 -2.17 48.79 17.03
N CYS C 304 -3.49 48.91 17.02
CA CYS C 304 -4.17 50.01 16.34
C CYS C 304 -5.04 50.71 17.39
N ALA C 305 -4.90 52.01 17.50
CA ALA C 305 -5.63 52.77 18.52
C ALA C 305 -6.97 53.36 18.11
N ASN C 306 -7.33 53.27 16.82
CA ASN C 306 -8.60 53.82 16.35
C ASN C 306 -8.97 53.25 14.99
N ASP C 307 -10.16 53.58 14.51
CA ASP C 307 -10.63 53.07 13.21
C ASP C 307 -9.71 53.44 12.06
N GLU C 308 -9.21 54.69 12.07
CA GLU C 308 -8.31 55.14 11.02
C GLU C 308 -7.08 54.24 10.91
N GLU C 309 -6.48 53.92 12.05
CA GLU C 309 -5.29 53.05 12.07
C GLU C 309 -5.60 51.62 11.65
N ARG C 310 -6.76 51.10 12.04
CA ARG C 310 -7.13 49.75 11.66
C ARG C 310 -7.32 49.66 10.15
N LYS C 311 -7.94 50.68 9.58
CA LYS C 311 -8.17 50.69 8.14
C LYS C 311 -6.85 50.81 7.38
N LYS C 312 -5.96 51.67 7.86
CA LYS C 312 -4.66 51.83 7.22
C LYS C 312 -3.90 50.50 7.28
N TYR C 313 -4.06 49.79 8.40
CA TYR C 313 -3.39 48.51 8.57
C TYR C 313 -3.91 47.47 7.58
N GLU C 314 -5.23 47.39 7.44
CA GLU C 314 -5.81 46.41 6.51
C GLU C 314 -5.25 46.64 5.11
N GLN C 315 -5.13 47.90 4.71
CA GLN C 315 -4.63 48.24 3.38
C GLN C 315 -3.14 47.92 3.22
N GLU C 316 -2.35 48.20 4.24
CA GLU C 316 -0.92 47.93 4.16
C GLU C 316 -0.67 46.43 4.22
N PHE C 317 -1.52 45.71 4.92
CA PHE C 317 -1.39 44.26 5.03
C PHE C 317 -1.53 43.66 3.64
N GLU C 318 -2.62 44.02 2.95
CA GLU C 318 -2.87 43.50 1.62
C GLU C 318 -1.84 43.94 0.59
N SER C 319 -1.48 45.22 0.60
CA SER C 319 -0.53 45.73 -0.40
C SER C 319 0.93 45.45 -0.11
N LYS C 320 1.29 45.29 1.16
CA LYS C 320 2.69 45.07 1.49
C LYS C 320 3.04 43.87 2.38
N TRP C 321 2.48 43.83 3.58
CA TRP C 321 2.84 42.76 4.52
C TRP C 321 2.55 41.33 4.08
N LYS C 322 1.38 41.09 3.50
CA LYS C 322 1.06 39.74 3.06
C LYS C 322 2.01 39.27 1.95
N PRO C 323 2.09 40.03 0.85
CA PRO C 323 3.00 39.59 -0.22
C PRO C 323 4.49 39.66 0.10
N MET C 324 4.92 40.73 0.76
CA MET C 324 6.34 40.89 1.07
C MET C 324 6.85 40.04 2.24
N ALA C 325 6.03 39.88 3.28
CA ALA C 325 6.47 39.11 4.44
C ALA C 325 5.91 37.69 4.51
N LEU C 326 4.60 37.56 4.68
CA LEU C 326 4.01 36.24 4.79
C LEU C 326 4.32 35.34 3.61
N GLU C 327 4.47 35.93 2.43
CA GLU C 327 4.80 35.15 1.25
C GLU C 327 6.28 35.34 0.90
N GLY C 328 6.67 36.59 0.68
CA GLY C 328 8.06 36.88 0.32
C GLY C 328 9.13 36.39 1.28
N PHE C 329 8.84 36.34 2.56
CA PHE C 329 9.82 35.87 3.54
C PHE C 329 9.59 34.39 3.85
N ASN C 330 8.38 34.03 4.25
CA ASN C 330 8.08 32.65 4.62
C ASN C 330 7.95 31.59 3.52
N ASN C 331 7.80 32.00 2.26
CA ASN C 331 7.67 30.98 1.22
C ASN C 331 8.87 30.01 1.22
N ASP C 332 10.06 30.48 1.54
CA ASP C 332 11.21 29.57 1.55
C ASP C 332 11.11 28.56 2.70
N ASP C 333 10.36 28.89 3.74
CA ASP C 333 10.21 27.95 4.87
C ASP C 333 9.43 26.71 4.43
N ILE C 334 8.55 26.91 3.44
CA ILE C 334 7.73 25.81 2.93
C ILE C 334 8.56 24.68 2.33
N TRP C 335 9.44 24.99 1.38
CA TRP C 335 10.25 23.92 0.81
C TRP C 335 11.30 23.44 1.81
N ALA C 336 11.68 24.31 2.75
CA ALA C 336 12.65 23.91 3.78
C ALA C 336 12.03 22.78 4.61
N ARG C 337 10.76 22.96 4.96
CA ARG C 337 10.04 21.95 5.75
C ARG C 337 9.91 20.67 4.95
N GLU C 338 9.57 20.79 3.68
CA GLU C 338 9.40 19.62 2.84
C GLU C 338 10.71 18.85 2.71
N ALA C 339 11.83 19.56 2.76
CA ALA C 339 13.16 18.95 2.64
C ALA C 339 13.54 18.06 3.82
N MET C 340 12.87 18.24 4.97
CA MET C 340 13.18 17.42 6.14
C MET C 340 12.32 16.16 6.24
N VAL C 341 11.26 16.07 5.43
CA VAL C 341 10.37 14.92 5.49
C VAL C 341 11.03 13.55 5.38
N ASP C 342 11.83 13.33 4.34
CA ASP C 342 12.45 12.02 4.15
C ASP C 342 13.24 11.51 5.36
N PHE C 343 14.06 12.39 5.94
CA PHE C 343 14.89 12.03 7.09
C PHE C 343 14.10 11.60 8.33
N TYR C 344 12.95 12.22 8.54
CA TYR C 344 12.12 11.92 9.69
C TYR C 344 10.93 11.00 9.39
N ALA C 345 10.79 10.60 8.13
CA ALA C 345 9.68 9.76 7.70
C ALA C 345 9.42 8.49 8.51
N ASP C 346 10.48 7.75 8.85
CA ASP C 346 10.30 6.53 9.61
C ASP C 346 10.62 6.72 11.08
N ASP C 347 10.58 7.97 11.53
CA ASP C 347 10.86 8.35 12.91
C ASP C 347 12.32 8.21 13.32
N LYS C 348 13.15 7.68 12.43
CA LYS C 348 14.56 7.50 12.75
C LYS C 348 15.35 8.82 12.80
N GLY C 349 14.83 9.85 12.14
CA GLY C 349 15.51 11.13 12.14
C GLY C 349 15.67 11.71 13.54
N TRP C 350 14.71 11.44 14.42
CA TRP C 350 14.77 11.96 15.78
C TRP C 350 15.97 11.40 16.54
N VAL C 351 16.46 10.26 16.09
CA VAL C 351 17.61 9.62 16.71
C VAL C 351 18.90 9.92 15.93
N ASN C 352 18.79 10.04 14.61
CA ASN C 352 19.97 10.26 13.77
C ASN C 352 20.45 11.70 13.54
N GLU C 353 19.60 12.67 13.83
CA GLU C 353 19.95 14.08 13.68
C GLU C 353 21.16 14.38 14.55
N ILE C 354 21.98 15.34 14.16
CA ILE C 354 23.12 15.75 14.97
C ILE C 354 22.88 17.24 15.19
N LEU C 355 22.43 17.61 16.38
CA LEU C 355 22.13 19.01 16.66
C LEU C 355 23.37 19.78 17.11
N PHE C 356 23.29 21.11 17.08
CA PHE C 356 24.41 21.91 17.56
C PHE C 356 23.92 22.92 18.58
N GLU C 357 24.80 23.76 19.10
CA GLU C 357 24.45 24.71 20.15
C GLU C 357 23.26 25.63 19.89
N SER C 358 23.04 26.00 18.63
CA SER C 358 21.94 26.89 18.30
C SER C 358 20.59 26.22 18.48
N ASP C 359 20.61 24.89 18.60
CA ASP C 359 19.39 24.09 18.78
C ASP C 359 19.02 23.86 20.25
N GLU C 360 19.74 24.49 21.17
CA GLU C 360 19.45 24.26 22.58
C GLU C 360 18.07 24.72 23.06
N ALA C 361 17.50 25.75 22.44
CA ALA C 361 16.18 26.20 22.84
C ALA C 361 15.12 25.24 22.28
N ILE C 362 15.38 24.68 21.10
CA ILE C 362 14.45 23.72 20.50
C ILE C 362 14.36 22.49 21.44
N VAL C 363 15.50 22.06 21.95
CA VAL C 363 15.51 20.91 22.85
C VAL C 363 14.72 21.25 24.11
N ALA C 364 14.84 22.48 24.60
CA ALA C 364 14.08 22.87 25.78
C ALA C 364 12.58 22.80 25.46
N TRP C 365 12.23 23.18 24.24
CA TRP C 365 10.83 23.13 23.81
C TRP C 365 10.34 21.68 23.77
N ARG C 366 11.18 20.78 23.27
CA ARG C 366 10.80 19.37 23.18
C ARG C 366 10.48 18.83 24.57
N LYS C 367 11.29 19.23 25.55
CA LYS C 367 11.11 18.80 26.94
C LYS C 367 9.84 19.40 27.53
N LEU C 368 9.61 20.68 27.28
CA LEU C 368 8.41 21.35 27.79
C LEU C 368 7.16 20.76 27.16
N ALA C 369 7.19 20.54 25.86
CA ALA C 369 6.06 19.97 25.15
C ALA C 369 5.76 18.57 25.72
N SER C 370 6.82 17.82 26.00
CA SER C 370 6.68 16.47 26.54
C SER C 370 6.00 16.48 27.91
N GLU C 371 6.40 17.44 28.75
CA GLU C 371 5.86 17.55 30.10
C GLU C 371 4.49 18.20 30.23
N HIS C 372 4.24 19.26 29.46
CA HIS C 372 2.99 19.99 29.60
C HIS C 372 1.88 19.80 28.57
N ASN C 373 2.05 18.88 27.63
CA ASN C 373 1.01 18.68 26.62
C ASN C 373 -0.21 18.09 27.33
N GLN C 374 -1.39 18.27 26.76
CA GLN C 374 -2.59 17.76 27.41
C GLN C 374 -3.11 16.42 26.86
N GLY C 375 -2.26 15.71 26.11
CA GLY C 375 -2.67 14.43 25.57
C GLY C 375 -2.08 14.10 24.21
N ILE C 376 -1.69 12.85 24.02
CA ILE C 376 -1.12 12.41 22.75
C ILE C 376 -2.25 11.85 21.89
N GLN C 377 -2.51 12.47 20.75
CA GLN C 377 -3.56 12.03 19.83
C GLN C 377 -3.05 10.73 19.19
N THR C 378 -3.94 9.75 19.05
CA THR C 378 -3.56 8.47 18.45
C THR C 378 -4.55 8.07 17.35
N GLN C 379 -4.16 7.09 16.56
CA GLN C 379 -4.98 6.60 15.47
C GLN C 379 -6.28 5.99 16.03
N ALA C 380 -6.23 5.58 17.28
CA ALA C 380 -7.39 5.00 17.95
C ALA C 380 -8.44 6.09 18.14
N HIS C 381 -7.99 7.30 18.45
CA HIS C 381 -8.91 8.43 18.62
C HIS C 381 -9.60 8.68 17.29
N VAL C 382 -8.86 8.50 16.20
CA VAL C 382 -9.40 8.73 14.87
C VAL C 382 -10.40 7.66 14.43
N SER C 383 -10.04 6.39 14.61
CA SER C 383 -10.93 5.30 14.20
C SER C 383 -12.00 4.94 15.22
N GLY C 384 -11.67 5.10 16.50
CA GLY C 384 -12.61 4.79 17.56
C GLY C 384 -11.86 4.12 18.69
N LEU C 385 -11.93 4.70 19.88
CA LEU C 385 -11.21 4.14 21.02
C LEU C 385 -11.63 2.69 21.27
N GLU C 386 -10.67 1.88 21.70
CA GLU C 386 -10.92 0.46 21.95
C GLU C 386 -10.56 0.06 23.39
N HIS C 387 -11.30 -0.90 23.92
CA HIS C 387 -11.07 -1.37 25.29
C HIS C 387 -11.82 -2.66 25.59
N HIS C 388 -11.17 -3.56 26.32
CA HIS C 388 -11.74 -4.86 26.71
C HIS C 388 -11.96 -4.92 28.22
N HIS C 389 -13.10 -5.44 28.64
CA HIS C 389 -13.40 -5.54 30.07
C HIS C 389 -12.47 -6.56 30.73
N ILE D 4 20.15 -56.23 -13.86
CA ILE D 4 19.63 -54.85 -14.05
C ILE D 4 20.18 -53.90 -12.99
N TRP D 5 20.45 -54.45 -11.81
CA TRP D 5 20.97 -53.68 -10.69
C TRP D 5 22.42 -53.26 -10.90
N LEU D 6 22.89 -52.38 -10.03
CA LEU D 6 24.26 -51.90 -10.06
C LEU D 6 24.68 -51.55 -8.64
N LYS D 7 25.87 -52.01 -8.24
CA LYS D 7 26.36 -51.75 -6.88
C LYS D 7 26.58 -50.27 -6.60
N VAL D 8 25.81 -49.75 -5.65
CA VAL D 8 25.90 -48.36 -5.24
C VAL D 8 27.14 -48.22 -4.36
N CYS D 9 27.18 -49.02 -3.31
CA CYS D 9 28.29 -49.01 -2.36
C CYS D 9 28.02 -50.04 -1.27
N ALA D 10 28.99 -50.25 -0.39
CA ALA D 10 28.83 -51.19 0.71
C ALA D 10 27.91 -50.53 1.74
N ALA D 11 26.96 -51.28 2.26
CA ALA D 11 26.02 -50.76 3.25
C ALA D 11 26.78 -50.12 4.41
N SER D 12 28.07 -50.44 4.52
CA SER D 12 28.92 -49.91 5.57
C SER D 12 29.36 -48.48 5.29
N ASP D 13 29.46 -48.14 4.00
CA ASP D 13 29.88 -46.80 3.61
C ASP D 13 28.89 -45.69 3.99
N MET D 14 27.60 -46.00 3.97
CA MET D 14 26.59 -45.01 4.31
C MET D 14 26.15 -45.06 5.76
N GLN D 15 26.32 -43.94 6.45
CA GLN D 15 25.91 -43.82 7.85
C GLN D 15 24.43 -43.45 7.88
N PRO D 16 23.69 -43.94 8.89
CA PRO D 16 22.27 -43.62 9.00
C PRO D 16 21.98 -42.12 8.85
N GLY D 17 21.04 -41.79 7.98
CA GLY D 17 20.67 -40.39 7.77
C GLY D 17 21.52 -39.65 6.75
N THR D 18 22.25 -40.38 5.91
CA THR D 18 23.10 -39.75 4.91
C THR D 18 22.59 -40.01 3.49
N ILE D 19 23.01 -39.16 2.56
CA ILE D 19 22.62 -39.26 1.16
C ILE D 19 23.82 -39.59 0.28
N ARG D 20 23.56 -40.23 -0.85
CA ARG D 20 24.63 -40.59 -1.78
C ARG D 20 24.13 -40.49 -3.23
N ARG D 21 24.85 -39.74 -4.05
CA ARG D 21 24.49 -39.58 -5.44
C ARG D 21 25.01 -40.73 -6.29
N VAL D 22 24.16 -41.24 -7.17
CA VAL D 22 24.52 -42.34 -8.04
C VAL D 22 24.41 -41.94 -9.51
N ASN D 23 25.54 -41.84 -10.18
CA ASN D 23 25.56 -41.47 -11.59
C ASN D 23 25.40 -42.71 -12.45
N ARG D 24 24.63 -42.57 -13.53
CA ARG D 24 24.38 -43.68 -14.45
C ARG D 24 24.73 -43.25 -15.88
N VAL D 25 25.55 -44.06 -16.55
CA VAL D 25 25.96 -43.76 -17.91
C VAL D 25 24.79 -43.56 -18.87
N GLY D 26 24.77 -42.42 -19.54
CA GLY D 26 23.70 -42.11 -20.48
C GLY D 26 22.33 -42.09 -19.85
N ALA D 27 22.28 -41.91 -18.53
CA ALA D 27 21.01 -41.88 -17.80
C ALA D 27 21.02 -40.79 -16.73
N ALA D 28 19.83 -40.34 -16.33
CA ALA D 28 19.72 -39.31 -15.31
C ALA D 28 20.24 -39.85 -13.98
N PRO D 29 20.78 -38.96 -13.13
CA PRO D 29 21.31 -39.36 -11.83
C PRO D 29 20.24 -39.80 -10.84
N LEU D 30 20.62 -40.66 -9.90
CA LEU D 30 19.71 -41.15 -8.87
C LEU D 30 20.30 -40.77 -7.52
N ALA D 31 19.45 -40.73 -6.51
CA ALA D 31 19.89 -40.39 -5.16
C ALA D 31 19.51 -41.55 -4.24
N VAL D 32 20.46 -41.99 -3.44
CA VAL D 32 20.24 -43.09 -2.51
C VAL D 32 20.35 -42.57 -1.09
N TYR D 33 19.30 -42.76 -0.30
CA TYR D 33 19.29 -42.31 1.08
C TYR D 33 19.20 -43.51 2.02
N ARG D 34 19.84 -43.38 3.18
CA ARG D 34 19.79 -44.46 4.17
C ARG D 34 19.08 -43.96 5.42
N VAL D 35 17.85 -44.40 5.61
CA VAL D 35 17.07 -44.00 6.78
C VAL D 35 17.16 -45.15 7.78
N GLY D 36 17.94 -44.94 8.85
CA GLY D 36 18.10 -45.97 9.85
C GLY D 36 19.03 -47.04 9.31
N ASP D 37 18.45 -48.16 8.91
CA ASP D 37 19.22 -49.27 8.35
C ASP D 37 18.60 -49.75 7.04
N GLN D 38 17.66 -48.96 6.54
CA GLN D 38 16.99 -49.30 5.28
C GLN D 38 17.42 -48.31 4.20
N PHE D 39 17.40 -48.76 2.95
CA PHE D 39 17.81 -47.92 1.83
C PHE D 39 16.65 -47.58 0.88
N TYR D 40 16.69 -46.36 0.34
CA TYR D 40 15.68 -45.89 -0.59
C TYR D 40 16.34 -45.15 -1.73
N ALA D 41 15.69 -45.10 -2.89
CA ALA D 41 16.25 -44.42 -4.04
C ALA D 41 15.19 -43.71 -4.87
N THR D 42 15.54 -42.51 -5.34
CA THR D 42 14.64 -41.70 -6.15
C THR D 42 15.50 -40.97 -7.18
N GLU D 43 14.86 -40.25 -8.08
CA GLU D 43 15.63 -39.48 -9.07
C GLU D 43 16.41 -38.50 -8.21
N ASP D 44 17.55 -38.04 -8.71
CA ASP D 44 18.34 -37.08 -7.96
C ASP D 44 17.88 -35.65 -8.25
N THR D 45 17.33 -35.44 -9.44
CA THR D 45 16.89 -34.10 -9.83
C THR D 45 15.51 -33.75 -9.27
N CYS D 46 15.44 -32.61 -8.60
CA CYS D 46 14.18 -32.15 -8.02
C CYS D 46 13.16 -31.88 -9.13
N THR D 47 11.93 -32.35 -8.93
CA THR D 47 10.89 -32.16 -9.95
C THR D 47 10.47 -30.69 -10.12
N HIS D 48 10.73 -29.87 -9.11
CA HIS D 48 10.37 -28.45 -9.16
C HIS D 48 11.41 -27.59 -9.88
N GLY D 49 12.55 -28.19 -10.24
CA GLY D 49 13.57 -27.41 -10.92
C GLY D 49 14.71 -28.23 -11.48
N ILE D 50 15.94 -27.78 -11.20
CA ILE D 50 17.12 -28.47 -11.70
C ILE D 50 18.14 -28.76 -10.60
N ALA D 51 17.69 -28.70 -9.36
CA ALA D 51 18.56 -28.95 -8.22
C ALA D 51 18.84 -30.44 -8.01
N SER D 52 19.93 -30.72 -7.31
CA SER D 52 20.34 -32.08 -6.98
C SER D 52 19.95 -32.35 -5.54
N LEU D 53 19.00 -33.26 -5.34
CA LEU D 53 18.53 -33.58 -4.00
C LEU D 53 19.61 -34.21 -3.14
N SER D 54 20.62 -34.80 -3.77
CA SER D 54 21.71 -35.43 -3.02
C SER D 54 22.54 -34.36 -2.31
N GLU D 55 22.30 -33.10 -2.65
CA GLU D 55 23.00 -31.98 -2.03
C GLU D 55 22.06 -31.30 -1.04
N GLY D 56 20.92 -31.94 -0.78
CA GLY D 56 19.95 -31.38 0.14
C GLY D 56 20.13 -31.86 1.57
N THR D 57 19.06 -31.74 2.36
CA THR D 57 19.09 -32.16 3.76
C THR D 57 18.03 -33.22 4.03
N LEU D 58 18.49 -34.36 4.56
CA LEU D 58 17.60 -35.47 4.88
C LEU D 58 17.23 -35.49 6.36
N ASP D 59 15.94 -35.39 6.63
CA ASP D 59 15.41 -35.42 8.00
C ASP D 59 14.38 -36.52 8.09
N GLY D 60 14.78 -37.67 8.62
CA GLY D 60 13.88 -38.80 8.73
C GLY D 60 13.77 -39.44 7.36
N ASP D 61 12.56 -39.51 6.80
CA ASP D 61 12.36 -40.07 5.48
C ASP D 61 11.98 -38.96 4.51
N VAL D 62 12.30 -37.73 4.88
CA VAL D 62 11.98 -36.55 4.07
C VAL D 62 13.26 -35.83 3.62
N ILE D 63 13.42 -35.67 2.32
CA ILE D 63 14.59 -34.99 1.77
C ILE D 63 14.21 -33.57 1.36
N GLU D 64 14.98 -32.59 1.82
CA GLU D 64 14.72 -31.20 1.49
C GLU D 64 15.64 -30.68 0.38
N CYS D 65 15.04 -30.07 -0.63
CA CYS D 65 15.78 -29.51 -1.76
C CYS D 65 16.54 -28.26 -1.33
N PRO D 66 17.84 -28.17 -1.70
CA PRO D 66 18.68 -27.03 -1.35
C PRO D 66 18.36 -25.72 -2.06
N PHE D 67 17.60 -25.80 -3.16
CA PHE D 67 17.25 -24.62 -3.93
C PHE D 67 16.16 -23.74 -3.34
N HIS D 68 14.95 -24.28 -3.21
CA HIS D 68 13.83 -23.50 -2.69
C HIS D 68 13.17 -24.03 -1.41
N GLY D 69 13.71 -25.11 -0.85
CA GLY D 69 13.14 -25.63 0.37
C GLY D 69 12.05 -26.67 0.19
N GLY D 70 11.74 -27.03 -1.05
CA GLY D 70 10.73 -28.04 -1.29
C GLY D 70 11.20 -29.34 -0.67
N ALA D 71 10.29 -30.29 -0.50
CA ALA D 71 10.66 -31.57 0.11
C ALA D 71 9.90 -32.75 -0.50
N PHE D 72 10.47 -33.95 -0.34
CA PHE D 72 9.88 -35.18 -0.86
C PHE D 72 10.05 -36.31 0.16
N ASN D 73 9.07 -37.21 0.18
CA ASN D 73 9.16 -38.37 1.07
C ASN D 73 10.02 -39.34 0.25
N VAL D 74 11.16 -39.73 0.79
CA VAL D 74 12.08 -40.63 0.08
C VAL D 74 11.53 -42.04 -0.16
N CYS D 75 10.52 -42.44 0.61
CA CYS D 75 9.93 -43.77 0.47
C CYS D 75 8.89 -43.83 -0.64
N THR D 76 7.99 -42.84 -0.66
CA THR D 76 6.93 -42.80 -1.66
C THR D 76 7.29 -41.87 -2.82
N GLY D 77 8.22 -40.96 -2.57
CA GLY D 77 8.63 -40.01 -3.59
C GLY D 77 7.62 -38.88 -3.71
N MET D 78 6.62 -38.88 -2.84
CA MET D 78 5.59 -37.85 -2.87
C MET D 78 6.06 -36.52 -2.26
N PRO D 79 5.57 -35.40 -2.80
CA PRO D 79 5.94 -34.08 -2.30
C PRO D 79 5.62 -33.99 -0.80
N ALA D 80 6.48 -33.33 -0.04
CA ALA D 80 6.28 -33.20 1.39
C ALA D 80 6.23 -31.73 1.83
N SER D 81 6.63 -30.84 0.93
CA SER D 81 6.61 -29.41 1.22
C SER D 81 6.62 -28.60 -0.07
N SER D 82 5.89 -27.49 -0.08
CA SER D 82 5.85 -26.63 -1.26
C SER D 82 7.26 -26.06 -1.41
N PRO D 83 7.62 -25.57 -2.62
CA PRO D 83 6.78 -25.51 -3.82
C PRO D 83 6.65 -26.80 -4.64
N CYS D 84 7.15 -27.93 -4.11
CA CYS D 84 7.08 -29.19 -4.85
C CYS D 84 5.66 -29.78 -4.92
N THR D 85 5.26 -30.18 -6.13
CA THR D 85 3.93 -30.77 -6.35
C THR D 85 3.97 -32.01 -7.24
N VAL D 86 5.04 -32.17 -8.01
CA VAL D 86 5.18 -33.31 -8.90
C VAL D 86 5.94 -34.45 -8.23
N PRO D 87 5.29 -35.63 -8.10
CA PRO D 87 5.91 -36.79 -7.48
C PRO D 87 7.25 -37.20 -8.08
N LEU D 88 8.15 -37.61 -7.19
CA LEU D 88 9.50 -38.02 -7.55
C LEU D 88 9.49 -39.51 -7.94
N GLY D 89 10.29 -39.87 -8.96
CA GLY D 89 10.37 -41.25 -9.36
C GLY D 89 11.13 -42.06 -8.33
N VAL D 90 10.62 -43.24 -7.98
CA VAL D 90 11.29 -44.10 -7.01
C VAL D 90 11.86 -45.34 -7.70
N PHE D 91 13.02 -45.78 -7.25
CA PHE D 91 13.68 -46.94 -7.86
C PHE D 91 13.86 -48.13 -6.91
N GLU D 92 13.96 -49.31 -7.52
CA GLU D 92 14.14 -50.56 -6.78
C GLU D 92 15.48 -50.59 -6.06
N VAL D 93 15.45 -50.84 -4.76
CA VAL D 93 16.67 -50.91 -3.96
C VAL D 93 16.72 -52.24 -3.20
N GLU D 94 17.91 -52.80 -3.06
CA GLU D 94 18.05 -54.06 -2.34
C GLU D 94 19.49 -54.35 -1.93
N VAL D 95 19.66 -54.82 -0.70
CA VAL D 95 20.98 -55.15 -0.17
C VAL D 95 21.21 -56.65 -0.30
N LYS D 96 22.29 -57.01 -0.99
CA LYS D 96 22.64 -58.41 -1.20
C LYS D 96 24.07 -58.70 -0.77
N GLU D 97 24.21 -59.26 0.43
CA GLU D 97 25.51 -59.60 1.00
C GLU D 97 26.31 -58.35 1.36
N GLY D 98 25.69 -57.49 2.18
CA GLY D 98 26.35 -56.27 2.61
C GLY D 98 26.42 -55.17 1.57
N GLU D 99 26.34 -55.54 0.29
CA GLU D 99 26.39 -54.57 -0.80
C GLU D 99 25.02 -53.94 -1.07
N VAL D 100 25.05 -52.68 -1.50
CA VAL D 100 23.82 -51.96 -1.82
C VAL D 100 23.61 -51.93 -3.33
N TYR D 101 22.41 -52.28 -3.77
CA TYR D 101 22.10 -52.31 -5.20
C TYR D 101 20.81 -51.57 -5.54
N VAL D 102 20.79 -50.97 -6.73
CA VAL D 102 19.63 -50.24 -7.21
C VAL D 102 19.34 -50.68 -8.65
N ALA D 103 18.07 -50.68 -9.03
CA ALA D 103 17.70 -51.10 -10.38
C ALA D 103 16.89 -50.05 -11.13
N GLY D 104 15.92 -50.51 -11.92
CA GLY D 104 15.07 -49.61 -12.68
C GLY D 104 13.95 -49.01 -11.85
N GLU D 105 13.24 -48.07 -12.44
CA GLU D 105 12.12 -47.40 -11.76
C GLU D 105 10.92 -48.32 -11.58
N LYS D 106 10.40 -48.35 -10.35
CA LYS D 106 9.25 -49.19 -10.03
C LYS D 106 7.93 -48.51 -10.42
N GLN E 3 -49.40 -5.42 35.44
CA GLN E 3 -48.51 -4.95 34.33
C GLN E 3 -47.24 -4.31 34.88
N ILE E 4 -47.25 -3.99 36.17
CA ILE E 4 -46.09 -3.37 36.80
C ILE E 4 -44.96 -4.39 36.82
N TRP E 5 -45.28 -5.62 37.21
CA TRP E 5 -44.29 -6.69 37.25
C TRP E 5 -44.70 -7.76 36.25
N LEU E 6 -43.74 -8.27 35.49
CA LEU E 6 -44.03 -9.30 34.50
C LEU E 6 -43.47 -10.64 34.96
N LYS E 7 -44.31 -11.66 34.99
CA LYS E 7 -43.91 -13.00 35.39
C LYS E 7 -43.02 -13.58 34.31
N VAL E 8 -41.78 -13.91 34.67
CA VAL E 8 -40.83 -14.46 33.71
C VAL E 8 -40.86 -15.99 33.67
N CYS E 9 -40.52 -16.60 34.80
CA CYS E 9 -40.50 -18.05 34.91
C CYS E 9 -40.05 -18.44 36.32
N ALA E 10 -39.99 -19.74 36.57
CA ALA E 10 -39.55 -20.24 37.87
C ALA E 10 -38.05 -20.06 37.96
N ALA E 11 -37.57 -19.71 39.16
CA ALA E 11 -36.14 -19.50 39.36
C ALA E 11 -35.36 -20.76 38.96
N SER E 12 -35.96 -21.92 39.17
CA SER E 12 -35.31 -23.18 38.84
C SER E 12 -35.20 -23.40 37.33
N ASP E 13 -36.07 -22.74 36.57
CA ASP E 13 -36.06 -22.87 35.11
C ASP E 13 -34.75 -22.41 34.47
N MET E 14 -34.06 -21.49 35.13
CA MET E 14 -32.80 -20.98 34.62
C MET E 14 -31.59 -21.50 35.37
N GLN E 15 -30.59 -21.95 34.63
CA GLN E 15 -29.35 -22.44 35.24
C GLN E 15 -28.46 -21.22 35.45
N PRO E 16 -27.55 -21.29 36.44
CA PRO E 16 -26.66 -20.16 36.69
C PRO E 16 -25.83 -19.82 35.44
N GLY E 17 -25.71 -18.55 35.14
CA GLY E 17 -24.94 -18.13 33.99
C GLY E 17 -25.65 -18.22 32.65
N THR E 18 -26.98 -18.29 32.67
CA THR E 18 -27.74 -18.35 31.43
C THR E 18 -28.53 -17.07 31.21
N ILE E 19 -29.07 -16.90 30.02
CA ILE E 19 -29.83 -15.71 29.68
C ILE E 19 -31.16 -16.10 29.06
N ARG E 20 -32.20 -15.35 29.39
CA ARG E 20 -33.52 -15.62 28.85
C ARG E 20 -34.15 -14.35 28.30
N ARG E 21 -34.61 -14.41 27.04
CA ARG E 21 -35.24 -13.27 26.40
C ARG E 21 -36.71 -13.20 26.79
N VAL E 22 -37.18 -11.99 27.10
CA VAL E 22 -38.57 -11.79 27.50
C VAL E 22 -39.28 -10.87 26.50
N ASN E 23 -40.10 -11.45 25.65
CA ASN E 23 -40.83 -10.66 24.65
C ASN E 23 -42.04 -9.99 25.25
N ARG E 24 -42.27 -8.75 24.86
CA ARG E 24 -43.40 -7.97 25.36
C ARG E 24 -44.14 -7.35 24.20
N VAL E 25 -45.44 -7.61 24.12
CA VAL E 25 -46.26 -7.05 23.05
C VAL E 25 -46.33 -5.54 23.24
N GLY E 26 -46.05 -4.81 22.16
CA GLY E 26 -46.08 -3.35 22.21
C GLY E 26 -44.85 -2.71 22.81
N ALA E 27 -43.89 -3.54 23.23
CA ALA E 27 -42.66 -3.03 23.82
C ALA E 27 -41.43 -3.77 23.30
N ALA E 28 -40.25 -3.26 23.64
CA ALA E 28 -39.00 -3.86 23.23
C ALA E 28 -38.70 -5.04 24.16
N PRO E 29 -38.07 -6.09 23.63
CA PRO E 29 -37.73 -7.27 24.43
C PRO E 29 -36.74 -7.00 25.54
N LEU E 30 -36.83 -7.79 26.60
CA LEU E 30 -35.92 -7.65 27.73
C LEU E 30 -35.07 -8.91 27.80
N ALA E 31 -33.97 -8.83 28.54
CA ALA E 31 -33.10 -9.97 28.72
C ALA E 31 -32.91 -10.14 30.21
N VAL E 32 -33.20 -11.34 30.71
CA VAL E 32 -33.04 -11.62 32.12
C VAL E 32 -31.82 -12.52 32.28
N TYR E 33 -30.90 -12.14 33.15
CA TYR E 33 -29.71 -12.93 33.35
C TYR E 33 -29.69 -13.51 34.75
N ARG E 34 -29.19 -14.74 34.86
CA ARG E 34 -29.07 -15.38 36.16
C ARG E 34 -27.58 -15.52 36.45
N VAL E 35 -27.08 -14.68 37.34
CA VAL E 35 -25.69 -14.72 37.73
C VAL E 35 -25.64 -15.42 39.08
N GLY E 36 -25.29 -16.70 39.07
CA GLY E 36 -25.25 -17.46 40.29
C GLY E 36 -26.67 -17.71 40.77
N ASP E 37 -27.03 -17.10 41.89
CA ASP E 37 -28.37 -17.27 42.45
C ASP E 37 -29.18 -15.98 42.31
N GLN E 38 -28.56 -14.94 41.76
CA GLN E 38 -29.21 -13.64 41.58
C GLN E 38 -29.71 -13.44 40.16
N PHE E 39 -30.76 -12.64 40.00
CA PHE E 39 -31.31 -12.36 38.68
C PHE E 39 -31.26 -10.86 38.37
N TYR E 40 -30.94 -10.55 37.12
CA TYR E 40 -30.85 -9.17 36.67
C TYR E 40 -31.54 -9.04 35.31
N ALA E 41 -31.93 -7.83 34.95
CA ALA E 41 -32.59 -7.60 33.67
C ALA E 41 -32.19 -6.27 33.04
N THR E 42 -32.07 -6.28 31.72
CA THR E 42 -31.72 -5.09 30.95
C THR E 42 -32.52 -5.17 29.65
N GLU E 43 -32.39 -4.15 28.81
CA GLU E 43 -33.07 -4.21 27.53
C GLU E 43 -32.36 -5.38 26.86
N ASP E 44 -32.99 -6.02 25.89
CA ASP E 44 -32.35 -7.14 25.21
C ASP E 44 -31.53 -6.67 24.01
N THR E 45 -31.89 -5.52 23.48
CA THR E 45 -31.20 -5.00 22.31
C THR E 45 -29.91 -4.25 22.65
N CYS E 46 -28.79 -4.69 22.08
CA CYS E 46 -27.51 -4.03 22.33
C CYS E 46 -27.65 -2.55 21.94
N THR E 47 -27.19 -1.64 22.80
CA THR E 47 -27.33 -0.22 22.49
C THR E 47 -26.49 0.23 21.31
N HIS E 48 -25.54 -0.60 20.88
CA HIS E 48 -24.67 -0.27 19.76
C HIS E 48 -25.24 -0.69 18.40
N GLY E 49 -26.35 -1.42 18.41
CA GLY E 49 -26.93 -1.84 17.14
C GLY E 49 -28.32 -2.44 17.21
N ILE E 50 -28.45 -3.66 16.68
CA ILE E 50 -29.74 -4.34 16.67
C ILE E 50 -29.61 -5.78 17.13
N ALA E 51 -28.47 -6.12 17.71
CA ALA E 51 -28.23 -7.48 18.19
C ALA E 51 -29.04 -7.80 19.44
N SER E 52 -29.26 -9.09 19.67
CA SER E 52 -29.98 -9.55 20.85
C SER E 52 -28.95 -10.04 21.87
N LEU E 53 -28.88 -9.36 23.01
CA LEU E 53 -27.92 -9.74 24.03
C LEU E 53 -28.18 -11.14 24.59
N SER E 54 -29.43 -11.58 24.53
CA SER E 54 -29.79 -12.90 25.01
C SER E 54 -29.11 -13.98 24.16
N GLU E 55 -28.65 -13.58 22.97
CA GLU E 55 -27.97 -14.51 22.07
C GLU E 55 -26.45 -14.35 22.22
N GLY E 56 -26.04 -13.63 23.26
CA GLY E 56 -24.63 -13.41 23.50
C GLY E 56 -24.02 -14.32 24.54
N THR E 57 -22.79 -13.99 24.97
CA THR E 57 -22.08 -14.78 25.94
C THR E 57 -22.00 -14.08 27.29
N LEU E 58 -22.48 -14.76 28.33
CA LEU E 58 -22.47 -14.21 29.67
C LEU E 58 -21.26 -14.71 30.47
N ASP E 59 -20.40 -13.79 30.88
CA ASP E 59 -19.21 -14.13 31.66
C ASP E 59 -19.27 -13.36 32.98
N GLY E 60 -19.69 -14.04 34.04
CA GLY E 60 -19.80 -13.37 35.32
C GLY E 60 -21.01 -12.46 35.22
N ASP E 61 -20.83 -11.17 35.51
CA ASP E 61 -21.95 -10.23 35.43
C ASP E 61 -21.82 -9.36 34.19
N VAL E 62 -21.01 -9.80 33.23
CA VAL E 62 -20.81 -9.06 31.99
C VAL E 62 -21.36 -9.81 30.79
N ILE E 63 -22.24 -9.17 30.04
CA ILE E 63 -22.83 -9.78 28.85
C ILE E 63 -22.11 -9.25 27.61
N GLU E 64 -21.56 -10.17 26.82
CA GLU E 64 -20.83 -9.81 25.61
C GLU E 64 -21.74 -9.94 24.40
N CYS E 65 -21.86 -8.86 23.62
CA CYS E 65 -22.69 -8.86 22.43
C CYS E 65 -22.11 -9.76 21.35
N PRO E 66 -22.97 -10.52 20.66
CA PRO E 66 -22.55 -11.45 19.60
C PRO E 66 -22.21 -10.80 18.25
N PHE E 67 -22.62 -9.55 18.07
CA PHE E 67 -22.35 -8.84 16.82
C PHE E 67 -20.94 -8.29 16.67
N HIS E 68 -20.52 -7.42 17.60
CA HIS E 68 -19.21 -6.79 17.52
C HIS E 68 -18.29 -7.00 18.72
N GLY E 69 -18.77 -7.72 19.73
CA GLY E 69 -17.94 -7.96 20.89
C GLY E 69 -18.01 -6.88 21.95
N GLY E 70 -18.96 -5.97 21.81
CA GLY E 70 -19.10 -4.94 22.82
C GLY E 70 -19.65 -5.67 24.03
N ALA E 71 -19.64 -5.05 25.19
CA ALA E 71 -20.14 -5.71 26.41
C ALA E 71 -20.65 -4.74 27.47
N PHE E 72 -21.51 -5.25 28.35
CA PHE E 72 -22.08 -4.44 29.42
C PHE E 72 -22.13 -5.20 30.74
N ASN E 73 -22.23 -4.45 31.84
CA ASN E 73 -22.34 -5.06 33.16
C ASN E 73 -23.86 -5.20 33.34
N VAL E 74 -24.34 -6.43 33.49
CA VAL E 74 -25.77 -6.67 33.63
C VAL E 74 -26.42 -6.04 34.86
N CYS E 75 -25.62 -5.73 35.86
CA CYS E 75 -26.15 -5.14 37.09
C CYS E 75 -26.38 -3.63 36.95
N THR E 76 -25.38 -2.92 36.41
CA THR E 76 -25.45 -1.48 36.23
C THR E 76 -25.93 -1.05 34.85
N GLY E 77 -25.75 -1.94 33.86
CA GLY E 77 -26.15 -1.62 32.51
C GLY E 77 -25.12 -0.75 31.79
N MET E 78 -24.02 -0.46 32.47
CA MET E 78 -22.94 0.36 31.91
C MET E 78 -22.03 -0.40 30.95
N PRO E 79 -21.55 0.28 29.90
CA PRO E 79 -20.65 -0.34 28.91
C PRO E 79 -19.42 -0.92 29.60
N ALA E 80 -18.99 -2.10 29.17
CA ALA E 80 -17.83 -2.75 29.76
C ALA E 80 -16.73 -2.95 28.73
N SER E 81 -17.12 -2.96 27.46
CA SER E 81 -16.16 -3.12 26.36
C SER E 81 -16.62 -2.35 25.13
N SER E 82 -15.65 -1.79 24.41
CA SER E 82 -15.97 -1.04 23.20
C SER E 82 -16.48 -2.08 22.21
N PRO E 83 -17.19 -1.65 21.16
CA PRO E 83 -17.55 -0.27 20.82
C PRO E 83 -18.78 0.32 21.53
N CYS E 84 -19.33 -0.39 22.50
CA CYS E 84 -20.49 0.12 23.22
C CYS E 84 -20.17 1.37 24.03
N THR E 85 -21.08 2.34 24.01
CA THR E 85 -20.88 3.57 24.75
C THR E 85 -22.14 4.04 25.49
N VAL E 86 -23.30 3.61 25.00
CA VAL E 86 -24.58 3.98 25.60
C VAL E 86 -25.01 2.93 26.61
N PRO E 87 -25.30 3.34 27.86
CA PRO E 87 -25.71 2.36 28.87
C PRO E 87 -27.06 1.72 28.54
N LEU E 88 -27.24 0.49 28.98
CA LEU E 88 -28.48 -0.24 28.77
C LEU E 88 -29.49 0.18 29.81
N GLY E 89 -30.76 0.12 29.48
CA GLY E 89 -31.79 0.45 30.46
C GLY E 89 -31.85 -0.78 31.36
N VAL E 90 -32.01 -0.58 32.65
CA VAL E 90 -32.08 -1.70 33.58
C VAL E 90 -33.47 -1.85 34.16
N PHE E 91 -33.93 -3.09 34.26
CA PHE E 91 -35.25 -3.36 34.83
C PHE E 91 -35.11 -4.18 36.10
N GLU E 92 -35.77 -3.72 37.16
CA GLU E 92 -35.73 -4.39 38.46
C GLU E 92 -36.31 -5.80 38.34
N VAL E 93 -35.77 -6.73 39.12
CA VAL E 93 -36.25 -8.11 39.12
C VAL E 93 -36.47 -8.59 40.55
N GLU E 94 -37.53 -9.36 40.77
CA GLU E 94 -37.82 -9.87 42.11
C GLU E 94 -38.26 -11.32 42.06
N VAL E 95 -37.87 -12.08 43.08
CA VAL E 95 -38.24 -13.49 43.16
C VAL E 95 -39.22 -13.71 44.31
N LYS E 96 -40.45 -14.10 43.98
CA LYS E 96 -41.48 -14.37 44.98
C LYS E 96 -42.14 -15.71 44.65
N GLU E 97 -42.26 -16.56 45.67
CA GLU E 97 -42.86 -17.88 45.47
C GLU E 97 -41.96 -18.68 44.53
N GLY E 98 -40.67 -18.38 44.57
CA GLY E 98 -39.72 -19.05 43.71
C GLY E 98 -39.96 -18.68 42.26
N GLU E 99 -40.73 -17.61 42.05
CA GLU E 99 -41.04 -17.13 40.71
C GLU E 99 -40.27 -15.85 40.41
N VAL E 100 -39.84 -15.70 39.16
CA VAL E 100 -39.08 -14.51 38.76
C VAL E 100 -39.96 -13.46 38.09
N TYR E 101 -39.87 -12.23 38.57
CA TYR E 101 -40.64 -11.12 38.04
C TYR E 101 -39.71 -10.01 37.57
N VAL E 102 -40.07 -9.37 36.46
CA VAL E 102 -39.26 -8.26 35.94
C VAL E 102 -40.13 -7.03 35.73
N ALA E 103 -39.63 -5.89 36.18
CA ALA E 103 -40.34 -4.62 36.06
C ALA E 103 -40.77 -4.34 34.62
N GLY E 104 -41.94 -3.70 34.48
CA GLY E 104 -42.45 -3.36 33.17
C GLY E 104 -41.78 -2.09 32.66
N GLU E 105 -41.38 -1.24 33.59
CA GLU E 105 -40.73 0.03 33.28
C GLU E 105 -39.29 -0.04 33.76
N LYS E 106 -38.38 0.47 32.95
CA LYS E 106 -36.97 0.45 33.33
C LYS E 106 -36.71 1.43 34.46
N LYS E 107 -35.61 1.18 35.17
CA LYS E 107 -35.21 2.02 36.27
C LYS E 107 -35.00 3.44 35.76
N LEU E 108 -35.37 4.41 36.59
CA LEU E 108 -35.22 5.82 36.22
C LEU E 108 -33.95 6.35 36.88
N GLU E 109 -32.94 6.65 36.07
CA GLU E 109 -31.68 7.17 36.60
C GLU E 109 -31.12 8.26 35.69
FE FE2 F . 18.92 -9.95 -24.43
FE1 FES G . 22.07 21.35 6.90
FE2 FES G . 20.94 22.30 9.18
S1 FES G . 22.92 22.97 8.16
S2 FES G . 20.08 20.80 7.78
C9A 9CA H . 23.21 -12.61 -26.01
C1 9CA H . 23.20 -13.85 -26.63
C2 9CA H . 23.40 -13.94 -28.01
C3 9CA H . 23.60 -12.79 -28.76
C4 9CA H . 23.62 -11.55 -28.14
C4A 9CA H . 23.43 -11.46 -26.76
C4B 9CA H . 23.37 -10.39 -25.88
C5 9CA H . 23.51 -9.01 -26.04
C6 9CA H . 23.39 -8.17 -24.94
C7 9CA H . 23.15 -8.71 -23.67
C8 9CA H . 23.01 -10.08 -23.51
C8A 9CA H . 23.13 -10.93 -24.62
N9 9CA H . 23.04 -12.25 -24.74
FE FE2 I . -29.22 1.60 -4.94
FE1 FES J . 7.67 -18.04 -19.71
FE2 FES J . 10.41 -18.40 -19.24
S1 FES J . 9.01 -19.42 -20.77
S2 FES J . 9.06 -16.96 -18.19
C9A 9CA K . -32.68 -1.76 -4.20
C1 9CA K . -33.33 -1.72 -2.96
C2 9CA K . -34.59 -1.15 -2.86
C3 9CA K . -35.21 -0.63 -4.00
C4 9CA K . -34.57 -0.67 -5.23
C4A 9CA K . -33.31 -1.23 -5.33
C4B 9CA K . -32.43 -1.41 -6.38
C5 9CA K . -32.49 -1.07 -7.73
C6 9CA K . -31.40 -1.36 -8.57
C7 9CA K . -30.28 -1.98 -8.05
C8 9CA K . -30.22 -2.31 -6.70
C8A 9CA K . -31.29 -2.03 -5.87
N9 9CA K . -31.49 -2.22 -4.56
FE FE2 L . 11.84 30.70 8.14
FE1 FES M . -25.29 7.97 7.24
FE2 FES M . -26.46 5.52 6.78
S1 FES M . -27.44 7.25 7.48
S2 FES M . -24.28 6.25 6.45
C9A 9CA N . 12.54 33.32 13.04
C1 9CA N . 13.73 33.14 13.73
C2 9CA N . 14.62 34.21 13.87
C3 9CA N . 14.31 35.45 13.32
C4 9CA N . 13.12 35.62 12.62
C4A 9CA N . 12.23 34.56 12.48
C4B 9CA N . 10.99 34.42 11.88
C5 9CA N . 10.17 35.30 11.19
C6 9CA N . 8.93 34.88 10.71
C7 9CA N . 8.52 33.57 10.93
C8 9CA N . 9.34 32.69 11.62
C8A 9CA N . 10.58 33.11 12.10
N9 9CA N . 11.53 32.49 12.79
FE1 FES O . 12.68 -25.79 -6.39
FE2 FES O . 13.80 -28.19 -5.69
S1 FES O . 14.28 -26.91 -7.46
S2 FES O . 12.34 -26.97 -4.50
FE1 FES P . -23.66 -4.97 19.98
FE2 FES P . -22.29 -3.68 18.03
S1 FES P . -24.49 -4.48 18.12
S2 FES P . -21.50 -4.36 19.90
#